data_9EFZ
#
_entry.id   9EFZ
#
_cell.length_a   1.00
_cell.length_b   1.00
_cell.length_c   1.00
_cell.angle_alpha   90.00
_cell.angle_beta   90.00
_cell.angle_gamma   90.00
#
_symmetry.space_group_name_H-M   'P 1'
#
loop_
_entity.id
_entity.type
_entity.pdbx_description
1 polymer 'Bestrophin 1'
2 non-polymer 'CALCIUM ION'
3 non-polymer 'CHLORIDE ION'
4 non-polymer 'GAMMA-AMINO-BUTANOIC ACID'
5 water water
#
_entity_poly.entity_id   1
_entity_poly.type   'polypeptide(L)'
_entity_poly.pdbx_seq_one_letter_code
;TVTYTNRVADARLGTFSQLLLQWKGSIYKLLYSEFLIFISLYFAISLVYRLILSESQRLMFEKLALYCNSYAELIPVSFV
LGFYVSLVVSRWWAQYESIPWPDRIMNLVSCNVDGEDEYGRLLRRTLMRYSNLCSVLILRSVSTAVYKRFPSMEHVVRAG
LMTPEEHKKFESLNSPHNKFWIPCVWFSNLAVKARNEGRIRDSVLLQGILNELNTLRSQCGRLYGYDWISIPLVYTQVVT
VAVYSFFLACLIGRQFLDPEKAYPGHELDLFVPVFTFLQFFFYAGWLKVAEQLINPFGEDDDDFETNWLIDRNLQVSLMA
VDEMHQDLPILEKDLYWNEPDPQEGEEF
;
_entity_poly.pdbx_strand_id   A,B,C,D,E
#
loop_
_chem_comp.id
_chem_comp.type
_chem_comp.name
_chem_comp.formula
ABU non-polymer 'GAMMA-AMINO-BUTANOIC ACID' 'C4 H9 N O2'
CA non-polymer 'CALCIUM ION' 'Ca 2'
CL non-polymer 'CHLORIDE ION' 'Cl -1'
#
# COMPACT_ATOMS: atom_id res chain seq x y z
N THR A 1 19.67 6.75 -15.16
CA THR A 1 19.63 5.57 -14.32
C THR A 1 20.85 4.70 -14.56
N VAL A 2 21.44 4.22 -13.47
CA VAL A 2 22.57 3.31 -13.55
C VAL A 2 22.08 1.91 -13.21
N THR A 3 21.73 1.14 -14.24
CA THR A 3 21.20 -0.19 -14.01
C THR A 3 22.33 -1.18 -13.76
N TYR A 4 22.12 -2.03 -12.75
CA TYR A 4 23.08 -3.08 -12.42
C TYR A 4 22.38 -4.40 -12.10
N THR A 5 21.15 -4.59 -12.58
CA THR A 5 20.36 -5.75 -12.20
C THR A 5 21.03 -7.05 -12.65
N ASN A 6 21.58 -7.06 -13.86
CA ASN A 6 22.20 -8.27 -14.37
C ASN A 6 23.42 -8.67 -13.55
N ARG A 7 24.11 -7.70 -12.95
CA ARG A 7 25.29 -8.02 -12.16
C ARG A 7 24.97 -8.65 -10.81
N VAL A 8 23.73 -8.54 -10.33
CA VAL A 8 23.39 -9.07 -9.00
C VAL A 8 22.31 -10.16 -9.12
N ALA A 9 22.28 -10.84 -10.26
CA ALA A 9 21.29 -11.89 -10.47
C ALA A 9 21.39 -13.00 -9.41
N ASP A 10 22.62 -13.41 -9.09
CA ASP A 10 22.88 -14.52 -8.17
C ASP A 10 23.56 -13.99 -6.92
N ALA A 11 23.16 -14.52 -5.77
CA ALA A 11 23.77 -14.18 -4.50
C ALA A 11 25.04 -15.00 -4.32
N ARG A 12 26.19 -14.33 -4.37
CA ARG A 12 27.48 -14.98 -4.24
C ARG A 12 28.25 -14.28 -3.12
N LEU A 13 29.49 -14.74 -2.90
CA LEU A 13 30.37 -14.08 -1.95
C LEU A 13 30.70 -12.66 -2.42
N GLY A 14 30.20 -11.66 -1.72
CA GLY A 14 30.52 -10.30 -2.10
C GLY A 14 29.86 -9.81 -3.38
N THR A 15 28.61 -10.21 -3.62
CA THR A 15 27.95 -9.77 -4.84
C THR A 15 27.66 -8.28 -4.83
N PHE A 16 27.64 -7.65 -3.66
CA PHE A 16 27.52 -6.20 -3.57
C PHE A 16 28.88 -5.51 -3.43
N SER A 17 29.96 -6.26 -3.15
CA SER A 17 31.25 -5.63 -2.88
C SER A 17 31.86 -5.04 -4.15
N GLN A 18 31.61 -5.66 -5.31
CA GLN A 18 32.07 -5.09 -6.58
C GLN A 18 31.42 -3.74 -6.83
N LEU A 19 30.13 -3.62 -6.51
CA LEU A 19 29.41 -2.38 -6.74
C LEU A 19 30.00 -1.21 -5.95
N LEU A 20 30.77 -1.49 -4.90
CA LEU A 20 31.42 -0.44 -4.14
C LEU A 20 32.51 0.27 -4.93
N LEU A 21 33.04 -0.38 -5.98
CA LEU A 21 34.12 0.21 -6.75
C LEU A 21 33.62 1.17 -7.84
N GLN A 22 32.31 1.24 -8.06
CA GLN A 22 31.76 2.05 -9.13
C GLN A 22 31.64 3.49 -8.67
N TRP A 23 31.94 4.43 -9.57
CA TRP A 23 31.89 5.85 -9.29
C TRP A 23 30.64 6.53 -9.84
N LYS A 24 30.19 6.14 -11.03
CA LYS A 24 28.99 6.72 -11.62
C LYS A 24 27.76 6.29 -10.82
N GLY A 25 26.96 7.27 -10.40
CA GLY A 25 25.77 6.96 -9.61
C GLY A 25 26.07 6.47 -8.22
N SER A 26 27.23 6.80 -7.68
CA SER A 26 27.68 6.27 -6.40
C SER A 26 27.38 7.28 -5.29
N ILE A 27 27.40 6.79 -4.05
CA ILE A 27 27.23 7.66 -2.89
C ILE A 27 28.43 8.58 -2.73
N TYR A 28 29.62 8.12 -3.12
CA TYR A 28 30.82 8.94 -3.01
C TYR A 28 30.71 10.20 -3.85
N LYS A 29 30.22 10.06 -5.08
CA LYS A 29 30.10 11.21 -5.97
C LYS A 29 29.05 12.19 -5.46
N LEU A 30 27.98 11.71 -4.84
CA LEU A 30 26.96 12.61 -4.31
C LEU A 30 27.43 13.32 -3.04
N LEU A 31 28.22 12.65 -2.22
CA LEU A 31 28.55 13.13 -0.89
C LEU A 31 29.95 13.75 -0.81
N TYR A 32 30.67 13.81 -1.92
CA TYR A 32 32.06 14.31 -1.94
C TYR A 32 32.21 15.68 -1.27
N SER A 33 31.43 16.66 -1.74
CA SER A 33 31.65 18.04 -1.29
C SER A 33 31.25 18.21 0.19
N GLU A 34 30.09 17.68 0.57
CA GLU A 34 29.66 17.78 1.95
C GLU A 34 30.63 17.06 2.89
N PHE A 35 31.12 15.89 2.48
CA PHE A 35 32.07 15.15 3.30
C PHE A 35 33.36 15.94 3.47
N LEU A 36 33.83 16.57 2.38
CA LEU A 36 35.07 17.34 2.46
C LEU A 36 34.91 18.52 3.39
N ILE A 37 33.75 19.18 3.32
CA ILE A 37 33.50 20.35 4.16
C ILE A 37 33.46 19.94 5.62
N PHE A 38 32.75 18.84 5.91
CA PHE A 38 32.60 18.37 7.28
C PHE A 38 33.95 17.96 7.86
N ILE A 39 34.75 17.24 7.07
CA ILE A 39 36.06 16.78 7.54
C ILE A 39 36.99 17.97 7.78
N SER A 40 36.98 18.94 6.87
CA SER A 40 37.83 20.11 7.04
C SER A 40 37.43 20.91 8.27
N LEU A 41 36.13 21.07 8.52
CA LEU A 41 35.69 21.80 9.69
C LEU A 41 36.09 21.08 10.98
N TYR A 42 35.97 19.75 10.98
CA TYR A 42 36.33 18.99 12.17
C TYR A 42 37.82 19.13 12.46
N PHE A 43 38.66 19.04 11.43
CA PHE A 43 40.10 19.08 11.67
C PHE A 43 40.56 20.50 11.97
N ALA A 44 39.90 21.52 11.42
CA ALA A 44 40.23 22.89 11.82
C ALA A 44 39.92 23.13 13.29
N ILE A 45 38.78 22.63 13.76
CA ILE A 45 38.42 22.80 15.16
C ILE A 45 39.35 21.99 16.05
N SER A 46 39.77 20.81 15.57
CA SER A 46 40.73 20.02 16.32
C SER A 46 42.07 20.72 16.43
N LEU A 47 42.51 21.37 15.34
CA LEU A 47 43.78 22.08 15.42
C LEU A 47 43.69 23.29 16.34
N VAL A 48 42.56 23.99 16.32
CA VAL A 48 42.37 25.11 17.24
C VAL A 48 42.45 24.63 18.68
N TYR A 49 41.80 23.48 18.97
CA TYR A 49 41.80 23.00 20.34
C TYR A 49 43.16 22.49 20.76
N ARG A 50 43.89 21.89 19.83
CA ARG A 50 45.16 21.28 20.17
C ARG A 50 46.32 22.27 20.25
N LEU A 51 46.31 23.32 19.45
CA LEU A 51 47.47 24.19 19.33
C LEU A 51 47.23 25.63 19.76
N ILE A 52 46.02 26.15 19.61
CA ILE A 52 45.77 27.58 19.83
C ILE A 52 45.27 27.85 21.25
N LEU A 53 44.31 27.08 21.72
CA LEU A 53 43.68 27.37 23.00
C LEU A 53 44.64 27.13 24.16
N SER A 54 44.51 27.97 25.17
CA SER A 54 45.29 27.86 26.40
C SER A 54 44.60 26.88 27.34
N GLU A 55 45.08 26.80 28.58
CA GLU A 55 44.56 25.81 29.52
C GLU A 55 43.11 26.07 29.88
N SER A 56 42.81 27.31 30.30
CA SER A 56 41.44 27.65 30.66
C SER A 56 40.52 27.50 29.44
N GLN A 57 41.01 27.91 28.27
CA GLN A 57 40.16 27.83 27.09
C GLN A 57 39.93 26.37 26.69
N ARG A 58 40.95 25.53 26.88
CA ARG A 58 40.79 24.10 26.62
C ARG A 58 39.78 23.49 27.59
N LEU A 59 39.78 23.93 28.85
CA LEU A 59 38.81 23.41 29.82
C LEU A 59 37.39 23.81 29.44
N MET A 60 37.22 25.08 29.05
CA MET A 60 35.91 25.54 28.59
C MET A 60 35.46 24.75 27.35
N PHE A 61 36.38 24.52 26.42
CA PHE A 61 36.03 23.76 25.21
C PHE A 61 35.66 22.32 25.55
N GLU A 62 36.36 21.72 26.52
CA GLU A 62 36.04 20.36 26.93
C GLU A 62 34.65 20.29 27.55
N LYS A 63 34.30 21.26 28.39
CA LYS A 63 32.95 21.28 28.95
C LYS A 63 31.90 21.43 27.86
N LEU A 64 32.15 22.33 26.90
CA LEU A 64 31.20 22.52 25.80
C LEU A 64 31.07 21.26 24.96
N ALA A 65 32.15 20.51 24.82
CA ALA A 65 32.10 19.33 23.96
C ALA A 65 31.35 18.22 24.65
N LEU A 66 31.55 18.07 25.96
CA LEU A 66 30.74 17.10 26.71
C LEU A 66 29.26 17.47 26.64
N TYR A 67 28.95 18.77 26.80
CA TYR A 67 27.56 19.23 26.72
C TYR A 67 26.95 18.91 25.36
N CYS A 68 27.65 19.26 24.29
CA CYS A 68 27.12 19.03 22.94
C CYS A 68 26.96 17.55 22.65
N ASN A 69 27.94 16.73 23.04
CA ASN A 69 27.84 15.29 22.76
C ASN A 69 26.69 14.66 23.55
N SER A 70 26.45 15.12 24.77
CA SER A 70 25.35 14.56 25.54
C SER A 70 24.01 14.99 24.99
N TYR A 71 23.85 16.27 24.66
CA TYR A 71 22.51 16.77 24.31
C TYR A 71 22.23 16.77 22.81
N ALA A 72 23.17 16.32 21.97
CA ALA A 72 22.84 16.21 20.55
C ALA A 72 21.93 15.04 20.25
N GLU A 73 21.72 14.14 21.21
CA GLU A 73 20.79 13.04 21.01
C GLU A 73 19.33 13.46 21.13
N LEU A 74 19.07 14.67 21.62
CA LEU A 74 17.71 15.21 21.62
C LEU A 74 17.19 15.48 20.22
N ILE A 75 18.09 15.64 19.24
CA ILE A 75 17.73 15.84 17.84
C ILE A 75 17.28 14.51 17.26
N PRO A 76 16.00 14.36 16.89
CA PRO A 76 15.52 13.07 16.35
C PRO A 76 15.82 12.89 14.86
N VAL A 77 17.09 12.66 14.56
CA VAL A 77 17.55 12.58 13.18
C VAL A 77 16.92 11.39 12.48
N SER A 78 16.94 10.21 13.12
CA SER A 78 16.44 9.06 12.38
C SER A 78 14.92 9.11 12.24
N PHE A 79 14.24 9.65 13.25
CA PHE A 79 12.78 9.79 13.22
C PHE A 79 12.33 10.59 11.99
N VAL A 80 12.89 11.78 11.79
CA VAL A 80 12.46 12.59 10.66
C VAL A 80 13.01 12.03 9.35
N LEU A 81 14.24 11.51 9.38
CA LEU A 81 14.90 11.11 8.14
C LEU A 81 14.24 9.88 7.53
N GLY A 82 13.81 8.92 8.36
CA GLY A 82 13.16 7.74 7.86
C GLY A 82 11.82 8.04 7.21
N PHE A 83 11.02 8.90 7.84
CA PHE A 83 9.75 9.32 7.24
C PHE A 83 9.97 10.03 5.91
N TYR A 84 10.94 10.95 5.88
CA TYR A 84 11.15 11.75 4.70
C TYR A 84 11.60 10.87 3.54
N VAL A 85 12.51 9.93 3.84
CA VAL A 85 13.03 9.04 2.81
C VAL A 85 11.94 8.08 2.31
N SER A 86 11.10 7.57 3.21
CA SER A 86 10.01 6.69 2.77
C SER A 86 9.07 7.43 1.82
N LEU A 87 8.72 8.67 2.16
CA LEU A 87 7.86 9.46 1.28
C LEU A 87 8.54 9.69 -0.08
N VAL A 88 9.83 10.05 -0.08
CA VAL A 88 10.55 10.31 -1.32
C VAL A 88 10.57 9.06 -2.21
N VAL A 89 10.78 7.90 -1.60
CA VAL A 89 10.97 6.66 -2.35
C VAL A 89 9.64 6.19 -2.94
N SER A 90 8.57 6.27 -2.17
CA SER A 90 7.26 5.92 -2.70
C SER A 90 6.90 6.83 -3.87
N ARG A 91 7.15 8.13 -3.73
CA ARG A 91 6.86 9.05 -4.83
C ARG A 91 7.76 8.78 -6.03
N TRP A 92 9.00 8.37 -5.79
CA TRP A 92 9.92 8.06 -6.89
C TRP A 92 9.40 6.92 -7.75
N TRP A 93 9.04 5.80 -7.13
CA TRP A 93 8.56 4.69 -7.94
C TRP A 93 7.22 5.01 -8.57
N ALA A 94 6.33 5.71 -7.84
CA ALA A 94 5.06 6.08 -8.45
C ALA A 94 5.25 6.99 -9.65
N GLN A 95 6.25 7.86 -9.62
CA GLN A 95 6.52 8.72 -10.76
C GLN A 95 7.05 7.93 -11.94
N TYR A 96 7.88 6.92 -11.67
CA TYR A 96 8.31 6.10 -12.81
C TYR A 96 7.11 5.42 -13.44
N GLU A 97 6.20 4.88 -12.62
CA GLU A 97 5.07 4.14 -13.16
C GLU A 97 4.08 5.03 -13.90
N SER A 98 4.15 6.35 -13.71
CA SER A 98 3.27 7.30 -14.38
C SER A 98 3.80 7.77 -15.73
N ILE A 99 5.01 7.37 -16.11
CA ILE A 99 5.55 7.79 -17.41
C ILE A 99 4.78 7.08 -18.52
N PRO A 100 4.22 7.81 -19.48
CA PRO A 100 3.37 7.17 -20.49
C PRO A 100 4.20 6.40 -21.52
N TRP A 101 3.70 5.21 -21.87
CA TRP A 101 4.23 4.40 -22.95
C TRP A 101 3.18 4.30 -24.07
N PRO A 102 3.60 4.35 -25.32
CA PRO A 102 2.66 4.32 -26.45
C PRO A 102 2.29 2.93 -26.95
N ASP A 103 2.76 1.87 -26.29
CA ASP A 103 2.65 0.51 -26.81
C ASP A 103 1.19 0.05 -26.88
N ARG A 104 0.42 0.24 -25.81
CA ARG A 104 -1.00 -0.11 -25.81
C ARG A 104 -1.77 0.62 -26.90
N ILE A 105 -1.47 1.92 -27.09
CA ILE A 105 -2.12 2.70 -28.14
C ILE A 105 -1.71 2.20 -29.51
N MET A 106 -0.41 1.96 -29.71
CA MET A 106 0.09 1.62 -31.04
C MET A 106 -0.37 0.23 -31.46
N ASN A 107 -0.58 -0.69 -30.51
CA ASN A 107 -1.12 -2.00 -30.87
C ASN A 107 -2.49 -1.87 -31.51
N LEU A 108 -3.34 -0.97 -30.98
CA LEU A 108 -4.66 -0.81 -31.55
C LEU A 108 -4.64 0.02 -32.84
N VAL A 109 -3.78 1.05 -32.88
CA VAL A 109 -3.73 1.91 -34.06
C VAL A 109 -3.16 1.15 -35.26
N SER A 110 -2.14 0.34 -35.05
CA SER A 110 -1.54 -0.45 -36.13
C SER A 110 -2.53 -1.42 -36.75
N CYS A 111 -3.46 -1.98 -35.97
CA CYS A 111 -4.30 -3.04 -36.50
C CYS A 111 -5.72 -2.59 -36.83
N ASN A 112 -6.20 -1.49 -36.27
CA ASN A 112 -7.60 -1.11 -36.43
C ASN A 112 -7.81 0.13 -37.30
N VAL A 113 -6.75 0.83 -37.70
CA VAL A 113 -6.88 1.95 -38.62
C VAL A 113 -6.44 1.42 -39.98
N ASP A 114 -7.42 1.15 -40.85
CA ASP A 114 -7.21 0.47 -42.12
C ASP A 114 -6.64 1.38 -43.21
N GLY A 115 -6.18 0.74 -44.27
CA GLY A 115 -5.63 1.45 -45.42
C GLY A 115 -4.14 1.34 -45.61
N GLU A 116 -3.70 0.67 -46.67
CA GLU A 116 -2.29 0.60 -47.01
C GLU A 116 -1.84 1.76 -47.92
N ASP A 117 -2.75 2.67 -48.26
CA ASP A 117 -2.46 3.78 -49.15
C ASP A 117 -1.79 4.91 -48.38
N GLU A 118 -1.60 6.06 -49.03
CA GLU A 118 -0.93 7.17 -48.38
C GLU A 118 -1.77 7.73 -47.23
N TYR A 119 -3.10 7.76 -47.39
CA TYR A 119 -3.95 8.38 -46.38
C TYR A 119 -4.00 7.54 -45.10
N GLY A 120 -4.05 6.21 -45.24
CA GLY A 120 -4.02 5.35 -44.06
C GLY A 120 -2.71 5.48 -43.29
N ARG A 121 -1.60 5.53 -44.02
CA ARG A 121 -0.31 5.72 -43.36
C ARG A 121 -0.26 7.07 -42.66
N LEU A 122 -0.75 8.12 -43.33
CA LEU A 122 -0.78 9.44 -42.72
C LEU A 122 -1.62 9.45 -41.45
N LEU A 123 -2.77 8.78 -41.47
CA LEU A 123 -3.65 8.75 -40.30
C LEU A 123 -2.96 8.04 -39.14
N ARG A 124 -2.41 6.86 -39.39
CA ARG A 124 -1.77 6.11 -38.31
C ARG A 124 -0.58 6.87 -37.72
N ARG A 125 0.25 7.44 -38.61
CA ARG A 125 1.43 8.16 -38.17
C ARG A 125 1.05 9.40 -37.39
N THR A 126 0.00 10.11 -37.83
CA THR A 126 -0.43 11.33 -37.16
C THR A 126 -1.03 11.01 -35.78
N LEU A 127 -1.80 9.93 -35.67
CA LEU A 127 -2.33 9.56 -34.36
C LEU A 127 -1.21 9.23 -33.38
N MET A 128 -0.25 8.43 -33.83
CA MET A 128 0.89 8.11 -32.95
C MET A 128 1.66 9.37 -32.59
N ARG A 129 1.85 10.27 -33.55
CA ARG A 129 2.57 11.51 -33.28
C ARG A 129 1.84 12.39 -32.29
N TYR A 130 0.50 12.40 -32.33
CA TYR A 130 -0.26 13.17 -31.36
C TYR A 130 -0.09 12.61 -29.95
N SER A 131 -0.15 11.28 -29.81
CA SER A 131 -0.02 10.69 -28.49
C SER A 131 1.39 10.93 -27.94
N ASN A 132 2.40 10.70 -28.78
CA ASN A 132 3.77 10.99 -28.38
C ASN A 132 3.95 12.47 -28.06
N LEU A 133 3.24 13.36 -28.76
CA LEU A 133 3.38 14.79 -28.53
C LEU A 133 2.82 15.18 -27.17
N CYS A 134 1.69 14.58 -26.78
CA CYS A 134 1.18 14.81 -25.43
C CYS A 134 2.21 14.38 -24.39
N SER A 135 2.80 13.19 -24.59
CA SER A 135 3.81 12.72 -23.63
C SER A 135 5.00 13.67 -23.58
N VAL A 136 5.47 14.13 -24.75
CA VAL A 136 6.62 15.05 -24.82
C VAL A 136 6.30 16.36 -24.12
N LEU A 137 5.10 16.88 -24.32
CA LEU A 137 4.73 18.15 -23.73
C LEU A 137 4.73 18.08 -22.21
N ILE A 138 4.09 17.04 -21.66
CA ILE A 138 4.06 16.93 -20.21
C ILE A 138 5.46 16.67 -19.65
N LEU A 139 6.27 15.89 -20.39
CA LEU A 139 7.62 15.58 -19.91
C LEU A 139 8.48 16.83 -19.88
N ARG A 140 8.41 17.67 -20.91
CA ARG A 140 9.19 18.91 -20.88
C ARG A 140 8.62 19.90 -19.87
N SER A 141 7.35 19.73 -19.47
CA SER A 141 6.85 20.50 -18.34
C SER A 141 7.45 20.03 -17.02
N VAL A 142 7.73 18.73 -16.89
CA VAL A 142 8.06 18.16 -15.58
C VAL A 142 9.53 17.77 -15.47
N SER A 143 10.29 17.83 -16.55
CA SER A 143 11.66 17.33 -16.58
C SER A 143 12.59 18.41 -17.10
N THR A 144 13.64 18.72 -16.32
CA THR A 144 14.61 19.72 -16.76
C THR A 144 15.45 19.20 -17.92
N ALA A 145 15.69 17.89 -17.97
CA ALA A 145 16.45 17.33 -19.08
C ALA A 145 15.71 17.51 -20.40
N VAL A 146 14.42 17.17 -20.40
CA VAL A 146 13.61 17.29 -21.62
C VAL A 146 13.44 18.76 -21.98
N TYR A 147 13.31 19.62 -20.97
CA TYR A 147 13.14 21.05 -21.22
C TYR A 147 14.41 21.65 -21.82
N LYS A 148 15.57 21.18 -21.37
CA LYS A 148 16.82 21.66 -21.94
C LYS A 148 17.01 21.13 -23.36
N ARG A 149 16.47 19.93 -23.63
CA ARG A 149 16.47 19.41 -25.00
C ARG A 149 15.54 20.22 -25.90
N PHE A 150 14.37 20.58 -25.39
CA PHE A 150 13.36 21.35 -26.13
C PHE A 150 13.05 22.63 -25.37
N PRO A 151 13.90 23.65 -25.49
CA PRO A 151 13.65 24.88 -24.72
C PRO A 151 12.46 25.70 -25.23
N SER A 152 12.01 25.50 -26.47
CA SER A 152 10.82 26.15 -26.98
C SER A 152 10.12 25.17 -27.91
N MET A 153 8.91 25.54 -28.32
CA MET A 153 8.14 24.70 -29.23
C MET A 153 8.78 24.60 -30.61
N GLU A 154 9.58 25.59 -31.00
CA GLU A 154 10.31 25.51 -32.26
C GLU A 154 11.28 24.32 -32.26
N HIS A 155 11.89 24.04 -31.10
CA HIS A 155 12.74 22.86 -30.99
C HIS A 155 11.93 21.58 -31.16
N VAL A 156 10.69 21.57 -30.66
CA VAL A 156 9.82 20.42 -30.84
C VAL A 156 9.45 20.24 -32.31
N VAL A 157 9.29 21.35 -33.02
CA VAL A 157 8.98 21.27 -34.45
C VAL A 157 10.18 20.77 -35.24
N ARG A 158 11.38 21.26 -34.90
CA ARG A 158 12.59 20.88 -35.61
C ARG A 158 12.96 19.42 -35.37
N ALA A 159 12.45 18.81 -34.31
CA ALA A 159 12.71 17.41 -34.03
C ALA A 159 11.70 16.48 -34.67
N GLY A 160 10.79 17.00 -35.48
CA GLY A 160 9.75 16.22 -36.13
C GLY A 160 8.62 15.74 -35.25
N LEU A 161 8.60 16.13 -33.98
CA LEU A 161 7.48 15.75 -33.12
C LEU A 161 6.23 16.55 -33.43
N MET A 162 6.37 17.73 -34.03
CA MET A 162 5.22 18.57 -34.33
C MET A 162 5.47 19.25 -35.67
N THR A 163 4.46 19.27 -36.55
CA THR A 163 4.61 19.93 -37.85
C THR A 163 4.42 21.42 -37.68
N PRO A 164 4.85 22.24 -38.66
CA PRO A 164 4.65 23.68 -38.50
C PRO A 164 3.18 24.08 -38.51
N GLU A 165 2.35 23.36 -39.27
CA GLU A 165 0.91 23.62 -39.24
C GLU A 165 0.34 23.32 -37.86
N GLU A 166 0.75 22.20 -37.26
CA GLU A 166 0.30 21.88 -35.92
C GLU A 166 0.81 22.90 -34.92
N HIS A 167 1.99 23.47 -35.16
CA HIS A 167 2.49 24.51 -34.26
C HIS A 167 1.66 25.78 -34.37
N LYS A 168 1.24 26.13 -35.59
CA LYS A 168 0.40 27.31 -35.76
C LYS A 168 -0.96 27.11 -35.13
N LYS A 169 -1.55 25.92 -35.31
CA LYS A 169 -2.82 25.63 -34.65
C LYS A 169 -2.69 25.61 -33.13
N PHE A 170 -1.58 25.05 -32.64
CA PHE A 170 -1.32 24.98 -31.21
C PHE A 170 -1.23 26.37 -30.61
N GLU A 171 -0.54 27.29 -31.29
CA GLU A 171 -0.39 28.64 -30.78
C GLU A 171 -1.66 29.47 -30.97
N SER A 172 -2.50 29.13 -31.95
CA SER A 172 -3.73 29.89 -32.14
C SER A 172 -4.72 29.64 -31.00
N LEU A 173 -4.68 28.46 -30.38
CA LEU A 173 -5.55 28.16 -29.24
C LEU A 173 -5.05 28.91 -28.01
N ASN A 174 -5.92 29.74 -27.44
CA ASN A 174 -5.53 30.65 -26.37
C ASN A 174 -5.92 30.05 -25.02
N SER A 175 -4.92 29.85 -24.16
CA SER A 175 -5.13 29.28 -22.84
C SER A 175 -4.04 29.74 -21.88
N PRO A 176 -4.40 30.27 -20.71
CA PRO A 176 -3.39 30.75 -19.76
C PRO A 176 -2.83 29.60 -18.92
N HIS A 177 -3.08 28.36 -19.34
CA HIS A 177 -2.67 27.18 -18.59
C HIS A 177 -1.80 26.27 -19.46
N ASN A 178 -1.25 25.23 -18.84
CA ASN A 178 -0.39 24.30 -19.56
C ASN A 178 -1.18 23.60 -20.67
N LYS A 179 -0.60 23.55 -21.87
CA LYS A 179 -1.30 23.08 -23.05
C LYS A 179 -0.93 21.65 -23.45
N PHE A 180 -0.49 20.84 -22.48
CA PHE A 180 -0.09 19.48 -22.81
C PHE A 180 -1.28 18.60 -23.23
N TRP A 181 -2.50 19.01 -22.87
CA TRP A 181 -3.70 18.23 -23.15
C TRP A 181 -4.23 18.41 -24.56
N ILE A 182 -3.75 19.42 -25.30
CA ILE A 182 -4.21 19.68 -26.66
C ILE A 182 -4.08 18.46 -27.57
N PRO A 183 -2.94 17.80 -27.67
CA PRO A 183 -2.83 16.68 -28.61
C PRO A 183 -3.74 15.51 -28.28
N CYS A 184 -4.20 15.38 -27.03
CA CYS A 184 -5.17 14.32 -26.74
C CYS A 184 -6.53 14.63 -27.38
N VAL A 185 -6.96 15.89 -27.31
CA VAL A 185 -8.20 16.29 -27.99
C VAL A 185 -8.03 16.11 -29.49
N TRP A 186 -6.85 16.45 -30.00
CA TRP A 186 -6.59 16.27 -31.43
C TRP A 186 -6.67 14.80 -31.81
N PHE A 187 -6.09 13.92 -30.96
CA PHE A 187 -6.14 12.49 -31.19
C PHE A 187 -7.58 11.98 -31.22
N SER A 188 -8.39 12.36 -30.23
CA SER A 188 -9.77 11.85 -30.20
C SER A 188 -10.55 12.33 -31.41
N ASN A 189 -10.38 13.59 -31.80
CA ASN A 189 -11.11 14.11 -32.95
C ASN A 189 -10.62 13.46 -34.25
N LEU A 190 -9.32 13.21 -34.38
CA LEU A 190 -8.82 12.53 -35.56
C LEU A 190 -9.29 11.09 -35.63
N ALA A 191 -9.33 10.41 -34.48
CA ALA A 191 -9.83 9.05 -34.47
C ALA A 191 -11.30 8.99 -34.89
N VAL A 192 -12.10 9.94 -34.41
CA VAL A 192 -13.50 9.96 -34.83
C VAL A 192 -13.60 10.28 -36.31
N LYS A 193 -12.72 11.15 -36.81
CA LYS A 193 -12.73 11.49 -38.23
C LYS A 193 -12.37 10.27 -39.08
N ALA A 194 -11.39 9.49 -38.61
CA ALA A 194 -11.02 8.25 -39.30
C ALA A 194 -12.18 7.27 -39.31
N ARG A 195 -12.93 7.22 -38.21
CA ARG A 195 -14.08 6.33 -38.11
C ARG A 195 -15.17 6.77 -39.07
N ASN A 196 -15.38 8.07 -39.17
CA ASN A 196 -16.45 8.60 -40.03
C ASN A 196 -16.12 8.46 -41.52
N GLU A 197 -14.84 8.30 -41.86
CA GLU A 197 -14.38 8.10 -43.22
C GLU A 197 -14.25 6.62 -43.59
N GLY A 198 -14.64 5.71 -42.69
CA GLY A 198 -14.56 4.30 -42.97
C GLY A 198 -13.25 3.63 -42.63
N ARG A 199 -12.29 4.37 -42.07
CA ARG A 199 -10.98 3.80 -41.77
C ARG A 199 -10.99 2.97 -40.50
N ILE A 200 -11.91 3.24 -39.59
CA ILE A 200 -12.12 2.42 -38.40
C ILE A 200 -13.47 1.72 -38.58
N ARG A 201 -13.48 0.39 -38.42
CA ARG A 201 -14.63 -0.40 -38.87
C ARG A 201 -15.92 -0.02 -38.15
N ASP A 202 -15.87 0.16 -36.83
CA ASP A 202 -17.07 0.39 -36.05
C ASP A 202 -16.70 1.08 -34.75
N SER A 203 -17.73 1.33 -33.92
CA SER A 203 -17.53 2.18 -32.77
C SER A 203 -16.98 1.42 -31.57
N VAL A 204 -16.96 0.09 -31.62
CA VAL A 204 -16.33 -0.66 -30.53
C VAL A 204 -14.81 -0.52 -30.58
N LEU A 205 -14.25 -0.59 -31.77
CA LEU A 205 -12.82 -0.42 -31.97
C LEU A 205 -12.40 1.03 -31.74
N LEU A 206 -13.20 1.97 -32.25
CA LEU A 206 -13.00 3.39 -31.95
C LEU A 206 -13.00 3.65 -30.43
N GLN A 207 -13.94 3.04 -29.70
CA GLN A 207 -14.00 3.28 -28.27
C GLN A 207 -12.81 2.65 -27.55
N GLY A 208 -12.34 1.50 -28.03
CA GLY A 208 -11.13 0.92 -27.48
C GLY A 208 -9.93 1.84 -27.65
N ILE A 209 -9.79 2.43 -28.83
CA ILE A 209 -8.69 3.36 -29.06
C ILE A 209 -8.83 4.59 -28.16
N LEU A 210 -10.05 5.11 -28.00
CA LEU A 210 -10.26 6.27 -27.15
C LEU A 210 -9.99 5.95 -25.68
N ASN A 211 -10.33 4.73 -25.25
CA ASN A 211 -10.04 4.32 -23.89
C ASN A 211 -8.53 4.30 -23.65
N GLU A 212 -7.77 3.78 -24.61
CA GLU A 212 -6.32 3.78 -24.43
C GLU A 212 -5.78 5.21 -24.40
N LEU A 213 -6.42 6.10 -25.17
CA LEU A 213 -5.97 7.49 -25.18
C LEU A 213 -6.22 8.13 -23.83
N ASN A 214 -7.37 7.83 -23.23
CA ASN A 214 -7.68 8.38 -21.92
C ASN A 214 -6.79 7.79 -20.83
N THR A 215 -6.42 6.52 -20.97
CA THR A 215 -5.44 5.93 -20.05
C THR A 215 -4.11 6.69 -20.14
N LEU A 216 -3.68 7.00 -21.36
CA LEU A 216 -2.48 7.79 -21.57
C LEU A 216 -2.61 9.18 -20.92
N ARG A 217 -3.75 9.83 -21.13
CA ARG A 217 -4.01 11.12 -20.50
C ARG A 217 -3.87 11.02 -18.99
N SER A 218 -4.47 10.00 -18.37
CA SER A 218 -4.37 9.86 -16.92
C SER A 218 -2.91 9.71 -16.48
N GLN A 219 -2.10 8.99 -17.25
CA GLN A 219 -0.67 8.94 -16.92
C GLN A 219 -0.05 10.33 -16.92
N CYS A 220 -0.39 11.14 -17.93
CA CYS A 220 0.17 12.48 -18.04
C CYS A 220 -0.32 13.34 -16.87
N GLY A 221 -1.57 13.14 -16.46
CA GLY A 221 -2.10 13.86 -15.32
C GLY A 221 -1.41 13.48 -14.02
N ARG A 222 -1.04 12.21 -13.87
CA ARG A 222 -0.28 11.81 -12.68
C ARG A 222 1.10 12.45 -12.66
N LEU A 223 1.79 12.46 -13.80
CA LEU A 223 3.04 13.22 -13.91
C LEU A 223 2.85 14.68 -13.51
N TYR A 224 1.78 15.31 -14.01
CA TYR A 224 1.51 16.71 -13.69
C TYR A 224 1.26 16.88 -12.20
N GLY A 225 0.56 15.92 -11.58
CA GLY A 225 0.28 16.02 -10.17
C GLY A 225 1.51 15.89 -9.30
N TYR A 226 2.42 14.97 -9.66
CA TYR A 226 3.64 14.83 -8.87
C TYR A 226 4.56 16.03 -9.06
N ASP A 227 4.57 16.62 -10.26
CA ASP A 227 5.36 17.84 -10.46
C ASP A 227 4.78 19.02 -9.69
N TRP A 228 3.46 19.21 -9.78
CA TRP A 228 2.81 20.35 -9.16
C TRP A 228 2.83 20.23 -7.64
N ILE A 229 2.39 19.09 -7.13
CA ILE A 229 2.25 18.85 -5.69
C ILE A 229 3.57 18.25 -5.22
N SER A 230 4.51 19.11 -4.85
CA SER A 230 5.77 18.60 -4.35
C SER A 230 5.60 18.16 -2.90
N ILE A 231 6.59 17.44 -2.39
CA ILE A 231 6.65 17.16 -0.97
C ILE A 231 6.59 18.50 -0.22
N PRO A 232 5.75 18.62 0.81
CA PRO A 232 5.60 19.90 1.52
C PRO A 232 6.95 20.47 1.93
N LEU A 233 7.16 21.75 1.62
CA LEU A 233 8.43 22.40 1.88
C LEU A 233 8.83 22.31 3.35
N VAL A 234 7.84 22.28 4.23
CA VAL A 234 8.09 22.22 5.66
C VAL A 234 8.88 20.96 6.00
N TYR A 235 8.52 19.84 5.38
CA TYR A 235 9.23 18.59 5.63
C TYR A 235 10.68 18.67 5.17
N THR A 236 10.91 19.22 3.97
CA THR A 236 12.27 19.35 3.46
C THR A 236 13.12 20.23 4.37
N GLN A 237 12.56 21.35 4.82
CA GLN A 237 13.28 22.26 5.70
C GLN A 237 13.59 21.59 7.03
N VAL A 238 12.61 20.88 7.60
CA VAL A 238 12.82 20.25 8.90
C VAL A 238 13.90 19.18 8.82
N VAL A 239 13.90 18.38 7.74
CA VAL A 239 14.82 17.26 7.65
C VAL A 239 16.24 17.77 7.39
N THR A 240 16.39 18.81 6.56
CA THR A 240 17.74 19.33 6.35
C THR A 240 18.26 20.03 7.61
N VAL A 241 17.38 20.74 8.35
CA VAL A 241 17.77 21.34 9.62
C VAL A 241 18.20 20.27 10.61
N ALA A 242 17.51 19.13 10.63
CA ALA A 242 17.85 18.09 11.59
C ALA A 242 19.23 17.53 11.30
N VAL A 243 19.48 17.17 10.03
CA VAL A 243 20.79 16.62 9.69
C VAL A 243 21.90 17.63 9.95
N TYR A 244 21.69 18.87 9.49
CA TYR A 244 22.75 19.86 9.59
C TYR A 244 23.05 20.22 11.03
N SER A 245 22.01 20.38 11.86
CA SER A 245 22.23 20.72 13.26
C SER A 245 22.88 19.57 14.00
N PHE A 246 22.51 18.32 13.68
CA PHE A 246 23.14 17.20 14.36
C PHE A 246 24.63 17.14 14.06
N PHE A 247 25.03 17.40 12.82
CA PHE A 247 26.46 17.27 12.54
C PHE A 247 27.23 18.54 12.89
N LEU A 248 26.55 19.70 12.96
CA LEU A 248 27.18 20.88 13.53
C LEU A 248 27.45 20.67 15.01
N ALA A 249 26.54 20.01 15.72
CA ALA A 249 26.81 19.65 17.10
C ALA A 249 27.96 18.66 17.18
N CYS A 250 28.00 17.70 16.25
CA CYS A 250 29.06 16.69 16.27
C CYS A 250 30.44 17.31 16.00
N LEU A 251 30.49 18.46 15.35
CA LEU A 251 31.76 19.13 15.10
C LEU A 251 32.44 19.53 16.40
N ILE A 252 31.69 19.67 17.48
CA ILE A 252 32.24 19.96 18.80
C ILE A 252 32.21 18.76 19.72
N GLY A 253 31.09 18.04 19.75
CA GLY A 253 30.94 16.95 20.69
C GLY A 253 31.73 15.72 20.38
N ARG A 254 32.22 15.58 19.14
CA ARG A 254 32.97 14.40 18.76
C ARG A 254 34.46 14.65 18.64
N GLN A 255 34.94 15.78 19.16
CA GLN A 255 36.37 16.03 19.22
C GLN A 255 37.04 15.11 20.23
N PHE A 256 38.32 14.80 19.97
CA PHE A 256 39.10 13.96 20.87
C PHE A 256 39.61 14.82 22.02
N LEU A 257 38.97 14.69 23.18
CA LEU A 257 39.36 15.44 24.37
C LEU A 257 40.65 14.87 24.95
N ASP A 258 41.28 15.66 25.80
CA ASP A 258 42.54 15.31 26.43
C ASP A 258 42.38 14.06 27.29
N PRO A 259 43.09 12.96 26.99
CA PRO A 259 42.93 11.74 27.80
C PRO A 259 43.42 11.89 29.23
N GLU A 260 44.23 12.90 29.53
CA GLU A 260 44.69 13.09 30.90
C GLU A 260 43.57 13.55 31.82
N LYS A 261 42.54 14.20 31.27
CA LYS A 261 41.41 14.61 32.09
C LYS A 261 40.48 13.46 32.46
N ALA A 262 40.68 12.28 31.86
CA ALA A 262 39.94 11.06 32.20
C ALA A 262 38.43 11.25 32.04
N TYR A 263 38.03 11.98 31.01
CA TYR A 263 36.62 12.07 30.68
C TYR A 263 36.10 10.72 30.20
N PRO A 264 34.89 10.32 30.57
CA PRO A 264 34.38 9.01 30.14
C PRO A 264 34.12 9.03 28.65
N GLY A 265 34.73 8.08 27.93
CA GLY A 265 34.60 7.98 26.51
C GLY A 265 35.71 8.69 25.75
N HIS A 266 36.60 9.39 26.43
CA HIS A 266 37.72 10.08 25.82
C HIS A 266 39.06 9.56 26.33
N GLU A 267 39.14 8.24 26.51
CA GLU A 267 40.36 7.64 27.03
C GLU A 267 41.45 7.48 25.97
N LEU A 268 41.08 7.37 24.70
CA LEU A 268 42.00 7.09 23.61
C LEU A 268 41.88 8.19 22.56
N ASP A 269 43.02 8.78 22.17
CA ASP A 269 43.06 9.88 21.20
C ASP A 269 43.60 9.33 19.89
N LEU A 270 42.71 9.18 18.91
CA LEU A 270 43.06 8.63 17.60
C LEU A 270 43.10 9.68 16.50
N PHE A 271 42.81 10.94 16.86
CA PHE A 271 42.89 12.11 15.98
C PHE A 271 41.78 12.15 14.94
N VAL A 272 41.42 11.01 14.35
CA VAL A 272 40.40 10.93 13.32
C VAL A 272 39.18 10.22 13.91
N PRO A 273 38.01 10.85 13.95
CA PRO A 273 36.79 10.17 14.43
C PRO A 273 36.18 9.27 13.37
N VAL A 274 36.69 8.03 13.27
CA VAL A 274 36.29 7.14 12.19
C VAL A 274 34.80 6.86 12.27
N PHE A 275 34.29 6.65 13.48
CA PHE A 275 32.87 6.34 13.64
C PHE A 275 31.99 7.58 13.45
N THR A 276 32.49 8.76 13.80
CA THR A 276 31.73 9.98 13.50
C THR A 276 31.66 10.23 11.99
N PHE A 277 32.78 10.02 11.29
CA PHE A 277 32.78 10.17 9.85
C PHE A 277 31.90 9.11 9.20
N LEU A 278 31.86 7.90 9.78
CA LEU A 278 30.95 6.88 9.26
C LEU A 278 29.49 7.29 9.45
N GLN A 279 29.19 7.90 10.60
CA GLN A 279 27.83 8.27 10.92
C GLN A 279 27.39 9.41 10.00
N PHE A 280 28.31 10.32 9.70
CA PHE A 280 28.06 11.34 8.70
C PHE A 280 27.80 10.71 7.35
N PHE A 281 28.64 9.75 6.94
CA PHE A 281 28.44 9.04 5.69
C PHE A 281 27.02 8.51 5.59
N PHE A 282 26.56 7.79 6.61
CA PHE A 282 25.26 7.16 6.55
C PHE A 282 24.12 8.19 6.57
N TYR A 283 24.11 9.09 7.55
CA TYR A 283 22.96 10.01 7.67
C TYR A 283 22.98 11.06 6.56
N ALA A 284 24.10 11.77 6.39
CA ALA A 284 24.19 12.75 5.31
C ALA A 284 23.95 12.11 3.95
N GLY A 285 24.46 10.90 3.74
CA GLY A 285 24.25 10.23 2.48
C GLY A 285 22.78 9.89 2.30
N TRP A 286 22.12 9.45 3.36
CA TRP A 286 20.68 9.19 3.31
C TRP A 286 19.92 10.45 2.86
N LEU A 287 20.30 11.60 3.41
CA LEU A 287 19.70 12.86 2.98
C LEU A 287 20.03 13.17 1.51
N LYS A 288 21.27 12.96 1.10
CA LYS A 288 21.66 13.24 -0.27
C LYS A 288 20.91 12.36 -1.27
N VAL A 289 20.72 11.09 -0.93
CA VAL A 289 19.90 10.22 -1.79
C VAL A 289 18.49 10.77 -1.90
N ALA A 290 17.92 11.22 -0.78
CA ALA A 290 16.61 11.88 -0.86
C ALA A 290 16.68 13.11 -1.76
N GLU A 291 17.78 13.85 -1.71
CA GLU A 291 17.91 15.04 -2.55
C GLU A 291 17.95 14.68 -4.04
N GLN A 292 18.57 13.55 -4.36
CA GLN A 292 18.65 13.10 -5.75
C GLN A 292 17.33 12.52 -6.23
N LEU A 293 16.62 11.79 -5.38
CA LEU A 293 15.37 11.17 -5.79
C LEU A 293 14.15 12.08 -5.74
N ILE A 294 14.24 13.24 -5.09
CA ILE A 294 13.04 14.05 -4.88
C ILE A 294 12.47 14.53 -6.21
N ASN A 295 13.33 14.81 -7.20
CA ASN A 295 12.91 15.10 -8.56
C ASN A 295 13.68 14.14 -9.45
N PRO A 296 13.12 12.99 -9.81
CA PRO A 296 13.85 12.00 -10.61
C PRO A 296 13.85 12.29 -12.11
N PHE A 297 13.41 13.48 -12.51
CA PHE A 297 13.37 13.91 -13.91
C PHE A 297 14.44 14.95 -14.24
N GLY A 298 15.43 15.10 -13.38
CA GLY A 298 16.53 16.01 -13.62
C GLY A 298 17.66 15.38 -14.39
N GLU A 299 18.87 15.89 -14.18
CA GLU A 299 20.06 15.42 -14.86
C GLU A 299 21.04 14.70 -13.94
N ASP A 300 20.55 14.15 -12.83
CA ASP A 300 21.39 13.32 -11.98
C ASP A 300 21.74 12.01 -12.70
N ASP A 301 22.82 11.38 -12.24
CA ASP A 301 23.23 10.10 -12.83
C ASP A 301 22.15 9.04 -12.66
N ASP A 302 21.43 9.08 -11.54
CA ASP A 302 20.40 8.09 -11.24
C ASP A 302 19.00 8.55 -11.61
N ASP A 303 18.85 9.75 -12.16
CA ASP A 303 17.55 10.19 -12.62
C ASP A 303 17.09 9.40 -13.85
N PHE A 304 15.79 9.45 -14.12
CA PHE A 304 15.22 8.70 -15.23
C PHE A 304 15.77 9.18 -16.57
N GLU A 305 15.99 8.24 -17.49
CA GLU A 305 16.51 8.54 -18.83
C GLU A 305 15.35 8.95 -19.74
N THR A 306 14.88 10.18 -19.52
CA THR A 306 13.65 10.63 -20.18
C THR A 306 13.86 10.89 -21.67
N ASN A 307 14.99 11.49 -22.05
CA ASN A 307 15.25 11.75 -23.46
C ASN A 307 15.38 10.46 -24.25
N TRP A 308 16.06 9.46 -23.67
CA TRP A 308 16.16 8.15 -24.32
C TRP A 308 14.80 7.51 -24.49
N LEU A 309 13.94 7.62 -23.46
CA LEU A 309 12.60 7.05 -23.56
C LEU A 309 11.79 7.74 -24.65
N ILE A 310 11.96 9.06 -24.78
CA ILE A 310 11.28 9.81 -25.84
C ILE A 310 11.69 9.28 -27.20
N ASP A 311 12.99 9.12 -27.40
CA ASP A 311 13.52 8.61 -28.67
C ASP A 311 12.96 7.22 -28.98
N ARG A 312 13.05 6.32 -27.99
CA ARG A 312 12.56 4.95 -28.12
C ARG A 312 11.08 4.94 -28.48
N ASN A 313 10.27 5.70 -27.74
CA ASN A 313 8.82 5.70 -27.97
C ASN A 313 8.49 6.19 -29.37
N LEU A 314 9.13 7.28 -29.80
CA LEU A 314 8.86 7.80 -31.14
C LEU A 314 9.20 6.76 -32.21
N GLN A 315 10.41 6.22 -32.16
CA GLN A 315 10.84 5.28 -33.20
C GLN A 315 9.97 4.03 -33.20
N VAL A 316 9.69 3.49 -32.01
CA VAL A 316 8.91 2.25 -31.93
C VAL A 316 7.48 2.46 -32.40
N SER A 317 6.85 3.57 -32.00
CA SER A 317 5.48 3.83 -32.42
C SER A 317 5.40 3.97 -33.93
N LEU A 318 6.29 4.77 -34.53
CA LEU A 318 6.22 4.97 -35.97
C LEU A 318 6.47 3.68 -36.71
N MET A 319 7.39 2.84 -36.21
CA MET A 319 7.60 1.56 -36.87
C MET A 319 6.40 0.64 -36.70
N ALA A 320 5.77 0.65 -35.52
CA ALA A 320 4.67 -0.27 -35.25
C ALA A 320 3.48 0.00 -36.17
N VAL A 321 3.16 1.29 -36.38
CA VAL A 321 1.91 1.64 -37.05
C VAL A 321 2.11 1.88 -38.54
N ASP A 322 3.34 1.96 -39.02
CA ASP A 322 3.61 2.18 -40.44
C ASP A 322 4.28 0.98 -41.08
N GLU A 323 5.46 0.58 -40.60
CA GLU A 323 6.16 -0.53 -41.21
C GLU A 323 5.44 -1.85 -40.95
N MET A 324 4.85 -2.00 -39.77
CA MET A 324 4.23 -3.24 -39.34
C MET A 324 2.70 -3.18 -39.33
N HIS A 325 2.10 -2.39 -40.23
CA HIS A 325 0.65 -2.39 -40.39
C HIS A 325 0.28 -3.49 -41.38
N GLN A 326 -0.49 -4.48 -40.91
CA GLN A 326 -0.88 -5.64 -41.74
C GLN A 326 0.33 -6.24 -42.45
N ASP A 327 1.42 -6.43 -41.71
CA ASP A 327 2.67 -6.96 -42.27
C ASP A 327 3.10 -8.17 -41.44
N LEU A 328 2.47 -9.31 -41.69
CA LEU A 328 2.66 -10.47 -40.82
C LEU A 328 3.58 -11.50 -41.45
N PRO A 329 4.37 -12.20 -40.64
CA PRO A 329 5.14 -13.34 -41.18
C PRO A 329 4.22 -14.42 -41.71
N ILE A 330 4.76 -15.23 -42.63
CA ILE A 330 3.98 -16.30 -43.26
C ILE A 330 3.50 -17.28 -42.20
N LEU A 331 2.21 -17.60 -42.23
CA LEU A 331 1.67 -18.58 -41.30
C LEU A 331 2.19 -19.96 -41.65
N GLU A 332 2.77 -20.65 -40.67
CA GLU A 332 3.28 -21.98 -40.94
C GLU A 332 3.09 -22.84 -39.69
N LYS A 333 3.14 -24.16 -39.89
CA LYS A 333 3.03 -25.10 -38.79
C LYS A 333 4.24 -25.02 -37.87
N ASP A 334 4.00 -24.94 -36.57
CA ASP A 334 5.07 -24.84 -35.58
C ASP A 334 5.71 -26.21 -35.35
N LEU A 335 6.72 -26.23 -34.48
CA LEU A 335 7.47 -27.46 -34.22
C LEU A 335 6.60 -28.51 -33.53
N TYR A 336 5.72 -28.09 -32.64
CA TYR A 336 4.90 -29.01 -31.87
C TYR A 336 3.62 -29.42 -32.59
N TRP A 337 3.44 -29.01 -33.85
CA TRP A 337 2.22 -29.33 -34.58
C TRP A 337 2.06 -30.84 -34.69
N ASN A 338 0.82 -31.31 -34.52
CA ASN A 338 0.46 -32.70 -34.73
C ASN A 338 -0.65 -32.79 -35.76
N GLU A 339 -0.51 -33.69 -36.72
CA GLU A 339 -1.54 -33.87 -37.72
C GLU A 339 -2.74 -34.60 -37.12
N PRO A 340 -3.95 -34.39 -37.68
CA PRO A 340 -5.14 -35.12 -37.21
C PRO A 340 -5.03 -36.63 -37.44
N THR B 1 -0.43 25.59 -2.65
CA THR B 1 0.77 24.76 -2.74
C THR B 1 1.97 25.58 -3.17
N VAL B 2 3.10 25.35 -2.50
CA VAL B 2 4.34 26.02 -2.84
C VAL B 2 5.23 25.02 -3.55
N THR B 3 5.17 25.02 -4.88
CA THR B 3 5.94 24.05 -5.65
C THR B 3 7.38 24.51 -5.79
N TYR B 4 8.30 23.57 -5.60
CA TYR B 4 9.73 23.84 -5.76
C TYR B 4 10.44 22.70 -6.49
N THR B 5 9.70 21.89 -7.26
CA THR B 5 10.27 20.70 -7.88
C THR B 5 11.40 21.06 -8.85
N ASN B 6 11.20 22.12 -9.64
CA ASN B 6 12.21 22.49 -10.62
C ASN B 6 13.51 22.92 -9.96
N ARG B 7 13.44 23.48 -8.74
CA ARG B 7 14.64 23.92 -8.06
C ARG B 7 15.48 22.78 -7.49
N VAL B 8 14.93 21.58 -7.36
CA VAL B 8 15.67 20.46 -6.75
C VAL B 8 15.82 19.32 -7.77
N ALA B 9 15.83 19.66 -9.06
CA ALA B 9 15.96 18.64 -10.10
C ALA B 9 17.26 17.84 -9.95
N ASP B 10 18.37 18.52 -9.66
CA ASP B 10 19.69 17.93 -9.58
C ASP B 10 20.19 18.00 -8.15
N ALA B 11 20.85 16.93 -7.71
CA ALA B 11 21.45 16.87 -6.39
C ALA B 11 22.82 17.55 -6.45
N ARG B 12 22.94 18.70 -5.81
CA ARG B 12 24.18 19.47 -5.80
C ARG B 12 24.56 19.74 -4.34
N LEU B 13 25.66 20.48 -4.16
CA LEU B 13 26.05 20.91 -2.83
C LEU B 13 25.01 21.86 -2.24
N GLY B 14 24.29 21.41 -1.21
CA GLY B 14 23.33 22.29 -0.60
C GLY B 14 22.08 22.57 -1.42
N THR B 15 21.58 21.56 -2.15
CA THR B 15 20.40 21.79 -2.97
C THR B 15 19.16 22.03 -2.11
N PHE B 16 19.18 21.60 -0.86
CA PHE B 16 18.10 21.93 0.08
C PHE B 16 18.40 23.17 0.93
N SER B 17 19.65 23.65 0.94
CA SER B 17 20.01 24.75 1.83
C SER B 17 19.39 26.07 1.37
N GLN B 18 19.23 26.26 0.07
CA GLN B 18 18.53 27.45 -0.44
C GLN B 18 17.09 27.48 0.04
N LEU B 19 16.43 26.32 0.05
CA LEU B 19 15.04 26.26 0.46
C LEU B 19 14.84 26.70 1.91
N LEU B 20 15.90 26.69 2.72
CA LEU B 20 15.81 27.16 4.09
C LEU B 20 15.57 28.65 4.18
N LEU B 21 15.89 29.40 3.12
CA LEU B 21 15.73 30.86 3.16
C LEU B 21 14.32 31.31 2.80
N GLN B 22 13.45 30.40 2.36
CA GLN B 22 12.13 30.76 1.91
C GLN B 22 11.20 30.88 3.11
N TRP B 23 10.30 31.87 3.08
CA TRP B 23 9.36 32.14 4.15
C TRP B 23 7.96 31.63 3.85
N LYS B 24 7.49 31.75 2.61
CA LYS B 24 6.18 31.26 2.23
C LYS B 24 6.14 29.74 2.29
N GLY B 25 5.17 29.19 2.99
CA GLY B 25 5.07 27.74 3.13
C GLY B 25 6.17 27.11 3.95
N SER B 26 6.80 27.88 4.84
CA SER B 26 7.95 27.42 5.59
C SER B 26 7.51 26.93 6.97
N ILE B 27 8.40 26.16 7.61
CA ILE B 27 8.15 25.72 8.97
C ILE B 27 8.20 26.89 9.94
N TYR B 28 9.03 27.89 9.66
CA TYR B 28 9.14 29.06 10.53
C TYR B 28 7.80 29.79 10.63
N LYS B 29 7.14 29.98 9.49
CA LYS B 29 5.87 30.70 9.49
C LYS B 29 4.79 29.92 10.24
N LEU B 30 4.80 28.58 10.16
CA LEU B 30 3.81 27.78 10.86
C LEU B 30 4.07 27.74 12.36
N LEU B 31 5.35 27.74 12.77
CA LEU B 31 5.73 27.48 14.15
C LEU B 31 6.07 28.75 14.92
N TYR B 32 5.97 29.93 14.29
CA TYR B 32 6.35 31.20 14.90
C TYR B 32 5.71 31.41 16.28
N SER B 33 4.38 31.34 16.34
CA SER B 33 3.69 31.71 17.58
C SER B 33 3.96 30.71 18.70
N GLU B 34 3.86 29.42 18.38
CA GLU B 34 4.13 28.39 19.39
C GLU B 34 5.57 28.47 19.90
N PHE B 35 6.52 28.70 18.99
CA PHE B 35 7.92 28.82 19.38
C PHE B 35 8.12 30.02 20.29
N LEU B 36 7.47 31.14 19.98
CA LEU B 36 7.63 32.35 20.79
C LEU B 36 7.06 32.12 22.18
N ILE B 37 5.91 31.42 22.25
CA ILE B 37 5.28 31.17 23.54
C ILE B 37 6.16 30.27 24.38
N PHE B 38 6.69 29.20 23.77
CA PHE B 38 7.52 28.24 24.48
C PHE B 38 8.80 28.91 24.99
N ILE B 39 9.43 29.71 24.14
CA ILE B 39 10.68 30.38 24.53
C ILE B 39 10.42 31.38 25.65
N SER B 40 9.34 32.15 25.56
CA SER B 40 9.01 33.11 26.61
C SER B 40 8.73 32.42 27.93
N LEU B 41 8.01 31.29 27.90
CA LEU B 41 7.72 30.57 29.13
C LEU B 41 8.99 30.01 29.76
N TYR B 42 9.90 29.50 28.92
CA TYR B 42 11.14 28.95 29.44
C TYR B 42 11.97 30.04 30.10
N PHE B 43 12.07 31.21 29.46
CA PHE B 43 12.93 32.25 30.02
C PHE B 43 12.27 32.91 31.22
N ALA B 44 10.94 32.98 31.27
CA ALA B 44 10.30 33.48 32.48
C ALA B 44 10.56 32.56 33.67
N ILE B 45 10.49 31.24 33.44
CA ILE B 45 10.75 30.30 34.52
C ILE B 45 12.22 30.34 34.92
N SER B 46 13.10 30.55 33.95
CA SER B 46 14.52 30.69 34.25
C SER B 46 14.78 31.93 35.08
N LEU B 47 14.11 33.04 34.76
CA LEU B 47 14.32 34.25 35.55
C LEU B 47 13.77 34.09 36.96
N VAL B 48 12.63 33.40 37.11
CA VAL B 48 12.10 33.15 38.44
C VAL B 48 13.09 32.33 39.26
N TYR B 49 13.68 31.30 38.62
CA TYR B 49 14.60 30.45 39.36
C TYR B 49 15.89 31.16 39.70
N ARG B 50 16.34 32.04 38.79
CA ARG B 50 17.63 32.69 38.98
C ARG B 50 17.58 33.88 39.93
N LEU B 51 16.47 34.62 39.96
CA LEU B 51 16.43 35.88 40.68
C LEU B 51 15.42 35.93 41.83
N ILE B 52 14.31 35.19 41.74
CA ILE B 52 13.24 35.34 42.72
C ILE B 52 13.36 34.30 43.84
N LEU B 53 13.59 33.04 43.49
CA LEU B 53 13.56 31.99 44.49
C LEU B 53 14.74 32.09 45.44
N SER B 54 14.48 31.73 46.70
CA SER B 54 15.49 31.71 47.74
C SER B 54 16.22 30.37 47.68
N GLU B 55 17.05 30.10 48.69
CA GLU B 55 17.88 28.90 48.67
C GLU B 55 17.04 27.63 48.76
N SER B 56 16.16 27.57 49.76
CA SER B 56 15.30 26.39 49.89
C SER B 56 14.40 26.23 48.68
N GLN B 57 13.89 27.33 48.15
CA GLN B 57 13.00 27.24 47.02
C GLN B 57 13.76 26.79 45.77
N ARG B 58 15.01 27.25 45.64
CA ARG B 58 15.85 26.80 44.54
C ARG B 58 16.15 25.30 44.65
N LEU B 59 16.35 24.81 45.88
CA LEU B 59 16.60 23.38 46.06
C LEU B 59 15.37 22.55 45.68
N MET B 60 14.19 23.01 46.12
CA MET B 60 12.95 22.34 45.73
C MET B 60 12.76 22.35 44.22
N PHE B 61 13.05 23.49 43.58
CA PHE B 61 12.92 23.59 42.13
C PHE B 61 13.90 22.66 41.42
N GLU B 62 15.11 22.55 41.95
CA GLU B 62 16.11 21.65 41.36
C GLU B 62 15.65 20.20 41.45
N LYS B 63 15.10 19.80 42.59
CA LYS B 63 14.58 18.44 42.71
C LYS B 63 13.44 18.21 41.73
N LEU B 64 12.53 19.18 41.61
CA LEU B 64 11.41 19.03 40.68
C LEU B 64 11.91 18.95 39.24
N ALA B 65 12.99 19.66 38.93
CA ALA B 65 13.46 19.68 37.55
C ALA B 65 14.14 18.37 37.21
N LEU B 66 14.91 17.82 38.16
CA LEU B 66 15.47 16.49 37.94
C LEU B 66 14.37 15.45 37.75
N TYR B 67 13.32 15.53 38.59
CA TYR B 67 12.18 14.61 38.49
C TYR B 67 11.53 14.70 37.12
N CYS B 68 11.21 15.92 36.69
CA CYS B 68 10.53 16.11 35.41
C CYS B 68 11.40 15.66 34.24
N ASN B 69 12.69 15.98 34.27
CA ASN B 69 13.56 15.59 33.17
C ASN B 69 13.73 14.08 33.10
N SER B 70 13.76 13.41 34.25
CA SER B 70 13.89 11.96 34.22
C SER B 70 12.61 11.30 33.75
N TYR B 71 11.45 11.74 34.24
CA TYR B 71 10.21 11.01 33.97
C TYR B 71 9.44 11.54 32.77
N ALA B 72 9.92 12.58 32.08
CA ALA B 72 9.24 13.00 30.86
C ALA B 72 9.46 12.05 29.70
N GLU B 73 10.41 11.12 29.83
CA GLU B 73 10.62 10.11 28.78
C GLU B 73 9.56 9.02 28.78
N LEU B 74 8.74 8.94 29.83
CA LEU B 74 7.60 8.03 29.84
C LEU B 74 6.54 8.40 28.81
N ILE B 75 6.51 9.67 28.39
CA ILE B 75 5.59 10.16 27.37
C ILE B 75 6.08 9.67 26.01
N PRO B 76 5.32 8.79 25.34
CA PRO B 76 5.77 8.26 24.02
C PRO B 76 5.45 9.20 22.86
N VAL B 77 6.20 10.31 22.80
CA VAL B 77 5.93 11.35 21.82
C VAL B 77 6.15 10.82 20.41
N SER B 78 7.29 10.14 20.18
CA SER B 78 7.54 9.76 18.80
C SER B 78 6.63 8.62 18.36
N PHE B 79 6.27 7.74 19.30
CA PHE B 79 5.36 6.64 19.01
C PHE B 79 4.03 7.13 18.46
N VAL B 80 3.39 8.07 19.17
CA VAL B 80 2.08 8.54 18.70
C VAL B 80 2.24 9.49 17.51
N LEU B 81 3.31 10.30 17.51
CA LEU B 81 3.47 11.32 16.48
C LEU B 81 3.74 10.71 15.11
N GLY B 82 4.54 9.65 15.06
CA GLY B 82 4.84 9.01 13.79
C GLY B 82 3.61 8.36 13.17
N PHE B 83 2.82 7.66 13.98
CA PHE B 83 1.57 7.08 13.48
C PHE B 83 0.62 8.16 12.97
N TYR B 84 0.47 9.23 13.74
CA TYR B 84 -0.50 10.26 13.38
C TYR B 84 -0.08 10.94 12.08
N VAL B 85 1.22 11.21 11.94
CA VAL B 85 1.73 11.87 10.74
C VAL B 85 1.63 10.95 9.52
N SER B 86 1.90 9.66 9.69
CA SER B 86 1.76 8.74 8.56
C SER B 86 0.33 8.69 8.07
N LEU B 87 -0.64 8.62 9.01
CA LEU B 87 -2.04 8.65 8.61
C LEU B 87 -2.40 9.95 7.89
N VAL B 88 -1.95 11.09 8.41
CA VAL B 88 -2.26 12.38 7.81
C VAL B 88 -1.72 12.45 6.38
N VAL B 89 -0.50 11.95 6.17
CA VAL B 89 0.20 12.09 4.90
C VAL B 89 -0.44 11.18 3.85
N SER B 90 -0.77 9.94 4.23
CA SER B 90 -1.44 9.06 3.30
C SER B 90 -2.79 9.65 2.88
N ARG B 91 -3.54 10.19 3.84
CA ARG B 91 -4.83 10.80 3.51
C ARG B 91 -4.63 12.05 2.65
N TRP B 92 -3.56 12.80 2.87
CA TRP B 92 -3.28 13.99 2.08
C TRP B 92 -3.10 13.66 0.61
N TRP B 93 -2.22 12.70 0.31
CA TRP B 93 -2.01 12.37 -1.09
C TRP B 93 -3.25 11.72 -1.70
N ALA B 94 -3.93 10.85 -0.93
CA ALA B 94 -5.16 10.25 -1.46
C ALA B 94 -6.21 11.31 -1.77
N GLN B 95 -6.27 12.37 -0.98
CA GLN B 95 -7.23 13.44 -1.25
C GLN B 95 -6.85 14.21 -2.50
N TYR B 96 -5.55 14.42 -2.71
CA TYR B 96 -5.19 15.08 -3.97
C TYR B 96 -5.61 14.23 -5.16
N GLU B 97 -5.38 12.92 -5.08
CA GLU B 97 -5.69 12.06 -6.21
C GLU B 97 -7.19 11.90 -6.45
N SER B 98 -8.02 12.30 -5.50
CA SER B 98 -9.47 12.22 -5.64
C SER B 98 -10.09 13.47 -6.24
N ILE B 99 -9.29 14.51 -6.48
CA ILE B 99 -9.84 15.74 -7.08
C ILE B 99 -10.21 15.47 -8.53
N PRO B 100 -11.44 15.73 -8.95
CA PRO B 100 -11.86 15.36 -10.30
C PRO B 100 -11.27 16.30 -11.35
N TRP B 101 -10.83 15.71 -12.46
CA TRP B 101 -10.41 16.43 -13.65
C TRP B 101 -11.36 16.12 -14.80
N PRO B 102 -11.69 17.10 -15.62
CA PRO B 102 -12.65 16.91 -16.71
C PRO B 102 -12.05 16.43 -18.02
N ASP B 103 -10.75 16.15 -18.06
CA ASP B 103 -10.04 15.89 -19.31
C ASP B 103 -10.53 14.61 -20.00
N ARG B 104 -10.65 13.52 -19.25
CA ARG B 104 -11.16 12.27 -19.81
C ARG B 104 -12.57 12.43 -20.37
N ILE B 105 -13.43 13.17 -19.66
CA ILE B 105 -14.79 13.42 -20.12
C ILE B 105 -14.77 14.30 -21.36
N MET B 106 -13.96 15.37 -21.34
CA MET B 106 -13.99 16.32 -22.44
C MET B 106 -13.42 15.73 -23.71
N ASN B 107 -12.46 14.80 -23.61
CA ASN B 107 -11.96 14.14 -24.81
C ASN B 107 -13.07 13.40 -25.55
N LEU B 108 -13.97 12.74 -24.79
CA LEU B 108 -15.05 12.01 -25.44
C LEU B 108 -16.17 12.95 -25.89
N VAL B 109 -16.46 13.98 -25.10
CA VAL B 109 -17.55 14.90 -25.46
C VAL B 109 -17.19 15.71 -26.69
N SER B 110 -15.94 16.17 -26.78
CA SER B 110 -15.50 16.95 -27.93
C SER B 110 -15.58 16.16 -29.23
N CYS B 111 -15.37 14.86 -29.20
CA CYS B 111 -15.28 14.11 -30.45
C CYS B 111 -16.52 13.29 -30.78
N ASN B 112 -17.35 12.96 -29.79
CA ASN B 112 -18.46 12.05 -30.00
C ASN B 112 -19.83 12.70 -29.96
N VAL B 113 -19.92 13.97 -29.59
CA VAL B 113 -21.19 14.70 -29.63
C VAL B 113 -21.13 15.57 -30.88
N ASP B 114 -21.82 15.14 -31.93
CA ASP B 114 -21.75 15.73 -33.25
C ASP B 114 -22.55 17.03 -33.39
N GLY B 115 -22.27 17.75 -34.47
CA GLY B 115 -22.96 18.98 -34.77
C GLY B 115 -22.14 20.25 -34.62
N GLU B 116 -21.86 20.92 -35.73
CA GLU B 116 -21.18 22.21 -35.69
C GLU B 116 -22.14 23.38 -35.57
N ASP B 117 -23.45 23.11 -35.48
CA ASP B 117 -24.48 24.16 -35.41
C ASP B 117 -24.60 24.66 -33.98
N GLU B 118 -25.60 25.50 -33.72
CA GLU B 118 -25.78 26.06 -32.39
C GLU B 118 -26.16 24.98 -31.39
N TYR B 119 -26.98 24.01 -31.81
CA TYR B 119 -27.47 23.01 -30.87
C TYR B 119 -26.37 22.05 -30.42
N GLY B 120 -25.48 21.67 -31.35
CA GLY B 120 -24.36 20.82 -30.97
C GLY B 120 -23.41 21.51 -30.01
N ARG B 121 -23.13 22.80 -30.26
CA ARG B 121 -22.29 23.56 -29.35
C ARG B 121 -22.96 23.67 -27.98
N LEU B 122 -24.27 23.93 -27.96
CA LEU B 122 -25.00 24.03 -26.70
C LEU B 122 -24.93 22.71 -25.94
N LEU B 123 -25.08 21.58 -26.63
CA LEU B 123 -25.06 20.28 -25.98
C LEU B 123 -23.70 20.01 -25.36
N ARG B 124 -22.63 20.22 -26.14
CA ARG B 124 -21.29 19.93 -25.63
C ARG B 124 -20.94 20.84 -24.45
N ARG B 125 -21.27 22.13 -24.57
CA ARG B 125 -20.96 23.09 -23.52
C ARG B 125 -21.76 22.77 -22.26
N THR B 126 -23.03 22.38 -22.42
CA THR B 126 -23.87 22.08 -21.26
C THR B 126 -23.40 20.81 -20.56
N LEU B 127 -22.99 19.78 -21.31
CA LEU B 127 -22.46 18.57 -20.68
C LEU B 127 -21.22 18.88 -19.88
N MET B 128 -20.28 19.62 -20.47
CA MET B 128 -19.07 19.98 -19.73
C MET B 128 -19.41 20.82 -18.50
N ARG B 129 -20.37 21.74 -18.63
CA ARG B 129 -20.75 22.58 -17.51
C ARG B 129 -21.39 21.76 -16.39
N TYR B 130 -22.14 20.72 -16.74
CA TYR B 130 -22.71 19.85 -15.71
C TYR B 130 -21.63 19.09 -14.95
N SER B 131 -20.65 18.56 -15.68
CA SER B 131 -19.58 17.80 -15.00
C SER B 131 -18.77 18.73 -14.10
N ASN B 132 -18.39 19.90 -14.64
CA ASN B 132 -17.69 20.89 -13.83
C ASN B 132 -18.53 21.34 -12.64
N LEU B 133 -19.85 21.39 -12.80
CA LEU B 133 -20.72 21.84 -11.72
C LEU B 133 -20.74 20.83 -10.60
N CYS B 134 -20.78 19.54 -10.93
CA CYS B 134 -20.65 18.52 -9.90
C CYS B 134 -19.34 18.67 -9.13
N SER B 135 -18.25 18.87 -9.86
CA SER B 135 -16.97 19.05 -9.17
C SER B 135 -16.98 20.29 -8.27
N VAL B 136 -17.53 21.40 -8.77
CA VAL B 136 -17.60 22.64 -7.99
C VAL B 136 -18.43 22.44 -6.74
N LEU B 137 -19.56 21.75 -6.85
CA LEU B 137 -20.44 21.55 -5.72
C LEU B 137 -19.76 20.76 -4.63
N ILE B 138 -19.12 19.65 -4.99
CA ILE B 138 -18.46 18.84 -3.96
C ILE B 138 -17.27 19.60 -3.39
N LEU B 139 -16.56 20.37 -4.22
CA LEU B 139 -15.41 21.12 -3.72
C LEU B 139 -15.83 22.20 -2.73
N ARG B 140 -16.90 22.93 -3.01
CA ARG B 140 -17.36 23.91 -2.05
C ARG B 140 -17.97 23.26 -0.82
N SER B 141 -18.39 21.99 -0.92
CA SER B 141 -18.75 21.27 0.29
C SER B 141 -17.53 20.92 1.14
N VAL B 142 -16.38 20.67 0.52
CA VAL B 142 -15.24 20.09 1.23
C VAL B 142 -14.11 21.08 1.43
N SER B 143 -14.18 22.27 0.83
CA SER B 143 -13.08 23.22 0.83
C SER B 143 -13.57 24.58 1.32
N THR B 144 -12.90 25.12 2.35
CA THR B 144 -13.27 26.43 2.85
C THR B 144 -12.92 27.54 1.86
N ALA B 145 -11.86 27.34 1.08
CA ALA B 145 -11.49 28.34 0.08
C ALA B 145 -12.58 28.46 -0.98
N VAL B 146 -13.04 27.32 -1.50
CA VAL B 146 -14.08 27.33 -2.53
C VAL B 146 -15.39 27.84 -1.96
N TYR B 147 -15.67 27.50 -0.70
CA TYR B 147 -16.90 27.94 -0.05
C TYR B 147 -16.88 29.44 0.16
N LYS B 148 -15.72 30.01 0.49
CA LYS B 148 -15.62 31.45 0.65
C LYS B 148 -15.72 32.15 -0.70
N ARG B 149 -15.25 31.49 -1.77
CA ARG B 149 -15.45 32.02 -3.12
C ARG B 149 -16.92 31.98 -3.52
N PHE B 150 -17.61 30.88 -3.20
CA PHE B 150 -19.03 30.70 -3.53
C PHE B 150 -19.82 30.47 -2.25
N PRO B 151 -20.14 31.53 -1.51
CA PRO B 151 -20.86 31.32 -0.24
C PRO B 151 -22.32 30.90 -0.40
N SER B 152 -22.93 31.10 -1.57
CA SER B 152 -24.27 30.60 -1.85
C SER B 152 -24.32 30.20 -3.31
N MET B 153 -25.42 29.57 -3.69
CA MET B 153 -25.61 29.14 -5.07
C MET B 153 -25.75 30.32 -6.02
N GLU B 154 -26.20 31.48 -5.52
CA GLU B 154 -26.26 32.68 -6.35
C GLU B 154 -24.87 33.08 -6.84
N HIS B 155 -23.86 32.89 -5.99
CA HIS B 155 -22.48 33.15 -6.43
C HIS B 155 -22.06 32.18 -7.53
N VAL B 156 -22.54 30.93 -7.45
CA VAL B 156 -22.25 29.96 -8.49
C VAL B 156 -22.92 30.36 -9.80
N VAL B 157 -24.12 30.93 -9.70
CA VAL B 157 -24.82 31.38 -10.91
C VAL B 157 -24.13 32.59 -11.52
N ARG B 158 -23.68 33.52 -10.69
CA ARG B 158 -23.04 34.74 -11.16
C ARG B 158 -21.68 34.47 -11.78
N ALA B 159 -21.07 33.33 -11.47
CA ALA B 159 -19.79 32.95 -12.06
C ALA B 159 -19.93 32.16 -13.36
N GLY B 160 -21.15 32.00 -13.86
CA GLY B 160 -21.42 31.26 -15.07
C GLY B 160 -21.34 29.76 -14.97
N LEU B 161 -21.10 29.21 -13.78
CA LEU B 161 -21.08 27.78 -13.63
C LEU B 161 -22.47 27.17 -13.67
N MET B 162 -23.51 27.96 -13.37
CA MET B 162 -24.87 27.46 -13.36
C MET B 162 -25.78 28.56 -13.90
N THR B 163 -26.71 28.20 -14.78
CA THR B 163 -27.64 29.18 -15.33
C THR B 163 -28.77 29.42 -14.34
N PRO B 164 -29.53 30.52 -14.49
CA PRO B 164 -30.62 30.73 -13.53
C PRO B 164 -31.71 29.68 -13.65
N GLU B 165 -31.97 29.17 -14.85
CA GLU B 165 -32.93 28.08 -15.01
C GLU B 165 -32.46 26.82 -14.30
N GLU B 166 -31.18 26.51 -14.42
CA GLU B 166 -30.62 25.36 -13.71
C GLU B 166 -30.68 25.58 -12.21
N HIS B 167 -30.54 26.83 -11.77
CA HIS B 167 -30.65 27.10 -10.34
C HIS B 167 -32.07 26.89 -9.84
N LYS B 168 -33.07 27.29 -10.64
CA LYS B 168 -34.45 27.08 -10.25
C LYS B 168 -34.79 25.59 -10.22
N LYS B 169 -34.32 24.84 -11.22
CA LYS B 169 -34.54 23.39 -11.22
C LYS B 169 -33.81 22.73 -10.05
N PHE B 170 -32.60 23.19 -9.75
CA PHE B 170 -31.82 22.64 -8.65
C PHE B 170 -32.53 22.86 -7.33
N GLU B 171 -33.09 24.04 -7.11
CA GLU B 171 -33.79 24.33 -5.87
C GLU B 171 -35.16 23.67 -5.81
N SER B 172 -35.78 23.39 -6.95
CA SER B 172 -37.09 22.72 -6.93
C SER B 172 -36.98 21.28 -6.47
N LEU B 173 -35.84 20.63 -6.69
CA LEU B 173 -35.63 19.26 -6.23
C LEU B 173 -35.39 19.28 -4.72
N ASN B 174 -36.23 18.55 -3.99
CA ASN B 174 -36.24 18.60 -2.53
C ASN B 174 -35.45 17.42 -1.97
N SER B 175 -34.40 17.71 -1.21
CA SER B 175 -33.56 16.71 -0.61
C SER B 175 -32.90 17.24 0.66
N PRO B 176 -32.99 16.51 1.78
CA PRO B 176 -32.39 16.99 3.03
C PRO B 176 -30.91 16.66 3.10
N HIS B 177 -30.31 16.28 1.96
CA HIS B 177 -28.92 15.85 1.90
C HIS B 177 -28.15 16.71 0.90
N ASN B 178 -26.84 16.51 0.86
CA ASN B 178 -25.98 17.27 -0.04
C ASN B 178 -26.36 16.99 -1.49
N LYS B 179 -26.51 18.05 -2.29
CA LYS B 179 -27.05 17.93 -3.65
C LYS B 179 -25.96 17.97 -4.72
N PHE B 180 -24.73 17.58 -4.38
CA PHE B 180 -23.66 17.65 -5.37
C PHE B 180 -23.85 16.62 -6.49
N TRP B 181 -24.67 15.59 -6.27
CA TRP B 181 -24.87 14.53 -7.25
C TRP B 181 -25.89 14.88 -8.33
N ILE B 182 -26.65 15.95 -8.15
CA ILE B 182 -27.66 16.35 -9.14
C ILE B 182 -27.08 16.53 -10.54
N PRO B 183 -26.01 17.29 -10.74
CA PRO B 183 -25.53 17.51 -12.11
C PRO B 183 -25.04 16.24 -12.78
N CYS B 184 -24.68 15.19 -12.04
CA CYS B 184 -24.33 13.93 -12.69
C CYS B 184 -25.56 13.27 -13.31
N VAL B 185 -26.68 13.28 -12.60
CA VAL B 185 -27.93 12.76 -13.16
C VAL B 185 -28.34 13.60 -14.36
N TRP B 186 -28.15 14.92 -14.25
CA TRP B 186 -28.46 15.79 -15.39
C TRP B 186 -27.59 15.44 -16.59
N PHE B 187 -26.30 15.21 -16.35
CA PHE B 187 -25.37 14.84 -17.41
C PHE B 187 -25.80 13.54 -18.09
N SER B 188 -26.11 12.49 -17.29
CA SER B 188 -26.48 11.22 -17.91
C SER B 188 -27.76 11.37 -18.72
N ASN B 189 -28.75 12.10 -18.20
CA ASN B 189 -29.99 12.27 -18.93
C ASN B 189 -29.80 13.10 -20.19
N LEU B 190 -28.96 14.12 -20.13
CA LEU B 190 -28.68 14.92 -21.32
C LEU B 190 -27.92 14.12 -22.36
N ALA B 191 -26.98 13.29 -21.91
CA ALA B 191 -26.24 12.46 -22.87
C ALA B 191 -27.18 11.48 -23.56
N VAL B 192 -28.11 10.89 -22.81
CA VAL B 192 -29.07 9.99 -23.45
C VAL B 192 -29.98 10.76 -24.39
N LYS B 193 -30.32 12.00 -24.03
CA LYS B 193 -31.17 12.81 -24.90
C LYS B 193 -30.44 13.14 -26.20
N ALA B 194 -29.14 13.46 -26.10
CA ALA B 194 -28.32 13.70 -27.27
C ALA B 194 -28.25 12.47 -28.17
N ARG B 195 -28.17 11.29 -27.54
CA ARG B 195 -28.10 10.04 -28.28
C ARG B 195 -29.43 9.79 -29.00
N ASN B 196 -30.54 10.09 -28.34
CA ASN B 196 -31.85 9.83 -28.92
C ASN B 196 -32.19 10.80 -30.04
N GLU B 197 -31.51 11.95 -30.09
CA GLU B 197 -31.68 12.95 -31.14
C GLU B 197 -30.68 12.77 -32.28
N GLY B 198 -29.87 11.72 -32.25
CA GLY B 198 -28.91 11.47 -33.32
C GLY B 198 -27.57 12.15 -33.15
N ARG B 199 -27.34 12.88 -32.05
CA ARG B 199 -26.09 13.59 -31.85
C ARG B 199 -24.96 12.67 -31.41
N ILE B 200 -25.29 11.55 -30.76
CA ILE B 200 -24.32 10.52 -30.43
C ILE B 200 -24.62 9.32 -31.30
N ARG B 201 -23.60 8.80 -31.99
CA ARG B 201 -23.84 7.87 -33.09
C ARG B 201 -24.52 6.58 -32.63
N ASP B 202 -24.08 6.02 -31.50
CA ASP B 202 -24.58 4.73 -31.07
C ASP B 202 -24.34 4.58 -29.57
N SER B 203 -24.74 3.42 -29.03
CA SER B 203 -24.77 3.25 -27.60
C SER B 203 -23.42 2.85 -27.02
N VAL B 204 -22.46 2.47 -27.87
CA VAL B 204 -21.12 2.18 -27.37
C VAL B 204 -20.41 3.47 -26.95
N LEU B 205 -20.54 4.51 -27.76
CA LEU B 205 -19.97 5.81 -27.46
C LEU B 205 -20.70 6.48 -26.30
N LEU B 206 -22.03 6.41 -26.30
CA LEU B 206 -22.83 6.85 -25.16
C LEU B 206 -22.39 6.16 -23.87
N GLN B 207 -22.16 4.85 -23.90
CA GLN B 207 -21.77 4.14 -22.69
C GLN B 207 -20.36 4.53 -22.25
N GLY B 208 -19.47 4.80 -23.20
CA GLY B 208 -18.15 5.31 -22.85
C GLY B 208 -18.24 6.64 -22.14
N ILE B 209 -19.08 7.54 -22.63
CA ILE B 209 -19.25 8.83 -21.97
C ILE B 209 -19.84 8.66 -20.58
N LEU B 210 -20.82 7.76 -20.43
CA LEU B 210 -21.43 7.53 -19.12
C LEU B 210 -20.44 6.89 -18.16
N ASN B 211 -19.57 6.01 -18.65
CA ASN B 211 -18.53 5.44 -17.80
C ASN B 211 -17.60 6.51 -17.28
N GLU B 212 -17.20 7.45 -18.14
CA GLU B 212 -16.34 8.52 -17.65
C GLU B 212 -17.07 9.38 -16.63
N LEU B 213 -18.38 9.55 -16.82
CA LEU B 213 -19.15 10.36 -15.87
C LEU B 213 -19.19 9.67 -14.52
N ASN B 214 -19.36 8.35 -14.53
CA ASN B 214 -19.40 7.61 -13.28
C ASN B 214 -18.02 7.58 -12.60
N THR B 215 -16.95 7.54 -13.39
CA THR B 215 -15.60 7.68 -12.83
C THR B 215 -15.46 9.03 -12.12
N LEU B 216 -15.96 10.09 -12.74
CA LEU B 216 -15.96 11.41 -12.13
C LEU B 216 -16.77 11.41 -10.82
N ARG B 217 -17.96 10.81 -10.86
CA ARG B 217 -18.78 10.69 -9.65
C ARG B 217 -17.99 10.00 -8.55
N SER B 218 -17.34 8.89 -8.85
CA SER B 218 -16.58 8.19 -7.81
C SER B 218 -15.48 9.08 -7.21
N GLN B 219 -14.83 9.89 -8.05
CA GLN B 219 -13.87 10.86 -7.49
C GLN B 219 -14.56 11.79 -6.49
N CYS B 220 -15.75 12.29 -6.84
CA CYS B 220 -16.46 13.22 -5.97
C CYS B 220 -16.87 12.51 -4.68
N GLY B 221 -17.24 11.24 -4.79
CA GLY B 221 -17.58 10.46 -3.61
C GLY B 221 -16.39 10.23 -2.70
N ARG B 222 -15.19 10.05 -3.28
CA ARG B 222 -13.99 9.92 -2.44
C ARG B 222 -13.70 11.22 -1.70
N LEU B 223 -13.80 12.37 -2.39
CA LEU B 223 -13.71 13.66 -1.71
C LEU B 223 -14.71 13.76 -0.57
N TYR B 224 -15.95 13.36 -0.82
CA TYR B 224 -16.99 13.41 0.21
C TYR B 224 -16.63 12.52 1.39
N GLY B 225 -16.07 11.35 1.10
CA GLY B 225 -15.71 10.43 2.16
C GLY B 225 -14.57 10.94 3.03
N TYR B 226 -13.56 11.56 2.42
CA TYR B 226 -12.46 12.10 3.21
C TYR B 226 -12.91 13.30 4.03
N ASP B 227 -13.83 14.12 3.49
CA ASP B 227 -14.37 15.23 4.27
C ASP B 227 -15.22 14.74 5.43
N TRP B 228 -16.12 13.80 5.16
CA TRP B 228 -17.05 13.31 6.17
C TRP B 228 -16.33 12.52 7.25
N ILE B 229 -15.52 11.54 6.84
CA ILE B 229 -14.83 10.63 7.74
C ILE B 229 -13.48 11.26 8.04
N SER B 230 -13.43 12.11 9.08
CA SER B 230 -12.16 12.70 9.44
C SER B 230 -11.33 11.68 10.23
N ILE B 231 -10.06 11.99 10.39
CA ILE B 231 -9.23 11.23 11.33
C ILE B 231 -9.92 11.22 12.69
N PRO B 232 -10.05 10.07 13.35
CA PRO B 232 -10.77 9.99 14.63
C PRO B 232 -10.27 11.04 15.61
N LEU B 233 -11.22 11.77 16.21
CA LEU B 233 -10.88 12.87 17.10
C LEU B 233 -10.00 12.41 18.25
N VAL B 234 -10.15 11.15 18.67
CA VAL B 234 -9.38 10.61 19.77
C VAL B 234 -7.89 10.68 19.45
N TYR B 235 -7.52 10.36 18.20
CA TYR B 235 -6.13 10.41 17.79
C TYR B 235 -5.58 11.83 17.85
N THR B 236 -6.35 12.79 17.33
CA THR B 236 -5.91 14.18 17.35
C THR B 236 -5.71 14.68 18.77
N GLN B 237 -6.65 14.35 19.67
CA GLN B 237 -6.55 14.77 21.06
C GLN B 237 -5.33 14.14 21.72
N VAL B 238 -5.12 12.84 21.49
CA VAL B 238 -4.01 12.15 22.14
C VAL B 238 -2.68 12.72 21.68
N VAL B 239 -2.54 13.01 20.38
CA VAL B 239 -1.26 13.44 19.84
C VAL B 239 -0.96 14.88 20.30
N THR B 240 -1.97 15.74 20.33
CA THR B 240 -1.70 17.09 20.83
C THR B 240 -1.40 17.09 22.33
N VAL B 241 -2.09 16.24 23.10
CA VAL B 241 -1.80 16.09 24.52
C VAL B 241 -0.36 15.60 24.72
N ALA B 242 0.09 14.67 23.88
CA ALA B 242 1.43 14.13 24.05
C ALA B 242 2.47 15.21 23.80
N VAL B 243 2.35 15.94 22.70
CA VAL B 243 3.32 17.00 22.41
C VAL B 243 3.30 18.07 23.50
N TYR B 244 2.10 18.52 23.85
CA TYR B 244 1.99 19.64 24.79
C TYR B 244 2.49 19.26 26.17
N SER B 245 2.15 18.06 26.64
CA SER B 245 2.61 17.62 27.96
C SER B 245 4.11 17.42 27.97
N PHE B 246 4.68 16.89 26.88
CA PHE B 246 6.12 16.69 26.86
C PHE B 246 6.86 18.03 26.95
N PHE B 247 6.37 19.05 26.26
CA PHE B 247 7.13 20.31 26.32
C PHE B 247 6.77 21.14 27.54
N LEU B 248 5.60 20.92 28.14
CA LEU B 248 5.32 21.51 29.44
C LEU B 248 6.23 20.92 30.50
N ALA B 249 6.50 19.61 30.41
CA ALA B 249 7.49 19.01 31.30
C ALA B 249 8.87 19.59 31.02
N CYS B 250 9.21 19.78 29.75
CA CYS B 250 10.53 20.31 29.41
C CYS B 250 10.73 21.74 29.90
N LEU B 251 9.64 22.48 30.13
CA LEU B 251 9.74 23.83 30.66
C LEU B 251 10.37 23.86 32.03
N ILE B 252 10.31 22.75 32.76
CA ILE B 252 10.93 22.61 34.07
C ILE B 252 12.18 21.75 34.02
N GLY B 253 12.11 20.60 33.33
CA GLY B 253 13.20 19.65 33.35
C GLY B 253 14.41 20.07 32.54
N ARG B 254 14.25 21.03 31.65
CA ARG B 254 15.36 21.46 30.81
C ARG B 254 15.95 22.80 31.24
N GLN B 255 15.60 23.28 32.43
CA GLN B 255 16.23 24.47 32.97
C GLN B 255 17.69 24.20 33.32
N PHE B 256 18.51 25.25 33.25
CA PHE B 256 19.92 25.17 33.60
C PHE B 256 20.05 25.26 35.12
N LEU B 257 20.27 24.12 35.76
CA LEU B 257 20.42 24.06 37.20
C LEU B 257 21.79 24.63 37.62
N ASP B 258 21.91 24.95 38.89
CA ASP B 258 23.13 25.53 39.45
C ASP B 258 24.30 24.58 39.29
N PRO B 259 25.36 24.95 38.56
CA PRO B 259 26.50 24.02 38.40
C PRO B 259 27.26 23.74 39.68
N GLU B 260 27.08 24.56 40.72
CA GLU B 260 27.77 24.29 41.98
C GLU B 260 27.20 23.06 42.69
N LYS B 261 25.94 22.72 42.43
CA LYS B 261 25.36 21.53 43.02
C LYS B 261 25.84 20.24 42.38
N ALA B 262 26.56 20.33 41.26
CA ALA B 262 27.18 19.19 40.58
C ALA B 262 26.15 18.11 40.23
N TYR B 263 24.98 18.54 39.80
CA TYR B 263 23.99 17.60 39.27
C TYR B 263 24.50 17.01 37.96
N PRO B 264 24.27 15.72 37.70
CA PRO B 264 24.77 15.13 36.46
C PRO B 264 24.00 15.68 35.28
N GLY B 265 24.73 16.22 34.31
CA GLY B 265 24.13 16.82 33.14
C GLY B 265 23.92 18.31 33.25
N HIS B 266 24.17 18.90 34.42
CA HIS B 266 24.03 20.33 34.65
C HIS B 266 25.36 20.97 35.03
N GLU B 267 26.43 20.54 34.38
CA GLU B 267 27.76 21.05 34.70
C GLU B 267 28.03 22.41 34.06
N LEU B 268 27.37 22.72 32.93
CA LEU B 268 27.63 23.94 32.17
C LEU B 268 26.33 24.72 32.02
N ASP B 269 26.37 26.01 32.35
CA ASP B 269 25.19 26.89 32.31
C ASP B 269 25.34 27.82 31.11
N LEU B 270 24.56 27.55 30.06
CA LEU B 270 24.60 28.32 28.82
C LEU B 270 23.40 29.24 28.64
N PHE B 271 22.49 29.23 29.61
CA PHE B 271 21.31 30.11 29.68
C PHE B 271 20.24 29.76 28.65
N VAL B 272 20.62 29.41 27.43
CA VAL B 272 19.70 29.08 26.36
C VAL B 272 19.80 27.59 26.08
N PRO B 273 18.72 26.81 26.21
CA PRO B 273 18.74 25.39 25.87
C PRO B 273 18.62 25.15 24.37
N VAL B 274 19.76 25.23 23.67
CA VAL B 274 19.74 25.17 22.21
C VAL B 274 19.15 23.84 21.75
N PHE B 275 19.54 22.76 22.41
CA PHE B 275 19.05 21.44 22.00
C PHE B 275 17.59 21.21 22.41
N THR B 276 17.14 21.81 23.51
CA THR B 276 15.72 21.74 23.85
C THR B 276 14.87 22.53 22.85
N PHE B 277 15.34 23.71 22.46
CA PHE B 277 14.64 24.50 21.45
C PHE B 277 14.66 23.78 20.11
N LEU B 278 15.76 23.08 19.79
CA LEU B 278 15.78 22.29 18.57
C LEU B 278 14.77 21.15 18.62
N GLN B 279 14.64 20.53 19.78
CA GLN B 279 13.74 19.38 19.92
C GLN B 279 12.30 19.85 19.83
N PHE B 280 12.03 21.04 20.37
CA PHE B 280 10.73 21.66 20.18
C PHE B 280 10.48 21.94 18.71
N PHE B 281 11.47 22.51 18.02
CA PHE B 281 11.36 22.77 16.59
C PHE B 281 10.93 21.51 15.85
N PHE B 282 11.63 20.41 16.07
CA PHE B 282 11.34 19.19 15.33
C PHE B 282 9.99 18.59 15.70
N TYR B 283 9.73 18.36 16.99
CA TYR B 283 8.48 17.68 17.37
C TYR B 283 7.27 18.58 17.18
N ALA B 284 7.30 19.79 17.75
CA ALA B 284 6.18 20.71 17.56
C ALA B 284 5.95 21.02 16.08
N GLY B 285 7.03 21.16 15.31
CA GLY B 285 6.87 21.41 13.90
C GLY B 285 6.24 20.22 13.20
N TRP B 286 6.63 19.00 13.58
CA TRP B 286 6.01 17.80 13.04
C TRP B 286 4.50 17.82 13.28
N LEU B 287 4.10 18.20 14.49
CA LEU B 287 2.68 18.34 14.79
C LEU B 287 2.02 19.44 13.95
N LYS B 288 2.69 20.58 13.80
CA LYS B 288 2.12 21.69 13.04
C LYS B 288 1.94 21.31 11.57
N VAL B 289 2.90 20.58 11.00
CA VAL B 289 2.73 20.09 9.62
C VAL B 289 1.52 19.18 9.54
N ALA B 290 1.34 18.31 10.53
CA ALA B 290 0.11 17.50 10.56
C ALA B 290 -1.13 18.40 10.65
N GLU B 291 -1.04 19.49 11.39
CA GLU B 291 -2.18 20.40 11.51
C GLU B 291 -2.52 21.07 10.19
N GLN B 292 -1.48 21.39 9.40
CA GLN B 292 -1.69 22.01 8.09
C GLN B 292 -2.19 21.00 7.06
N LEU B 293 -1.70 19.77 7.09
CA LEU B 293 -2.10 18.78 6.11
C LEU B 293 -3.41 18.06 6.41
N ILE B 294 -3.94 18.18 7.63
CA ILE B 294 -5.10 17.36 8.00
C ILE B 294 -6.31 17.73 7.15
N ASN B 295 -6.45 19.00 6.78
CA ASN B 295 -7.45 19.45 5.82
C ASN B 295 -6.70 20.23 4.75
N PRO B 296 -6.32 19.59 3.65
CA PRO B 296 -5.53 20.28 2.61
C PRO B 296 -6.37 21.12 1.65
N PHE B 297 -7.64 21.36 1.97
CA PHE B 297 -8.55 22.16 1.16
C PHE B 297 -8.87 23.51 1.81
N GLY B 298 -8.08 23.93 2.79
CA GLY B 298 -8.23 25.21 3.43
C GLY B 298 -7.47 26.31 2.72
N GLU B 299 -7.10 27.33 3.48
CA GLU B 299 -6.39 28.49 2.97
C GLU B 299 -4.94 28.58 3.45
N ASP B 300 -4.34 27.45 3.83
CA ASP B 300 -2.93 27.43 4.17
C ASP B 300 -2.09 27.67 2.92
N ASP B 301 -0.84 28.09 3.13
CA ASP B 301 0.06 28.33 2.00
C ASP B 301 0.32 27.04 1.22
N ASP B 302 0.35 25.90 1.92
CA ASP B 302 0.64 24.62 1.30
C ASP B 302 -0.62 23.82 0.97
N ASP B 303 -1.80 24.37 1.25
CA ASP B 303 -3.03 23.69 0.87
C ASP B 303 -3.21 23.70 -0.66
N PHE B 304 -4.08 22.81 -1.14
CA PHE B 304 -4.31 22.67 -2.57
C PHE B 304 -4.90 23.95 -3.15
N GLU B 305 -4.48 24.29 -4.37
CA GLU B 305 -4.96 25.49 -5.08
C GLU B 305 -6.28 25.15 -5.80
N THR B 306 -7.34 25.05 -4.99
CA THR B 306 -8.61 24.54 -5.51
C THR B 306 -9.31 25.54 -6.42
N ASN B 307 -9.29 26.83 -6.08
CA ASN B 307 -9.91 27.84 -6.92
C ASN B 307 -9.22 27.93 -8.28
N TRP B 308 -7.89 27.87 -8.29
CA TRP B 308 -7.15 27.87 -9.55
C TRP B 308 -7.51 26.65 -10.39
N LEU B 309 -7.63 25.49 -9.76
CA LEU B 309 -7.99 24.28 -10.50
C LEU B 309 -9.39 24.40 -11.09
N ILE B 310 -10.31 25.02 -10.35
CA ILE B 310 -11.66 25.25 -10.85
C ILE B 310 -11.62 26.11 -12.10
N ASP B 311 -10.87 27.20 -12.04
CA ASP B 311 -10.74 28.09 -13.19
C ASP B 311 -10.16 27.37 -14.40
N ARG B 312 -9.05 26.65 -14.18
CA ARG B 312 -8.37 25.90 -15.24
C ARG B 312 -9.33 24.89 -15.86
N ASN B 313 -10.01 24.10 -15.04
CA ASN B 313 -10.91 23.07 -15.54
C ASN B 313 -12.02 23.67 -16.39
N LEU B 314 -12.65 24.74 -15.89
CA LEU B 314 -13.73 25.36 -16.66
C LEU B 314 -13.23 25.86 -18.01
N GLN B 315 -12.14 26.63 -18.03
CA GLN B 315 -11.66 27.20 -19.28
C GLN B 315 -11.23 26.10 -20.25
N VAL B 316 -10.50 25.11 -19.75
CA VAL B 316 -9.98 24.06 -20.63
C VAL B 316 -11.12 23.21 -21.19
N SER B 317 -12.11 22.86 -20.37
CA SER B 317 -13.22 22.05 -20.85
C SER B 317 -13.99 22.79 -21.93
N LEU B 318 -14.33 24.05 -21.67
CA LEU B 318 -15.11 24.80 -22.66
C LEU B 318 -14.34 24.99 -23.95
N MET B 319 -13.02 25.20 -23.86
CA MET B 319 -12.25 25.29 -25.09
C MET B 319 -12.17 23.95 -25.81
N ALA B 320 -12.03 22.85 -25.06
CA ALA B 320 -11.86 21.55 -25.69
C ALA B 320 -13.09 21.14 -26.49
N VAL B 321 -14.28 21.40 -25.95
CA VAL B 321 -15.51 20.85 -26.54
C VAL B 321 -16.19 21.84 -27.47
N ASP B 322 -15.77 23.10 -27.48
CA ASP B 322 -16.37 24.10 -28.35
C ASP B 322 -15.40 24.59 -29.42
N GLU B 323 -14.26 25.16 -29.02
CA GLU B 323 -13.32 25.68 -29.99
C GLU B 323 -12.64 24.56 -30.77
N MET B 324 -12.37 23.44 -30.10
CA MET B 324 -11.63 22.33 -30.69
C MET B 324 -12.52 21.13 -31.01
N HIS B 325 -13.79 21.34 -31.35
CA HIS B 325 -14.65 20.25 -31.82
C HIS B 325 -14.45 20.12 -33.33
N GLN B 326 -13.97 18.96 -33.76
CA GLN B 326 -13.69 18.70 -35.18
C GLN B 326 -12.88 19.84 -35.80
N ASP B 327 -11.83 20.27 -35.10
CA ASP B 327 -11.00 21.39 -35.55
C ASP B 327 -9.53 20.94 -35.56
N LEU B 328 -9.16 20.20 -36.60
CA LEU B 328 -7.86 19.54 -36.59
C LEU B 328 -6.86 20.28 -37.49
N PRO B 329 -5.58 20.28 -37.11
CA PRO B 329 -4.57 20.81 -38.02
C PRO B 329 -4.50 20.00 -39.31
N ILE B 330 -3.99 20.64 -40.37
CA ILE B 330 -3.91 20.00 -41.68
C ILE B 330 -3.02 18.77 -41.60
N LEU B 331 -3.51 17.65 -42.11
CA LEU B 331 -2.70 16.44 -42.14
C LEU B 331 -1.56 16.60 -43.13
N GLU B 332 -0.33 16.35 -42.67
CA GLU B 332 0.81 16.47 -43.56
C GLU B 332 1.84 15.42 -43.19
N LYS B 333 2.74 15.15 -44.13
CA LYS B 333 3.82 14.20 -43.90
C LYS B 333 4.81 14.74 -42.87
N ASP B 334 5.16 13.90 -41.90
CA ASP B 334 6.08 14.29 -40.84
C ASP B 334 7.53 14.24 -41.34
N LEU B 335 8.45 14.62 -40.46
CA LEU B 335 9.87 14.70 -40.84
C LEU B 335 10.44 13.32 -41.16
N TYR B 336 10.02 12.30 -40.44
CA TYR B 336 10.56 10.95 -40.61
C TYR B 336 9.85 10.16 -41.73
N TRP B 337 8.94 10.79 -42.46
CA TRP B 337 8.20 10.09 -43.49
C TRP B 337 9.17 9.53 -44.53
N ASN B 338 8.90 8.31 -44.99
CA ASN B 338 9.62 7.69 -46.09
C ASN B 338 8.64 7.30 -47.19
N GLU B 339 8.99 7.61 -48.42
CA GLU B 339 8.14 7.23 -49.54
C GLU B 339 8.26 5.73 -49.81
N PRO B 340 7.22 5.11 -50.40
CA PRO B 340 7.29 3.69 -50.77
C PRO B 340 8.35 3.42 -51.84
N THR C 1 -19.93 9.06 13.53
CA THR C 1 -18.71 9.80 13.23
C THR C 1 -18.83 11.24 13.69
N VAL C 2 -17.77 11.73 14.33
CA VAL C 2 -17.71 13.11 14.77
C VAL C 2 -16.79 13.87 13.83
N THR C 3 -17.37 14.50 12.81
CA THR C 3 -16.57 15.20 11.82
C THR C 3 -16.18 16.58 12.35
N TYR C 4 -14.91 16.93 12.14
CA TYR C 4 -14.39 18.23 12.51
C TYR C 4 -13.47 18.82 11.44
N THR C 5 -13.61 18.36 10.19
CA THR C 5 -12.69 18.76 9.13
C THR C 5 -12.73 20.27 8.88
N ASN C 6 -13.94 20.84 8.88
CA ASN C 6 -14.06 22.27 8.61
C ASN C 6 -13.39 23.11 9.69
N ARG C 7 -13.33 22.60 10.93
CA ARG C 7 -12.72 23.37 12.01
C ARG C 7 -11.19 23.39 11.93
N VAL C 8 -10.57 22.50 11.17
CA VAL C 8 -9.10 22.45 11.12
C VAL C 8 -8.60 22.71 9.70
N ALA C 9 -9.38 23.49 8.93
CA ALA C 9 -8.99 23.79 7.55
C ALA C 9 -7.63 24.51 7.49
N ASP C 10 -7.41 25.46 8.38
CA ASP C 10 -6.22 26.30 8.40
C ASP C 10 -5.40 26.00 9.64
N ALA C 11 -4.09 25.97 9.48
CA ALA C 11 -3.17 25.76 10.59
C ALA C 11 -2.93 27.10 11.28
N ARG C 12 -3.44 27.25 12.49
CA ARG C 12 -3.31 28.47 13.26
C ARG C 12 -2.70 28.12 14.62
N LEU C 13 -2.56 29.14 15.47
CA LEU C 13 -2.11 28.91 16.84
C LEU C 13 -3.12 28.08 17.61
N GLY C 14 -2.76 26.85 17.94
CA GLY C 14 -3.68 26.04 18.71
C GLY C 14 -4.90 25.54 17.96
N THR C 15 -4.75 25.19 16.68
CA THR C 15 -5.90 24.74 15.92
C THR C 15 -6.39 23.38 16.41
N PHE C 16 -5.56 22.62 17.12
CA PHE C 16 -5.99 21.39 17.77
C PHE C 16 -6.38 21.59 19.22
N SER C 17 -6.04 22.74 19.83
CA SER C 17 -6.28 22.92 21.26
C SER C 17 -7.76 23.07 21.58
N GLN C 18 -8.54 23.66 20.66
CA GLN C 18 -9.99 23.74 20.84
C GLN C 18 -10.60 22.35 20.88
N LEU C 19 -10.11 21.44 20.02
CA LEU C 19 -10.66 20.09 19.96
C LEU C 19 -10.48 19.34 21.28
N LEU C 20 -9.56 19.78 22.13
CA LEU C 20 -9.38 19.15 23.44
C LEU C 20 -10.57 19.39 24.36
N LEU C 21 -11.38 20.42 24.10
CA LEU C 21 -12.51 20.73 24.97
C LEU C 21 -13.75 19.92 24.64
N GLN C 22 -13.74 19.16 23.55
CA GLN C 22 -14.92 18.44 23.10
C GLN C 22 -15.02 17.12 23.87
N TRP C 23 -16.24 16.74 24.23
CA TRP C 23 -16.51 15.52 24.98
C TRP C 23 -17.03 14.39 24.11
N LYS C 24 -17.89 14.69 23.13
CA LYS C 24 -18.41 13.67 22.25
C LYS C 24 -17.30 13.14 21.34
N GLY C 25 -17.14 11.82 21.31
CA GLY C 25 -16.09 11.21 20.51
C GLY C 25 -14.69 11.48 21.00
N SER C 26 -14.53 11.78 22.29
CA SER C 26 -13.25 12.17 22.86
C SER C 26 -12.57 10.97 23.50
N ILE C 27 -11.26 11.11 23.72
CA ILE C 27 -10.51 10.07 24.42
C ILE C 27 -10.94 10.00 25.88
N TYR C 28 -11.33 11.13 26.47
CA TYR C 28 -11.76 11.13 27.87
C TYR C 28 -12.97 10.24 28.07
N LYS C 29 -13.95 10.35 27.17
CA LYS C 29 -15.16 9.55 27.31
C LYS C 29 -14.88 8.06 27.14
N LEU C 30 -13.93 7.70 26.26
CA LEU C 30 -13.60 6.30 26.07
C LEU C 30 -12.81 5.73 27.25
N LEU C 31 -11.94 6.54 27.85
CA LEU C 31 -10.97 6.07 28.83
C LEU C 31 -11.39 6.35 30.27
N TYR C 32 -12.56 6.97 30.48
CA TYR C 32 -13.02 7.35 31.81
C TYR C 32 -12.95 6.22 32.83
N SER C 33 -13.60 5.09 32.53
CA SER C 33 -13.74 4.03 33.51
C SER C 33 -12.40 3.36 33.81
N GLU C 34 -11.64 3.04 32.76
CA GLU C 34 -10.33 2.41 32.96
C GLU C 34 -9.39 3.33 33.73
N PHE C 35 -9.42 4.64 33.42
CA PHE C 35 -8.57 5.59 34.12
C PHE C 35 -8.96 5.66 35.58
N LEU C 36 -10.26 5.66 35.88
CA LEU C 36 -10.70 5.75 37.26
C LEU C 36 -10.28 4.52 38.04
N ILE C 37 -10.38 3.35 37.40
CA ILE C 37 -10.00 2.10 38.07
C ILE C 37 -8.52 2.10 38.36
N PHE C 38 -7.71 2.49 37.38
CA PHE C 38 -6.26 2.50 37.52
C PHE C 38 -5.83 3.47 38.62
N ILE C 39 -6.42 4.67 38.62
CA ILE C 39 -6.07 5.68 39.62
C ILE C 39 -6.46 5.23 41.02
N SER C 40 -7.65 4.63 41.16
CA SER C 40 -8.10 4.15 42.46
C SER C 40 -7.20 3.04 42.97
N LEU C 41 -6.79 2.12 42.09
CA LEU C 41 -5.92 1.03 42.50
C LEU C 41 -4.55 1.57 42.94
N TYR C 42 -4.03 2.56 42.21
CA TYR C 42 -2.74 3.12 42.57
C TYR C 42 -2.81 3.79 43.93
N PHE C 43 -3.86 4.56 44.18
CA PHE C 43 -3.91 5.29 45.43
C PHE C 43 -4.25 4.37 46.59
N ALA C 44 -5.01 3.30 46.36
CA ALA C 44 -5.23 2.32 47.43
C ALA C 44 -3.92 1.64 47.82
N ILE C 45 -3.10 1.29 46.84
CA ILE C 45 -1.82 0.64 47.13
C ILE C 45 -0.89 1.63 47.82
N SER C 46 -0.96 2.90 47.41
CA SER C 46 -0.15 3.93 48.06
C SER C 46 -0.57 4.11 49.51
N LEU C 47 -1.87 4.08 49.79
CA LEU C 47 -2.31 4.23 51.17
C LEU C 47 -1.91 3.03 52.01
N VAL C 48 -1.97 1.82 51.44
CA VAL C 48 -1.53 0.63 52.16
C VAL C 48 -0.05 0.76 52.51
N TYR C 49 0.75 1.23 51.54
CA TYR C 49 2.19 1.33 51.80
C TYR C 49 2.52 2.42 52.79
N ARG C 50 1.76 3.51 52.75
CA ARG C 50 2.06 4.65 53.60
C ARG C 50 1.55 4.51 55.03
N LEU C 51 0.42 3.83 55.24
CA LEU C 51 -0.22 3.84 56.54
C LEU C 51 -0.32 2.46 57.20
N ILE C 52 -0.43 1.39 56.43
CA ILE C 52 -0.72 0.08 56.99
C ILE C 52 0.55 -0.73 57.24
N LEU C 53 1.46 -0.76 56.26
CA LEU C 53 2.62 -1.63 56.36
C LEU C 53 3.59 -1.14 57.43
N SER C 54 4.23 -2.09 58.09
CA SER C 54 5.23 -1.81 59.10
C SER C 54 6.58 -1.62 58.42
N GLU C 55 7.65 -1.55 59.21
CA GLU C 55 8.97 -1.26 58.66
C GLU C 55 9.47 -2.37 57.75
N SER C 56 9.44 -3.61 58.26
CA SER C 56 9.89 -4.74 57.44
C SER C 56 9.01 -4.89 56.21
N GLN C 57 7.70 -4.69 56.37
CA GLN C 57 6.82 -4.86 55.23
C GLN C 57 7.04 -3.75 54.21
N ARG C 58 7.34 -2.55 54.69
CA ARG C 58 7.67 -1.45 53.78
C ARG C 58 8.96 -1.74 53.02
N LEU C 59 9.95 -2.36 53.69
CA LEU C 59 11.20 -2.69 53.02
C LEU C 59 10.96 -3.75 51.94
N MET C 60 10.17 -4.77 52.26
CA MET C 60 9.83 -5.79 51.26
C MET C 60 9.08 -5.17 50.08
N PHE C 61 8.14 -4.25 50.37
CA PHE C 61 7.40 -3.59 49.30
C PHE C 61 8.31 -2.73 48.44
N GLU C 62 9.28 -2.06 49.05
CA GLU C 62 10.23 -1.25 48.29
C GLU C 62 11.08 -2.12 47.37
N LYS C 63 11.53 -3.27 47.86
CA LYS C 63 12.29 -4.17 46.99
C LYS C 63 11.42 -4.67 45.82
N LEU C 64 10.17 -5.03 46.12
CA LEU C 64 9.28 -5.49 45.06
C LEU C 64 9.02 -4.40 44.05
N ALA C 65 8.97 -3.15 44.50
CA ALA C 65 8.63 -2.06 43.58
C ALA C 65 9.82 -1.75 42.69
N LEU C 66 11.03 -1.80 43.25
CA LEU C 66 12.22 -1.66 42.41
C LEU C 66 12.29 -2.78 41.38
N TYR C 67 12.01 -4.01 41.80
CA TYR C 67 12.02 -5.16 40.89
C TYR C 67 11.01 -4.96 39.76
N CYS C 68 9.77 -4.61 40.11
CA CYS C 68 8.74 -4.45 39.09
C CYS C 68 9.06 -3.31 38.14
N ASN C 69 9.54 -2.18 38.67
CA ASN C 69 9.85 -1.04 37.80
C ASN C 69 11.01 -1.36 36.86
N SER C 70 11.99 -2.12 37.33
CA SER C 70 13.10 -2.46 36.45
C SER C 70 12.68 -3.46 35.40
N TYR C 71 11.93 -4.50 35.77
CA TYR C 71 11.67 -5.57 34.81
C TYR C 71 10.37 -5.43 34.04
N ALA C 72 9.60 -4.36 34.27
CA ALA C 72 8.41 -4.15 33.45
C ALA C 72 8.74 -3.69 32.05
N GLU C 73 9.99 -3.29 31.78
CA GLU C 73 10.40 -2.90 30.45
C GLU C 73 10.61 -4.10 29.53
N LEU C 74 10.66 -5.31 30.07
CA LEU C 74 10.70 -6.51 29.25
C LEU C 74 9.42 -6.72 28.45
N ILE C 75 8.31 -6.14 28.90
CA ILE C 75 7.03 -6.20 28.20
C ILE C 75 7.09 -5.28 27.00
N PRO C 76 7.04 -5.82 25.77
CA PRO C 76 7.11 -4.96 24.57
C PRO C 76 5.77 -4.33 24.19
N VAL C 77 5.35 -3.36 25.00
CA VAL C 77 4.04 -2.74 24.82
C VAL C 77 3.97 -2.02 23.48
N SER C 78 4.98 -1.19 23.17
CA SER C 78 4.84 -0.41 21.95
C SER C 78 4.97 -1.29 20.72
N PHE C 79 5.81 -2.33 20.80
CA PHE C 79 6.00 -3.26 19.68
C PHE C 79 4.68 -3.89 19.25
N VAL C 80 3.94 -4.47 20.20
CA VAL C 80 2.68 -5.12 19.83
C VAL C 80 1.60 -4.10 19.55
N LEU C 81 1.59 -2.98 20.30
CA LEU C 81 0.50 -2.02 20.19
C LEU C 81 0.53 -1.29 18.84
N GLY C 82 1.71 -0.96 18.34
CA GLY C 82 1.82 -0.28 17.07
C GLY C 82 1.37 -1.15 15.91
N PHE C 83 1.77 -2.43 15.91
CA PHE C 83 1.31 -3.35 14.87
C PHE C 83 -0.21 -3.52 14.92
N TYR C 84 -0.76 -3.68 16.12
CA TYR C 84 -2.18 -3.96 16.25
C TYR C 84 -2.98 -2.75 15.78
N VAL C 85 -2.53 -1.55 16.15
CA VAL C 85 -3.23 -0.33 15.76
C VAL C 85 -3.12 -0.08 14.26
N SER C 86 -1.96 -0.34 13.67
CA SER C 86 -1.84 -0.17 12.22
C SER C 86 -2.79 -1.10 11.48
N LEU C 87 -2.88 -2.37 11.92
CA LEU C 87 -3.83 -3.29 11.30
C LEU C 87 -5.27 -2.80 11.46
N VAL C 88 -5.64 -2.34 12.66
CA VAL C 88 -7.00 -1.87 12.92
C VAL C 88 -7.34 -0.70 12.01
N VAL C 89 -6.40 0.22 11.84
CA VAL C 89 -6.64 1.48 11.12
C VAL C 89 -6.77 1.22 9.63
N SER C 90 -5.89 0.37 9.09
CA SER C 90 -6.00 0.02 7.68
C SER C 90 -7.34 -0.66 7.40
N ARG C 91 -7.75 -1.59 8.28
CA ARG C 91 -9.04 -2.25 8.10
C ARG C 91 -10.20 -1.26 8.25
N TRP C 92 -10.06 -0.28 9.13
CA TRP C 92 -11.10 0.72 9.33
C TRP C 92 -11.37 1.51 8.05
N TRP C 93 -10.31 2.06 7.46
CA TRP C 93 -10.55 2.84 6.24
C TRP C 93 -11.00 1.94 5.08
N ALA C 94 -10.43 0.74 4.98
CA ALA C 94 -10.88 -0.16 3.92
C ALA C 94 -12.35 -0.52 4.08
N GLN C 95 -12.83 -0.64 5.32
CA GLN C 95 -14.24 -0.94 5.53
C GLN C 95 -15.11 0.25 5.15
N TYR C 96 -14.65 1.47 5.43
CA TYR C 96 -15.45 2.60 4.97
C TYR C 96 -15.56 2.60 3.45
N GLU C 97 -14.44 2.32 2.77
CA GLU C 97 -14.45 2.38 1.31
C GLU C 97 -15.27 1.26 0.68
N SER C 98 -15.61 0.23 1.44
CA SER C 98 -16.41 -0.89 0.94
C SER C 98 -17.90 -0.68 1.10
N ILE C 99 -18.33 0.40 1.75
CA ILE C 99 -19.76 0.65 1.91
C ILE C 99 -20.37 1.01 0.56
N PRO C 100 -21.41 0.32 0.12
CA PRO C 100 -21.93 0.55 -1.23
C PRO C 100 -22.72 1.85 -1.31
N TRP C 101 -22.52 2.59 -2.41
CA TRP C 101 -23.30 3.75 -2.76
C TRP C 101 -24.07 3.48 -4.05
N PRO C 102 -25.31 3.94 -4.14
CA PRO C 102 -26.15 3.67 -5.31
C PRO C 102 -26.01 4.65 -6.46
N ASP C 103 -25.11 5.63 -6.35
CA ASP C 103 -25.05 6.75 -7.28
C ASP C 103 -24.68 6.31 -8.70
N ARG C 104 -23.63 5.48 -8.83
CA ARG C 104 -23.24 4.96 -10.14
C ARG C 104 -24.37 4.16 -10.79
N ILE C 105 -25.08 3.35 -10.01
CA ILE C 105 -26.19 2.57 -10.53
C ILE C 105 -27.34 3.49 -10.93
N MET C 106 -27.66 4.46 -10.07
CA MET C 106 -28.83 5.30 -10.32
C MET C 106 -28.62 6.23 -11.50
N ASN C 107 -27.37 6.64 -11.77
CA ASN C 107 -27.11 7.45 -12.96
C ASN C 107 -27.50 6.70 -14.23
N LEU C 108 -27.18 5.40 -14.28
CA LEU C 108 -27.52 4.62 -15.47
C LEU C 108 -29.00 4.24 -15.51
N VAL C 109 -29.59 3.94 -14.35
CA VAL C 109 -30.99 3.53 -14.32
C VAL C 109 -31.90 4.71 -14.66
N SER C 110 -31.58 5.90 -14.16
CA SER C 110 -32.38 7.08 -14.45
C SER C 110 -32.40 7.43 -15.93
N CYS C 111 -31.32 7.18 -16.65
CA CYS C 111 -31.25 7.64 -18.03
C CYS C 111 -31.46 6.55 -19.07
N ASN C 112 -31.27 5.27 -18.72
CA ASN C 112 -31.30 4.21 -19.71
C ASN C 112 -32.51 3.29 -19.61
N VAL C 113 -33.33 3.44 -18.57
CA VAL C 113 -34.56 2.67 -18.46
C VAL C 113 -35.69 3.62 -18.86
N ASP C 114 -36.19 3.46 -20.08
CA ASP C 114 -37.13 4.39 -20.69
C ASP C 114 -38.57 4.21 -20.19
N GLY C 115 -39.39 5.21 -20.51
CA GLY C 115 -40.79 5.21 -20.15
C GLY C 115 -41.19 6.19 -19.08
N GLU C 116 -41.99 7.19 -19.43
CA GLU C 116 -42.54 8.11 -18.45
C GLU C 116 -43.87 7.65 -17.87
N ASP C 117 -44.35 6.47 -18.28
CA ASP C 117 -45.64 5.94 -17.84
C ASP C 117 -45.48 5.27 -16.48
N GLU C 118 -46.54 4.62 -16.01
CA GLU C 118 -46.48 3.97 -14.70
C GLU C 118 -45.49 2.81 -14.70
N TYR C 119 -45.41 2.06 -15.80
CA TYR C 119 -44.57 0.87 -15.82
C TYR C 119 -43.08 1.24 -15.81
N GLY C 120 -42.70 2.29 -16.53
CA GLY C 120 -41.31 2.74 -16.49
C GLY C 120 -40.90 3.22 -15.11
N ARG C 121 -41.78 3.97 -14.46
CA ARG C 121 -41.49 4.43 -13.10
C ARG C 121 -41.38 3.24 -12.16
N LEU C 122 -42.28 2.25 -12.29
CA LEU C 122 -42.22 1.06 -11.46
C LEU C 122 -40.91 0.31 -11.67
N LEU C 123 -40.47 0.19 -12.92
CA LEU C 123 -39.23 -0.53 -13.21
C LEU C 123 -38.03 0.17 -12.59
N ARG C 124 -37.93 1.48 -12.80
CA ARG C 124 -36.78 2.21 -12.26
C ARG C 124 -36.75 2.17 -10.73
N ARG C 125 -37.92 2.38 -10.12
CA ARG C 125 -38.02 2.39 -8.67
C ARG C 125 -37.69 1.01 -8.10
N THR C 126 -38.17 -0.05 -8.76
CA THR C 126 -37.92 -1.40 -8.27
C THR C 126 -36.46 -1.79 -8.40
N LEU C 127 -35.80 -1.40 -9.50
CA LEU C 127 -34.38 -1.67 -9.64
C LEU C 127 -33.58 -0.99 -8.55
N MET C 128 -33.85 0.30 -8.32
CA MET C 128 -33.15 1.01 -7.25
C MET C 128 -33.43 0.38 -5.89
N ARG C 129 -34.68 -0.03 -5.66
CA ARG C 129 -35.04 -0.65 -4.39
C ARG C 129 -34.32 -1.98 -4.20
N TYR C 130 -34.12 -2.74 -5.27
CA TYR C 130 -33.38 -4.00 -5.16
C TYR C 130 -31.92 -3.75 -4.79
N SER C 131 -31.29 -2.76 -5.44
CA SER C 131 -29.89 -2.49 -5.13
C SER C 131 -29.74 -2.00 -3.69
N ASN C 132 -30.60 -1.06 -3.29
CA ASN C 132 -30.60 -0.59 -1.92
C ASN C 132 -30.90 -1.73 -0.94
N LEU C 133 -31.73 -2.70 -1.34
CA LEU C 133 -32.08 -3.79 -0.46
C LEU C 133 -30.89 -4.70 -0.23
N CYS C 134 -30.11 -4.97 -1.28
CA CYS C 134 -28.87 -5.71 -1.10
C CYS C 134 -27.95 -5.01 -0.11
N SER C 135 -27.80 -3.68 -0.27
CA SER C 135 -26.94 -2.95 0.65
C SER C 135 -27.47 -3.03 2.08
N VAL C 136 -28.79 -2.88 2.26
CA VAL C 136 -29.41 -2.93 3.59
C VAL C 136 -29.20 -4.30 4.22
N LEU C 137 -29.35 -5.36 3.43
CA LEU C 137 -29.23 -6.71 3.96
C LEU C 137 -27.82 -6.97 4.48
N ILE C 138 -26.82 -6.61 3.67
CA ILE C 138 -25.44 -6.86 4.11
C ILE C 138 -25.11 -5.96 5.29
N LEU C 139 -25.63 -4.73 5.30
CA LEU C 139 -25.33 -3.82 6.41
C LEU C 139 -25.93 -4.33 7.71
N ARG C 140 -27.17 -4.80 7.69
CA ARG C 140 -27.75 -5.35 8.91
C ARG C 140 -27.09 -6.68 9.29
N SER C 141 -26.44 -7.36 8.35
CA SER C 141 -25.61 -8.49 8.73
C SER C 141 -24.33 -8.05 9.45
N VAL C 142 -23.77 -6.90 9.10
CA VAL C 142 -22.43 -6.52 9.56
C VAL C 142 -22.46 -5.41 10.59
N SER C 143 -23.61 -4.78 10.84
CA SER C 143 -23.70 -3.60 11.69
C SER C 143 -24.75 -3.82 12.76
N THR C 144 -24.34 -3.64 14.03
CA THR C 144 -25.30 -3.77 15.13
C THR C 144 -26.32 -2.64 15.13
N ALA C 145 -25.92 -1.45 14.68
CA ALA C 145 -26.86 -0.34 14.62
C ALA C 145 -27.98 -0.63 13.63
N VAL C 146 -27.62 -1.10 12.44
CA VAL C 146 -28.62 -1.40 11.41
C VAL C 146 -29.47 -2.58 11.85
N TYR C 147 -28.85 -3.55 12.53
CA TYR C 147 -29.58 -4.73 12.98
C TYR C 147 -30.58 -4.35 14.07
N LYS C 148 -30.22 -3.41 14.94
CA LYS C 148 -31.15 -2.96 15.96
C LYS C 148 -32.26 -2.13 15.35
N ARG C 149 -31.97 -1.43 14.25
CA ARG C 149 -33.02 -0.73 13.50
C ARG C 149 -33.97 -1.71 12.83
N PHE C 150 -33.42 -2.77 12.24
CA PHE C 150 -34.19 -3.80 11.53
C PHE C 150 -33.93 -5.16 12.18
N PRO C 151 -34.58 -5.46 13.31
CA PRO C 151 -34.29 -6.75 13.97
C PRO C 151 -34.84 -7.97 13.23
N SER C 152 -35.81 -7.81 12.33
CA SER C 152 -36.30 -8.88 11.51
C SER C 152 -36.64 -8.31 10.14
N MET C 153 -36.94 -9.21 9.20
CA MET C 153 -37.32 -8.79 7.86
C MET C 153 -38.64 -8.05 7.82
N GLU C 154 -39.51 -8.30 8.80
CA GLU C 154 -40.76 -7.56 8.89
C GLU C 154 -40.50 -6.07 9.10
N HIS C 155 -39.46 -5.74 9.87
CA HIS C 155 -39.07 -4.33 10.02
C HIS C 155 -38.60 -3.75 8.70
N VAL C 156 -37.91 -4.56 7.88
CA VAL C 156 -37.48 -4.11 6.56
C VAL C 156 -38.68 -3.86 5.66
N VAL C 157 -39.72 -4.68 5.81
CA VAL C 157 -40.92 -4.49 5.00
C VAL C 157 -41.67 -3.24 5.44
N ARG C 158 -41.76 -3.02 6.75
CA ARG C 158 -42.50 -1.88 7.29
C ARG C 158 -41.80 -0.55 6.97
N ALA C 159 -40.52 -0.59 6.66
CA ALA C 159 -39.78 0.62 6.29
C ALA C 159 -39.83 0.91 4.80
N GLY C 160 -40.59 0.14 4.02
CA GLY C 160 -40.70 0.32 2.59
C GLY C 160 -39.53 -0.15 1.77
N LEU C 161 -38.51 -0.73 2.40
CA LEU C 161 -37.38 -1.25 1.64
C LEU C 161 -37.72 -2.53 0.90
N MET C 162 -38.73 -3.26 1.37
CA MET C 162 -39.11 -4.52 0.74
C MET C 162 -40.63 -4.64 0.78
N THR C 163 -41.26 -5.04 -0.32
CA THR C 163 -42.70 -5.20 -0.35
C THR C 163 -43.08 -6.54 0.27
N PRO C 164 -44.35 -6.73 0.65
CA PRO C 164 -44.71 -8.02 1.24
C PRO C 164 -44.60 -9.17 0.25
N GLU C 165 -44.87 -8.92 -1.03
CA GLU C 165 -44.66 -9.95 -2.04
C GLU C 165 -43.20 -10.33 -2.15
N GLU C 166 -42.32 -9.34 -2.14
CA GLU C 166 -40.89 -9.62 -2.17
C GLU C 166 -40.46 -10.35 -0.92
N HIS C 167 -41.10 -10.08 0.21
CA HIS C 167 -40.76 -10.81 1.43
C HIS C 167 -41.19 -12.27 1.34
N LYS C 168 -42.36 -12.53 0.74
CA LYS C 168 -42.80 -13.91 0.57
C LYS C 168 -41.89 -14.66 -0.39
N LYS C 169 -41.50 -14.01 -1.49
CA LYS C 169 -40.57 -14.65 -2.42
C LYS C 169 -39.21 -14.87 -1.77
N PHE C 170 -38.75 -13.89 -0.98
CA PHE C 170 -37.47 -14.00 -0.30
C PHE C 170 -37.46 -15.18 0.66
N GLU C 171 -38.54 -15.36 1.41
CA GLU C 171 -38.62 -16.47 2.37
C GLU C 171 -38.87 -17.81 1.68
N SER C 172 -39.47 -17.81 0.50
CA SER C 172 -39.70 -19.07 -0.20
C SER C 172 -38.39 -19.68 -0.71
N LEU C 173 -37.39 -18.85 -1.00
CA LEU C 173 -36.10 -19.35 -1.43
C LEU C 173 -35.35 -19.92 -0.23
N ASN C 174 -34.98 -21.20 -0.32
CA ASN C 174 -34.42 -21.92 0.81
C ASN C 174 -32.90 -21.95 0.70
N SER C 175 -32.22 -21.40 1.70
CA SER C 175 -30.77 -21.35 1.74
C SER C 175 -30.27 -21.30 3.18
N PRO C 176 -29.34 -22.17 3.57
CA PRO C 176 -28.83 -22.16 4.94
C PRO C 176 -27.74 -21.12 5.14
N HIS C 177 -27.62 -20.18 4.20
CA HIS C 177 -26.57 -19.18 4.23
C HIS C 177 -27.19 -17.78 4.18
N ASN C 178 -26.34 -16.77 4.34
CA ASN C 178 -26.79 -15.38 4.32
C ASN C 178 -27.40 -15.04 2.96
N LYS C 179 -28.58 -14.42 2.96
CA LYS C 179 -29.35 -14.20 1.74
C LYS C 179 -29.24 -12.77 1.22
N PHE C 180 -28.14 -12.07 1.53
CA PHE C 180 -28.00 -10.69 1.07
C PHE C 180 -27.84 -10.60 -0.44
N TRP C 181 -27.44 -11.70 -1.10
CA TRP C 181 -27.18 -11.70 -2.54
C TRP C 181 -28.43 -11.85 -3.38
N ILE C 182 -29.57 -12.21 -2.77
CA ILE C 182 -30.82 -12.40 -3.52
C ILE C 182 -31.21 -11.17 -4.33
N PRO C 183 -31.27 -9.96 -3.76
CA PRO C 183 -31.73 -8.83 -4.55
C PRO C 183 -30.82 -8.49 -5.71
N CYS C 184 -29.56 -8.90 -5.70
CA CYS C 184 -28.71 -8.68 -6.88
C CYS C 184 -29.16 -9.56 -8.05
N VAL C 185 -29.49 -10.83 -7.77
CA VAL C 185 -30.02 -11.71 -8.81
C VAL C 185 -31.35 -11.16 -9.30
N TRP C 186 -32.17 -10.64 -8.37
CA TRP C 186 -33.44 -10.04 -8.77
C TRP C 186 -33.21 -8.84 -9.68
N PHE C 187 -32.24 -8.00 -9.33
CA PHE C 187 -31.89 -6.84 -10.14
C PHE C 187 -31.47 -7.25 -11.55
N SER C 188 -30.55 -8.24 -11.66
CA SER C 188 -30.08 -8.63 -12.99
C SER C 188 -31.22 -9.19 -13.82
N ASN C 189 -32.08 -10.01 -13.21
CA ASN C 189 -33.19 -10.59 -13.96
C ASN C 189 -34.21 -9.53 -14.36
N LEU C 190 -34.47 -8.56 -13.48
CA LEU C 190 -35.39 -7.48 -13.83
C LEU C 190 -34.83 -6.60 -14.92
N ALA C 191 -33.52 -6.33 -14.87
CA ALA C 191 -32.90 -5.52 -15.92
C ALA C 191 -33.00 -6.23 -17.26
N VAL C 192 -32.77 -7.55 -17.28
CA VAL C 192 -32.90 -8.27 -18.55
C VAL C 192 -34.35 -8.29 -19.00
N LYS C 193 -35.28 -8.35 -18.06
CA LYS C 193 -36.70 -8.32 -18.42
C LYS C 193 -37.08 -6.98 -19.02
N ALA C 194 -36.55 -5.90 -18.45
CA ALA C 194 -36.78 -4.56 -18.99
C ALA C 194 -36.21 -4.44 -20.40
N ARG C 195 -35.05 -5.06 -20.63
CA ARG C 195 -34.41 -5.04 -21.93
C ARG C 195 -35.25 -5.80 -22.95
N ASN C 196 -35.80 -6.94 -22.53
CA ASN C 196 -36.58 -7.77 -23.43
C ASN C 196 -37.93 -7.17 -23.76
N GLU C 197 -38.42 -6.24 -22.94
CA GLU C 197 -39.67 -5.53 -23.17
C GLU C 197 -39.47 -4.21 -23.90
N GLY C 198 -38.24 -3.91 -24.32
CA GLY C 198 -37.98 -2.67 -25.05
C GLY C 198 -37.67 -1.47 -24.19
N ARG C 199 -37.62 -1.62 -22.87
CA ARG C 199 -37.37 -0.48 -21.99
C ARG C 199 -35.90 -0.09 -21.94
N ILE C 200 -35.00 -1.03 -22.21
CA ILE C 200 -33.58 -0.75 -22.36
C ILE C 200 -33.23 -0.93 -23.83
N ARG C 201 -32.58 0.08 -24.42
CA ARG C 201 -32.49 0.15 -25.87
C ARG C 201 -31.74 -1.04 -26.47
N ASP C 202 -30.63 -1.43 -25.86
CA ASP C 202 -29.77 -2.46 -26.44
C ASP C 202 -28.91 -3.08 -25.34
N SER C 203 -28.07 -4.03 -25.74
CA SER C 203 -27.37 -4.84 -24.77
C SER C 203 -26.10 -4.17 -24.25
N VAL C 204 -25.66 -3.09 -24.90
CA VAL C 204 -24.50 -2.36 -24.37
C VAL C 204 -24.87 -1.60 -23.11
N LEU C 205 -26.03 -0.98 -23.11
CA LEU C 205 -26.54 -0.26 -21.96
C LEU C 205 -26.95 -1.22 -20.85
N LEU C 206 -27.63 -2.31 -21.21
CA LEU C 206 -27.91 -3.38 -20.27
C LEU C 206 -26.64 -3.91 -19.61
N GLN C 207 -25.58 -4.12 -20.38
CA GLN C 207 -24.33 -4.64 -19.80
C GLN C 207 -23.68 -3.61 -18.90
N GLY C 208 -23.76 -2.34 -19.24
CA GLY C 208 -23.27 -1.29 -18.35
C GLY C 208 -23.99 -1.30 -17.01
N ILE C 209 -25.31 -1.45 -17.04
CA ILE C 209 -26.07 -1.51 -15.80
C ILE C 209 -25.69 -2.75 -14.98
N LEU C 210 -25.51 -3.89 -15.65
CA LEU C 210 -25.13 -5.11 -14.96
C LEU C 210 -23.73 -5.01 -14.38
N ASN C 211 -22.82 -4.33 -15.08
CA ASN C 211 -21.48 -4.12 -14.55
C ASN C 211 -21.53 -3.30 -13.27
N GLU C 212 -22.36 -2.24 -13.25
CA GLU C 212 -22.46 -1.47 -12.02
C GLU C 212 -23.07 -2.29 -10.91
N LEU C 213 -23.98 -3.20 -11.26
CA LEU C 213 -24.60 -4.04 -10.24
C LEU C 213 -23.56 -4.97 -9.64
N ASN C 214 -22.70 -5.52 -10.50
CA ASN C 214 -21.65 -6.42 -10.01
C ASN C 214 -20.60 -5.67 -9.19
N THR C 215 -20.31 -4.43 -9.55
CA THR C 215 -19.45 -3.59 -8.72
C THR C 215 -20.06 -3.40 -7.32
N LEU C 216 -21.35 -3.16 -7.27
CA LEU C 216 -22.07 -3.06 -6.00
C LEU C 216 -21.97 -4.37 -5.20
N ARG C 217 -22.20 -5.49 -5.89
CA ARG C 217 -22.06 -6.79 -5.24
C ARG C 217 -20.67 -6.95 -4.63
N SER C 218 -19.62 -6.62 -5.39
CA SER C 218 -18.27 -6.76 -4.85
C SER C 218 -18.07 -5.90 -3.60
N GLN C 219 -18.65 -4.70 -3.57
CA GLN C 219 -18.60 -3.91 -2.33
C GLN C 219 -19.24 -4.67 -1.17
N CYS C 220 -20.39 -5.29 -1.42
CA CYS C 220 -21.09 -6.01 -0.37
C CYS C 220 -20.27 -7.22 0.08
N GLY C 221 -19.59 -7.86 -0.86
CA GLY C 221 -18.73 -8.97 -0.54
C GLY C 221 -17.53 -8.55 0.30
N ARG C 222 -16.99 -7.37 0.04
CA ARG C 222 -15.89 -6.86 0.88
C ARG C 222 -16.36 -6.58 2.30
N LEU C 223 -17.53 -5.96 2.45
CA LEU C 223 -18.14 -5.83 3.78
C LEU C 223 -18.29 -7.18 4.47
N TYR C 224 -18.79 -8.18 3.73
CA TYR C 224 -18.97 -9.51 4.29
C TYR C 224 -17.63 -10.11 4.73
N GLY C 225 -16.59 -9.87 3.93
CA GLY C 225 -15.29 -10.41 4.26
C GLY C 225 -14.68 -9.78 5.49
N TYR C 226 -14.82 -8.46 5.64
CA TYR C 226 -14.28 -7.81 6.84
C TYR C 226 -15.07 -8.20 8.09
N ASP C 227 -16.38 -8.42 7.95
CA ASP C 227 -17.17 -8.89 9.09
C ASP C 227 -16.80 -10.32 9.47
N TRP C 228 -16.71 -11.21 8.47
CA TRP C 228 -16.45 -12.61 8.72
C TRP C 228 -15.03 -12.83 9.22
N ILE C 229 -14.05 -12.28 8.51
CA ILE C 229 -12.63 -12.47 8.80
C ILE C 229 -12.23 -11.34 9.73
N SER C 230 -12.39 -11.56 11.04
CA SER C 230 -11.97 -10.54 11.99
C SER C 230 -10.45 -10.61 12.15
N ILE C 231 -9.91 -9.57 12.77
CA ILE C 231 -8.52 -9.62 13.21
C ILE C 231 -8.33 -10.87 14.06
N PRO C 232 -7.29 -11.67 13.82
CA PRO C 232 -7.09 -12.91 14.58
C PRO C 232 -7.19 -12.67 16.07
N LEU C 233 -7.98 -13.52 16.74
CA LEU C 233 -8.23 -13.36 18.18
C LEU C 233 -6.93 -13.38 18.98
N VAL C 234 -5.93 -14.10 18.49
CA VAL C 234 -4.65 -14.21 19.18
C VAL C 234 -4.03 -12.83 19.33
N TYR C 235 -4.10 -12.01 18.28
CA TYR C 235 -3.55 -10.66 18.33
C TYR C 235 -4.26 -9.81 19.38
N THR C 236 -5.59 -9.86 19.38
CA THR C 236 -6.35 -9.07 20.35
C THR C 236 -6.01 -9.47 21.78
N GLN C 237 -5.92 -10.79 22.03
CA GLN C 237 -5.59 -11.28 23.36
C GLN C 237 -4.20 -10.85 23.77
N VAL C 238 -3.23 -10.97 22.85
CA VAL C 238 -1.85 -10.62 23.18
C VAL C 238 -1.73 -9.14 23.51
N VAL C 239 -2.40 -8.29 22.73
CA VAL C 239 -2.23 -6.85 22.89
C VAL C 239 -2.91 -6.39 24.18
N THR C 240 -4.09 -6.95 24.50
CA THR C 240 -4.71 -6.56 25.75
C THR C 240 -3.93 -7.08 26.96
N VAL C 241 -3.37 -8.29 26.87
CA VAL C 241 -2.51 -8.82 27.91
C VAL C 241 -1.29 -7.92 28.11
N ALA C 242 -0.72 -7.42 27.01
CA ALA C 242 0.48 -6.61 27.14
C ALA C 242 0.16 -5.30 27.85
N VAL C 243 -0.89 -4.62 27.44
CA VAL C 243 -1.23 -3.35 28.09
C VAL C 243 -1.58 -3.59 29.57
N TYR C 244 -2.43 -4.59 29.83
CA TYR C 244 -2.91 -4.80 31.19
C TYR C 244 -1.79 -5.21 32.12
N SER C 245 -0.90 -6.10 31.66
CA SER C 245 0.21 -6.55 32.51
C SER C 245 1.19 -5.41 32.74
N PHE C 246 1.43 -4.57 31.73
CA PHE C 246 2.35 -3.47 31.94
C PHE C 246 1.83 -2.50 32.99
N PHE C 247 0.53 -2.22 32.98
CA PHE C 247 0.06 -1.25 33.97
C PHE C 247 -0.24 -1.89 35.32
N LEU C 248 -0.48 -3.20 35.36
CA LEU C 248 -0.51 -3.90 36.63
C LEU C 248 0.85 -3.89 37.29
N ALA C 249 1.91 -4.04 36.50
CA ALA C 249 3.26 -3.89 37.04
C ALA C 249 3.48 -2.46 37.51
N CYS C 250 2.99 -1.48 36.74
CA CYS C 250 3.19 -0.08 37.12
C CYS C 250 2.47 0.28 38.42
N LEU C 251 1.43 -0.48 38.77
CA LEU C 251 0.72 -0.24 40.02
C LEU C 251 1.62 -0.42 41.23
N ILE C 252 2.70 -1.19 41.08
CA ILE C 252 3.67 -1.39 42.14
C ILE C 252 4.97 -0.65 41.87
N GLY C 253 5.47 -0.73 40.64
CA GLY C 253 6.78 -0.16 40.33
C GLY C 253 6.80 1.35 40.26
N ARG C 254 5.64 2.00 40.14
CA ARG C 254 5.59 3.45 40.03
C ARG C 254 5.11 4.12 41.32
N GLN C 255 5.07 3.38 42.42
CA GLN C 255 4.78 3.99 43.70
C GLN C 255 5.92 4.90 44.16
N PHE C 256 5.56 5.92 44.95
CA PHE C 256 6.54 6.85 45.49
C PHE C 256 7.17 6.22 46.73
N LEU C 257 8.40 5.72 46.57
CA LEU C 257 9.13 5.09 47.66
C LEU C 257 9.63 6.15 48.64
N ASP C 258 9.99 5.70 49.82
CA ASP C 258 10.46 6.57 50.89
C ASP C 258 11.74 7.29 50.47
N PRO C 259 11.74 8.63 50.40
CA PRO C 259 12.97 9.34 49.98
C PRO C 259 14.12 9.20 50.96
N GLU C 260 13.87 8.79 52.20
CA GLU C 260 14.96 8.61 53.15
C GLU C 260 15.83 7.42 52.80
N LYS C 261 15.28 6.43 52.10
CA LYS C 261 16.07 5.29 51.68
C LYS C 261 17.01 5.60 50.52
N ALA C 262 16.88 6.77 49.90
CA ALA C 262 17.77 7.25 48.84
C ALA C 262 17.84 6.26 47.67
N TYR C 263 16.70 5.68 47.33
CA TYR C 263 16.63 4.86 46.12
C TYR C 263 16.79 5.75 44.90
N PRO C 264 17.50 5.28 43.85
CA PRO C 264 17.69 6.13 42.67
C PRO C 264 16.37 6.28 41.94
N GLY C 265 15.98 7.54 41.71
CA GLY C 265 14.73 7.84 41.05
C GLY C 265 13.58 8.08 42.00
N HIS C 266 13.77 7.88 43.30
CA HIS C 266 12.74 8.10 44.31
C HIS C 266 13.17 9.17 45.31
N GLU C 267 13.81 10.23 44.80
CA GLU C 267 14.28 11.29 45.68
C GLU C 267 13.18 12.25 46.09
N LEU C 268 12.12 12.40 45.27
CA LEU C 268 11.07 13.37 45.50
C LEU C 268 9.73 12.65 45.55
N ASP C 269 8.95 12.92 46.60
CA ASP C 269 7.65 12.28 46.82
C ASP C 269 6.55 13.29 46.52
N LEU C 270 5.89 13.12 45.37
CA LEU C 270 4.84 14.03 44.93
C LEU C 270 3.44 13.44 45.07
N PHE C 271 3.34 12.21 45.57
CA PHE C 271 2.09 11.52 45.88
C PHE C 271 1.34 11.06 44.63
N VAL C 272 1.30 11.89 43.58
CA VAL C 272 0.58 11.57 42.35
C VAL C 272 1.60 11.33 41.26
N PRO C 273 1.62 10.15 40.63
CA PRO C 273 2.54 9.90 39.51
C PRO C 273 2.02 10.49 38.20
N VAL C 274 2.30 11.78 37.99
CA VAL C 274 1.72 12.48 36.85
C VAL C 274 2.17 11.83 35.54
N PHE C 275 3.45 11.46 35.47
CA PHE C 275 3.97 10.86 34.24
C PHE C 275 3.50 9.42 34.07
N THR C 276 3.28 8.69 35.16
CA THR C 276 2.69 7.35 35.03
C THR C 276 1.24 7.43 34.56
N PHE C 277 0.48 8.38 35.09
CA PHE C 277 -0.89 8.58 34.65
C PHE C 277 -0.92 9.05 33.20
N LEU C 278 0.06 9.87 32.80
CA LEU C 278 0.13 10.26 31.39
C LEU C 278 0.43 9.06 30.49
N GLN C 279 1.30 8.17 30.96
CA GLN C 279 1.70 7.02 30.15
C GLN C 279 0.53 6.06 30.02
N PHE C 280 -0.25 5.93 31.09
CA PHE C 280 -1.50 5.19 31.02
C PHE C 280 -2.45 5.83 30.02
N PHE C 281 -2.61 7.15 30.09
CA PHE C 281 -3.45 7.87 29.14
C PHE C 281 -3.08 7.49 27.71
N PHE C 282 -1.80 7.59 27.37
CA PHE C 282 -1.38 7.36 26.00
C PHE C 282 -1.53 5.90 25.59
N TYR C 283 -0.98 4.96 26.36
CA TYR C 283 -1.00 3.55 25.93
C TYR C 283 -2.41 2.97 26.05
N ALA C 284 -3.02 3.07 27.23
CA ALA C 284 -4.39 2.57 27.38
C ALA C 284 -5.35 3.23 26.40
N GLY C 285 -5.19 4.52 26.15
CA GLY C 285 -6.04 5.20 25.20
C GLY C 285 -5.81 4.67 23.80
N TRP C 286 -4.55 4.41 23.44
CA TRP C 286 -4.24 3.81 22.15
C TRP C 286 -4.98 2.48 21.98
N LEU C 287 -4.97 1.67 23.03
CA LEU C 287 -5.73 0.41 23.01
C LEU C 287 -7.24 0.66 22.89
N LYS C 288 -7.76 1.64 23.63
CA LYS C 288 -9.19 1.92 23.59
C LYS C 288 -9.63 2.40 22.21
N VAL C 289 -8.81 3.23 21.56
CA VAL C 289 -9.12 3.64 20.18
C VAL C 289 -9.16 2.42 19.28
N ALA C 290 -8.22 1.49 19.45
CA ALA C 290 -8.29 0.24 18.69
C ALA C 290 -9.58 -0.52 19.01
N GLU C 291 -10.02 -0.48 20.26
CA GLU C 291 -11.24 -1.17 20.64
C GLU C 291 -12.46 -0.55 19.95
N GLN C 292 -12.46 0.77 19.80
CA GLN C 292 -13.56 1.47 19.15
C GLN C 292 -13.54 1.27 17.64
N LEU C 293 -12.36 1.27 17.02
CA LEU C 293 -12.27 1.14 15.58
C LEU C 293 -12.34 -0.30 15.06
N ILE C 294 -12.20 -1.31 15.92
CA ILE C 294 -12.10 -2.68 15.43
C ILE C 294 -13.38 -3.11 14.73
N ASN C 295 -14.53 -2.63 15.19
CA ASN C 295 -15.80 -2.81 14.49
C ASN C 295 -16.40 -1.41 14.34
N PRO C 296 -16.18 -0.75 13.20
CA PRO C 296 -16.68 0.62 13.02
C PRO C 296 -18.16 0.71 12.62
N PHE C 297 -18.89 -0.40 12.70
CA PHE C 297 -20.30 -0.47 12.36
C PHE C 297 -21.19 -0.62 13.61
N GLY C 298 -20.66 -0.35 14.79
CA GLY C 298 -21.41 -0.40 16.01
C GLY C 298 -22.09 0.92 16.33
N GLU C 299 -22.31 1.15 17.63
CA GLU C 299 -22.98 2.34 18.11
C GLU C 299 -22.04 3.28 18.87
N ASP C 300 -20.74 3.21 18.62
CA ASP C 300 -19.81 4.18 19.20
C ASP C 300 -20.04 5.56 18.59
N ASP C 301 -19.58 6.58 19.31
CA ASP C 301 -19.73 7.95 18.82
C ASP C 301 -18.98 8.14 17.50
N ASP C 302 -17.83 7.46 17.34
CA ASP C 302 -17.00 7.60 16.16
C ASP C 302 -17.25 6.51 15.12
N ASP C 303 -18.18 5.59 15.39
CA ASP C 303 -18.52 4.59 14.39
C ASP C 303 -19.25 5.21 13.21
N PHE C 304 -19.28 4.49 12.09
CA PHE C 304 -19.90 5.00 10.87
C PHE C 304 -21.40 5.21 11.07
N GLU C 305 -21.93 6.27 10.46
CA GLU C 305 -23.35 6.61 10.54
C GLU C 305 -24.12 5.82 9.48
N THR C 306 -24.30 4.53 9.77
CA THR C 306 -24.83 3.61 8.76
C THR C 306 -26.32 3.84 8.52
N ASN C 307 -27.10 4.08 9.57
CA ASN C 307 -28.53 4.32 9.40
C ASN C 307 -28.78 5.60 8.60
N TRP C 308 -28.01 6.65 8.87
CA TRP C 308 -28.13 7.88 8.09
C TRP C 308 -27.79 7.65 6.64
N LEU C 309 -26.74 6.86 6.37
CA LEU C 309 -26.37 6.57 4.99
C LEU C 309 -27.48 5.78 4.29
N ILE C 310 -28.12 4.86 5.00
CA ILE C 310 -29.23 4.10 4.43
C ILE C 310 -30.36 5.04 4.03
N ASP C 311 -30.72 5.96 4.92
CA ASP C 311 -31.77 6.92 4.63
C ASP C 311 -31.42 7.77 3.41
N ARG C 312 -30.21 8.34 3.40
CA ARG C 312 -29.73 9.18 2.30
C ARG C 312 -29.77 8.41 0.98
N ASN C 313 -29.23 7.18 0.97
CA ASN C 313 -29.18 6.41 -0.26
C ASN C 313 -30.58 6.13 -0.80
N LEU C 314 -31.49 5.71 0.08
CA LEU C 314 -32.85 5.43 -0.36
C LEU C 314 -33.50 6.67 -0.98
N GLN C 315 -33.48 7.79 -0.25
CA GLN C 315 -34.14 8.99 -0.74
C GLN C 315 -33.52 9.49 -2.04
N VAL C 316 -32.19 9.51 -2.09
CA VAL C 316 -31.51 10.03 -3.27
C VAL C 316 -31.74 9.15 -4.49
N SER C 317 -31.69 7.82 -4.32
CA SER C 317 -31.92 6.92 -5.44
C SER C 317 -33.32 7.08 -5.99
N LEU C 318 -34.32 7.08 -5.10
CA LEU C 318 -35.69 7.19 -5.57
C LEU C 318 -35.95 8.52 -6.26
N MET C 319 -35.34 9.60 -5.75
CA MET C 319 -35.50 10.87 -6.43
C MET C 319 -34.77 10.88 -7.78
N ALA C 320 -33.59 10.27 -7.85
CA ALA C 320 -32.80 10.31 -9.08
C ALA C 320 -33.52 9.60 -10.23
N VAL C 321 -34.13 8.45 -9.94
CA VAL C 321 -34.65 7.60 -11.01
C VAL C 321 -36.12 7.83 -11.28
N ASP C 322 -36.82 8.57 -10.42
CA ASP C 322 -38.23 8.85 -10.61
C ASP C 322 -38.50 10.33 -10.88
N GLU C 323 -38.12 11.20 -9.95
CA GLU C 323 -38.40 12.63 -10.15
C GLU C 323 -37.53 13.20 -11.26
N MET C 324 -36.29 12.73 -11.38
CA MET C 324 -35.32 13.27 -12.33
C MET C 324 -35.06 12.35 -13.52
N HIS C 325 -36.05 11.57 -13.95
CA HIS C 325 -35.93 10.78 -15.16
C HIS C 325 -36.36 11.65 -16.34
N GLN C 326 -35.42 11.90 -17.26
CA GLN C 326 -35.67 12.76 -18.42
C GLN C 326 -36.31 14.08 -18.00
N ASP C 327 -35.77 14.71 -16.96
CA ASP C 327 -36.31 15.95 -16.40
C ASP C 327 -35.18 16.98 -16.35
N LEU C 328 -34.87 17.58 -17.50
CA LEU C 328 -33.68 18.42 -17.58
C LEU C 328 -34.03 19.90 -17.57
N PRO C 329 -33.19 20.74 -16.98
CA PRO C 329 -33.39 22.19 -17.11
C PRO C 329 -33.29 22.65 -18.55
N ILE C 330 -33.93 23.78 -18.84
CA ILE C 330 -33.96 24.32 -20.20
C ILE C 330 -32.54 24.60 -20.68
N LEU C 331 -32.21 24.12 -21.88
CA LEU C 331 -30.89 24.39 -22.45
C LEU C 331 -30.80 25.86 -22.81
N GLU C 332 -29.75 26.53 -22.34
CA GLU C 332 -29.59 27.95 -22.66
C GLU C 332 -28.11 28.25 -22.78
N LYS C 333 -27.81 29.37 -23.43
CA LYS C 333 -26.43 29.81 -23.58
C LYS C 333 -25.85 30.26 -22.25
N ASP C 334 -24.65 29.78 -21.94
CA ASP C 334 -23.99 30.11 -20.68
C ASP C 334 -23.37 31.51 -20.74
N LEU C 335 -22.77 31.92 -19.62
CA LEU C 335 -22.21 33.27 -19.52
C LEU C 335 -21.04 33.46 -20.47
N TYR C 336 -20.22 32.42 -20.65
CA TYR C 336 -19.02 32.52 -21.48
C TYR C 336 -19.29 32.28 -22.96
N TRP C 337 -20.56 32.11 -23.36
CA TRP C 337 -20.87 31.83 -24.75
C TRP C 337 -20.37 32.95 -25.64
N ASN C 338 -19.83 32.59 -26.79
CA ASN C 338 -19.43 33.53 -27.83
C ASN C 338 -20.13 33.17 -29.13
N GLU C 339 -20.68 34.18 -29.80
CA GLU C 339 -21.34 33.94 -31.07
C GLU C 339 -20.30 33.71 -32.16
N PRO C 340 -20.66 32.98 -33.23
CA PRO C 340 -19.74 32.77 -34.36
C PRO C 340 -19.40 34.07 -35.08
N THR D 1 -11.89 -19.99 11.00
CA THR D 1 -11.89 -18.63 11.52
C THR D 1 -12.81 -18.50 12.72
N VAL D 2 -12.32 -17.82 13.75
CA VAL D 2 -13.11 -17.57 14.95
C VAL D 2 -13.55 -16.11 14.92
N THR D 3 -14.75 -15.86 14.39
CA THR D 3 -15.22 -14.50 14.26
C THR D 3 -15.79 -14.01 15.59
N TYR D 4 -15.44 -12.78 15.95
CA TYR D 4 -15.95 -12.14 17.16
C TYR D 4 -16.31 -10.69 16.92
N THR D 5 -16.57 -10.30 15.66
CA THR D 5 -16.80 -8.90 15.33
C THR D 5 -18.02 -8.34 16.04
N ASN D 6 -19.10 -9.12 16.11
CA ASN D 6 -20.32 -8.63 16.75
C ASN D 6 -20.11 -8.38 18.24
N ARG D 7 -19.20 -9.11 18.87
CA ARG D 7 -18.97 -8.92 20.30
C ARG D 7 -18.18 -7.66 20.64
N VAL D 8 -17.51 -7.05 19.65
CA VAL D 8 -16.68 -5.87 19.93
C VAL D 8 -17.20 -4.67 19.14
N ALA D 9 -18.51 -4.66 18.85
CA ALA D 9 -19.09 -3.55 18.09
C ALA D 9 -18.89 -2.19 18.80
N ASP D 10 -19.09 -2.18 20.11
CA ASP D 10 -19.04 -0.96 20.92
C ASP D 10 -17.87 -1.04 21.87
N ALA D 11 -17.18 0.10 22.04
CA ALA D 11 -16.07 0.20 22.97
C ALA D 11 -16.63 0.47 24.36
N ARG D 12 -16.50 -0.52 25.24
CA ARG D 12 -17.01 -0.42 26.61
C ARG D 12 -15.86 -0.73 27.57
N LEU D 13 -16.17 -0.72 28.86
CA LEU D 13 -15.19 -1.12 29.87
C LEU D 13 -14.82 -2.60 29.70
N GLY D 14 -13.59 -2.85 29.28
CA GLY D 14 -13.18 -4.25 29.16
C GLY D 14 -13.81 -5.00 27.99
N THR D 15 -13.99 -4.34 26.85
CA THR D 15 -14.61 -5.02 25.72
C THR D 15 -13.69 -6.09 25.15
N PHE D 16 -12.38 -6.01 25.41
CA PHE D 16 -11.47 -7.08 25.05
C PHE D 16 -11.21 -8.07 26.18
N SER D 17 -11.61 -7.74 27.42
CA SER D 17 -11.28 -8.60 28.55
C SER D 17 -12.07 -9.90 28.53
N GLN D 18 -13.31 -9.88 28.02
CA GLN D 18 -14.08 -11.11 27.85
C GLN D 18 -13.39 -12.05 26.88
N LEU D 19 -12.82 -11.51 25.80
CA LEU D 19 -12.17 -12.35 24.80
C LEU D 19 -10.98 -13.11 25.38
N LEU D 20 -10.44 -12.67 26.51
CA LEU D 20 -9.34 -13.38 27.17
C LEU D 20 -9.78 -14.73 27.72
N LEU D 21 -11.09 -14.92 27.96
CA LEU D 21 -11.57 -16.16 28.54
C LEU D 21 -11.80 -17.26 27.50
N GLN D 22 -11.69 -16.93 26.22
CA GLN D 22 -12.00 -17.88 25.16
C GLN D 22 -10.78 -18.76 24.90
N TRP D 23 -11.02 -20.05 24.65
CA TRP D 23 -9.97 -21.03 24.41
C TRP D 23 -9.79 -21.37 22.94
N LYS D 24 -10.89 -21.46 22.18
CA LYS D 24 -10.79 -21.74 20.76
C LYS D 24 -10.18 -20.56 20.02
N GLY D 25 -9.14 -20.84 19.23
CA GLY D 25 -8.47 -19.78 18.50
C GLY D 25 -7.68 -18.82 19.37
N SER D 26 -7.28 -19.26 20.56
CA SER D 26 -6.63 -18.40 21.54
C SER D 26 -5.12 -18.56 21.45
N ILE D 27 -4.41 -17.57 22.02
CA ILE D 27 -2.96 -17.64 22.09
C ILE D 27 -2.52 -18.75 23.05
N TYR D 28 -3.32 -19.01 24.09
CA TYR D 28 -2.98 -20.07 25.05
C TYR D 28 -2.91 -21.42 24.37
N LYS D 29 -3.89 -21.72 23.52
CA LYS D 29 -3.93 -23.01 22.85
C LYS D 29 -2.76 -23.16 21.88
N LEU D 30 -2.34 -22.07 21.22
CA LEU D 30 -1.22 -22.15 20.29
C LEU D 30 0.12 -22.29 21.03
N LEU D 31 0.25 -21.65 22.19
CA LEU D 31 1.53 -21.52 22.88
C LEU D 31 1.69 -22.49 24.03
N TYR D 32 0.69 -23.35 24.29
CA TYR D 32 0.71 -24.26 25.42
C TYR D 32 2.00 -25.09 25.51
N SER D 33 2.34 -25.81 24.44
CA SER D 33 3.44 -26.76 24.50
C SER D 33 4.78 -26.04 24.64
N GLU D 34 5.00 -25.00 23.83
CA GLU D 34 6.25 -24.25 23.91
C GLU D 34 6.41 -23.60 25.28
N PHE D 35 5.32 -23.05 25.83
CA PHE D 35 5.38 -22.43 27.15
C PHE D 35 5.73 -23.46 28.20
N LEU D 36 5.14 -24.66 28.12
CA LEU D 36 5.40 -25.69 29.11
C LEU D 36 6.86 -26.12 29.04
N ILE D 37 7.39 -26.24 27.83
CA ILE D 37 8.77 -26.68 27.66
C ILE D 37 9.72 -25.63 28.23
N PHE D 38 9.45 -24.36 27.92
CA PHE D 38 10.31 -23.27 28.38
C PHE D 38 10.29 -23.17 29.90
N ILE D 39 9.10 -23.27 30.50
CA ILE D 39 8.97 -23.18 31.95
C ILE D 39 9.68 -24.35 32.64
N SER D 40 9.50 -25.56 32.10
CA SER D 40 10.15 -26.72 32.68
C SER D 40 11.66 -26.62 32.59
N LEU D 41 12.19 -26.14 31.47
CA LEU D 41 13.64 -25.98 31.33
C LEU D 41 14.17 -24.94 32.31
N TYR D 42 13.43 -23.85 32.49
CA TYR D 42 13.88 -22.81 33.41
C TYR D 42 13.92 -23.34 34.83
N PHE D 43 12.88 -24.07 35.24
CA PHE D 43 12.84 -24.52 36.62
C PHE D 43 13.81 -25.68 36.85
N ALA D 44 14.08 -26.51 35.84
CA ALA D 44 15.11 -27.52 36.00
C ALA D 44 16.48 -26.90 36.19
N ILE D 45 16.78 -25.84 35.43
CA ILE D 45 18.07 -25.18 35.57
C ILE D 45 18.14 -24.46 36.91
N SER D 46 17.02 -23.91 37.36
CA SER D 46 16.98 -23.27 38.67
C SER D 46 17.23 -24.28 39.78
N LEU D 47 16.65 -25.48 39.65
CA LEU D 47 16.87 -26.48 40.68
C LEU D 47 18.31 -26.97 40.68
N VAL D 48 18.92 -27.10 39.50
CA VAL D 48 20.32 -27.49 39.42
C VAL D 48 21.18 -26.44 40.12
N TYR D 49 20.88 -25.16 39.87
CA TYR D 49 21.71 -24.10 40.46
C TYR D 49 21.50 -24.01 41.96
N ARG D 50 20.27 -24.26 42.41
CA ARG D 50 19.96 -24.07 43.82
C ARG D 50 20.38 -25.26 44.70
N LEU D 51 20.35 -26.48 44.17
CA LEU D 51 20.53 -27.66 45.00
C LEU D 51 21.74 -28.50 44.64
N ILE D 52 22.15 -28.54 43.37
CA ILE D 52 23.18 -29.47 42.93
C ILE D 52 24.56 -28.82 42.92
N LEU D 53 24.67 -27.62 42.38
CA LEU D 53 25.98 -27.01 42.21
C LEU D 53 26.59 -26.61 43.55
N SER D 54 27.91 -26.74 43.62
CA SER D 54 28.68 -26.36 44.79
C SER D 54 29.00 -24.87 44.71
N GLU D 55 29.86 -24.39 45.60
CA GLU D 55 30.13 -22.96 45.69
C GLU D 55 30.85 -22.46 44.44
N SER D 56 31.95 -23.13 44.06
CA SER D 56 32.68 -22.71 42.86
C SER D 56 31.79 -22.83 41.63
N GLN D 57 30.99 -23.90 41.56
CA GLN D 57 30.15 -24.08 40.39
C GLN D 57 29.06 -23.04 40.34
N ARG D 58 28.54 -22.66 41.51
CA ARG D 58 27.55 -21.59 41.57
C ARG D 58 28.15 -20.26 41.13
N LEU D 59 29.41 -20.01 41.50
CA LEU D 59 30.07 -18.77 41.07
C LEU D 59 30.26 -18.74 39.56
N MET D 60 30.70 -19.87 38.99
CA MET D 60 30.84 -19.96 37.54
C MET D 60 29.49 -19.76 36.85
N PHE D 61 28.43 -20.37 37.39
CA PHE D 61 27.10 -20.22 36.82
C PHE D 61 26.61 -18.77 36.90
N GLU D 62 26.92 -18.10 38.01
CA GLU D 62 26.53 -16.70 38.16
C GLU D 62 27.24 -15.82 37.13
N LYS D 63 28.53 -16.06 36.91
CA LYS D 63 29.24 -15.31 35.88
C LYS D 63 28.64 -15.56 34.49
N LEU D 64 28.34 -16.83 34.20
CA LEU D 64 27.76 -17.15 32.89
C LEU D 64 26.39 -16.50 32.74
N ALA D 65 25.64 -16.38 33.83
CA ALA D 65 24.29 -15.83 33.73
C ALA D 65 24.35 -14.33 33.52
N LEU D 66 25.27 -13.66 34.21
CA LEU D 66 25.47 -12.24 33.94
C LEU D 66 25.89 -12.01 32.50
N TYR D 67 26.82 -12.84 31.99
CA TYR D 67 27.28 -12.73 30.61
C TYR D 67 26.12 -12.91 29.63
N CYS D 68 25.33 -13.96 29.81
CA CYS D 68 24.22 -14.23 28.90
C CYS D 68 23.18 -13.13 28.95
N ASN D 69 22.83 -12.65 30.15
CA ASN D 69 21.82 -11.61 30.27
C ASN D 69 22.29 -10.31 29.65
N SER D 70 23.58 -9.99 29.77
CA SER D 70 24.07 -8.76 29.17
C SER D 70 24.13 -8.87 27.65
N TYR D 71 24.63 -9.99 27.11
CA TYR D 71 24.87 -10.05 25.68
C TYR D 71 23.73 -10.66 24.87
N ALA D 72 22.63 -11.06 25.52
CA ALA D 72 21.49 -11.54 24.74
C ALA D 72 20.75 -10.40 24.04
N GLU D 73 21.04 -9.15 24.38
CA GLU D 73 20.42 -8.02 23.71
C GLU D 73 21.03 -7.76 22.34
N LEU D 74 22.16 -8.39 22.02
CA LEU D 74 22.72 -8.31 20.67
C LEU D 74 21.84 -9.01 19.64
N ILE D 75 20.99 -9.93 20.07
CA ILE D 75 20.05 -10.63 19.19
C ILE D 75 18.91 -9.68 18.86
N PRO D 76 18.77 -9.26 17.59
CA PRO D 76 17.68 -8.32 17.22
C PRO D 76 16.33 -9.01 17.01
N VAL D 77 15.73 -9.44 18.11
CA VAL D 77 14.49 -10.21 18.04
C VAL D 77 13.37 -9.37 17.46
N SER D 78 13.21 -8.14 17.96
CA SER D 78 12.05 -7.39 17.48
C SER D 78 12.25 -6.93 16.05
N PHE D 79 13.49 -6.62 15.67
CA PHE D 79 13.81 -6.20 14.31
C PHE D 79 13.37 -7.24 13.29
N VAL D 80 13.78 -8.50 13.47
CA VAL D 80 13.42 -9.53 12.49
C VAL D 80 11.96 -9.93 12.65
N LEU D 81 11.45 -9.95 13.89
CA LEU D 81 10.11 -10.47 14.14
C LEU D 81 9.03 -9.55 13.57
N GLY D 82 9.24 -8.24 13.68
CA GLY D 82 8.27 -7.29 13.16
C GLY D 82 8.18 -7.35 11.64
N PHE D 83 9.33 -7.42 10.96
CA PHE D 83 9.32 -7.55 9.50
C PHE D 83 8.63 -8.84 9.07
N TYR D 84 8.94 -9.95 9.76
CA TYR D 84 8.42 -11.24 9.34
C TYR D 84 6.91 -11.27 9.53
N VAL D 85 6.43 -10.71 10.66
CA VAL D 85 5.01 -10.69 10.94
C VAL D 85 4.26 -9.77 9.98
N SER D 86 4.85 -8.61 9.65
CA SER D 86 4.18 -7.72 8.68
C SER D 86 4.03 -8.41 7.33
N LEU D 87 5.07 -9.10 6.88
CA LEU D 87 4.97 -9.83 5.62
C LEU D 87 3.90 -10.92 5.69
N VAL D 88 3.86 -11.68 6.79
CA VAL D 88 2.88 -12.76 6.95
C VAL D 88 1.47 -12.20 6.90
N VAL D 89 1.24 -11.07 7.56
CA VAL D 89 -0.10 -10.51 7.72
C VAL D 89 -0.60 -9.92 6.40
N SER D 90 0.27 -9.22 5.69
CA SER D 90 -0.11 -8.70 4.38
C SER D 90 -0.47 -9.85 3.44
N ARG D 91 0.34 -10.91 3.44
CA ARG D 91 0.04 -12.06 2.59
C ARG D 91 -1.24 -12.76 3.03
N TRP D 92 -1.52 -12.79 4.33
CA TRP D 92 -2.74 -13.41 4.85
C TRP D 92 -3.99 -12.73 4.30
N TRP D 93 -4.05 -11.40 4.43
CA TRP D 93 -5.25 -10.73 3.94
C TRP D 93 -5.33 -10.80 2.41
N ALA D 94 -4.19 -10.65 1.73
CA ALA D 94 -4.21 -10.76 0.27
C ALA D 94 -4.70 -12.14 -0.18
N GLN D 95 -4.36 -13.19 0.57
CA GLN D 95 -4.83 -14.52 0.22
C GLN D 95 -6.32 -14.66 0.45
N TYR D 96 -6.84 -14.04 1.51
CA TYR D 96 -8.29 -14.10 1.66
C TYR D 96 -8.97 -13.41 0.48
N GLU D 97 -8.45 -12.26 0.07
CA GLU D 97 -9.10 -11.51 -0.99
C GLU D 97 -8.99 -12.20 -2.35
N SER D 98 -8.12 -13.18 -2.49
CA SER D 98 -7.95 -13.92 -3.74
C SER D 98 -8.86 -15.14 -3.84
N ILE D 99 -9.61 -15.46 -2.80
CA ILE D 99 -10.50 -16.62 -2.87
C ILE D 99 -11.66 -16.31 -3.81
N PRO D 100 -11.90 -17.13 -4.82
CA PRO D 100 -12.92 -16.79 -5.82
C PRO D 100 -14.33 -16.98 -5.28
N TRP D 101 -15.20 -16.02 -5.61
CA TRP D 101 -16.64 -16.11 -5.35
C TRP D 101 -17.38 -16.16 -6.67
N PRO D 102 -18.44 -16.96 -6.75
CA PRO D 102 -19.18 -17.12 -8.01
C PRO D 102 -20.31 -16.12 -8.23
N ASP D 103 -20.47 -15.15 -7.34
CA ASP D 103 -21.64 -14.27 -7.35
C ASP D 103 -21.70 -13.40 -8.60
N ARG D 104 -20.59 -12.75 -8.95
CA ARG D 104 -20.53 -11.94 -10.17
C ARG D 104 -20.84 -12.75 -11.42
N ILE D 105 -20.32 -13.98 -11.49
CA ILE D 105 -20.58 -14.86 -12.62
C ILE D 105 -22.04 -15.28 -12.64
N MET D 106 -22.57 -15.67 -11.47
CA MET D 106 -23.92 -16.22 -11.43
C MET D 106 -24.96 -15.15 -11.71
N ASN D 107 -24.69 -13.89 -11.36
CA ASN D 107 -25.63 -12.82 -11.70
C ASN D 107 -25.82 -12.72 -13.22
N LEU D 108 -24.73 -12.86 -13.97
CA LEU D 108 -24.84 -12.76 -15.42
C LEU D 108 -25.40 -14.05 -16.03
N VAL D 109 -25.01 -15.21 -15.49
CA VAL D 109 -25.48 -16.47 -16.05
C VAL D 109 -26.97 -16.66 -15.80
N SER D 110 -27.45 -16.29 -14.63
CA SER D 110 -28.87 -16.41 -14.31
C SER D 110 -29.74 -15.57 -15.22
N CYS D 111 -29.27 -14.41 -15.66
CA CYS D 111 -30.14 -13.51 -16.40
C CYS D 111 -29.90 -13.49 -17.90
N ASN D 112 -28.72 -13.92 -18.37
CA ASN D 112 -28.37 -13.78 -19.78
C ASN D 112 -28.32 -15.09 -20.55
N VAL D 113 -28.44 -16.23 -19.88
CA VAL D 113 -28.52 -17.51 -20.55
C VAL D 113 -29.99 -17.91 -20.54
N ASP D 114 -30.66 -17.75 -21.67
CA ASP D 114 -32.10 -17.90 -21.80
C ASP D 114 -32.55 -19.36 -21.87
N GLY D 115 -33.86 -19.54 -21.69
CA GLY D 115 -34.48 -20.85 -21.76
C GLY D 115 -34.97 -21.41 -20.44
N GLU D 116 -36.27 -21.55 -20.28
CA GLU D 116 -36.84 -22.20 -19.12
C GLU D 116 -36.99 -23.71 -19.28
N ASP D 117 -36.58 -24.26 -20.42
CA ASP D 117 -36.71 -25.69 -20.72
C ASP D 117 -35.57 -26.46 -20.07
N GLU D 118 -35.48 -27.76 -20.36
CA GLU D 118 -34.44 -28.57 -19.76
C GLU D 118 -33.05 -28.14 -20.22
N TYR D 119 -32.92 -27.76 -21.50
CA TYR D 119 -31.60 -27.44 -22.04
C TYR D 119 -31.04 -26.14 -21.45
N GLY D 120 -31.90 -25.14 -21.27
CA GLY D 120 -31.45 -23.91 -20.63
C GLY D 120 -31.00 -24.12 -19.20
N ARG D 121 -31.77 -24.92 -18.45
CA ARG D 121 -31.37 -25.24 -17.09
C ARG D 121 -30.05 -26.00 -17.06
N LEU D 122 -29.89 -26.96 -17.98
CA LEU D 122 -28.65 -27.71 -18.07
C LEU D 122 -27.47 -26.79 -18.38
N LEU D 123 -27.65 -25.84 -19.29
CA LEU D 123 -26.58 -24.93 -19.65
C LEU D 123 -26.17 -24.07 -18.47
N ARG D 124 -27.15 -23.46 -17.80
CA ARG D 124 -26.83 -22.58 -16.68
C ARG D 124 -26.16 -23.34 -15.54
N ARG D 125 -26.69 -24.53 -15.23
CA ARG D 125 -26.14 -25.33 -14.15
C ARG D 125 -24.74 -25.81 -14.48
N THR D 126 -24.50 -26.19 -15.74
CA THR D 126 -23.18 -26.67 -16.14
C THR D 126 -22.15 -25.54 -16.13
N LEU D 127 -22.54 -24.33 -16.56
CA LEU D 127 -21.61 -23.21 -16.49
C LEU D 127 -21.22 -22.90 -15.06
N MET D 128 -22.21 -22.83 -14.17
CA MET D 128 -21.90 -22.59 -12.76
C MET D 128 -21.03 -23.71 -12.18
N ARG D 129 -21.31 -24.95 -12.55
CA ARG D 129 -20.53 -26.08 -12.06
C ARG D 129 -19.09 -26.03 -12.56
N TYR D 130 -18.88 -25.56 -13.79
CA TYR D 130 -17.52 -25.42 -14.29
C TYR D 130 -16.75 -24.35 -13.51
N SER D 131 -17.39 -23.21 -13.25
CA SER D 131 -16.69 -22.15 -12.51
C SER D 131 -16.37 -22.61 -11.09
N ASN D 132 -17.35 -23.21 -10.42
CA ASN D 132 -17.12 -23.75 -9.10
C ASN D 132 -16.06 -24.86 -9.13
N LEU D 133 -15.98 -25.61 -10.21
CA LEU D 133 -15.01 -26.70 -10.31
C LEU D 133 -13.60 -26.14 -10.41
N CYS D 134 -13.41 -25.06 -11.18
CA CYS D 134 -12.11 -24.40 -11.19
C CYS D 134 -11.71 -23.94 -9.80
N SER D 135 -12.66 -23.32 -9.08
CA SER D 135 -12.34 -22.87 -7.72
C SER D 135 -11.98 -24.04 -6.81
N VAL D 136 -12.74 -25.15 -6.90
CA VAL D 136 -12.49 -26.33 -6.08
C VAL D 136 -11.12 -26.91 -6.39
N LEU D 137 -10.76 -26.98 -7.67
CA LEU D 137 -9.49 -27.56 -8.07
C LEU D 137 -8.32 -26.78 -7.50
N ILE D 138 -8.36 -25.45 -7.66
CA ILE D 138 -7.25 -24.65 -7.14
C ILE D 138 -7.23 -24.70 -5.62
N LEU D 139 -8.40 -24.74 -4.99
CA LEU D 139 -8.44 -24.77 -3.52
C LEU D 139 -7.86 -26.07 -2.99
N ARG D 140 -8.19 -27.21 -3.59
CA ARG D 140 -7.61 -28.46 -3.14
C ARG D 140 -6.13 -28.55 -3.50
N SER D 141 -5.67 -27.75 -4.48
CA SER D 141 -4.23 -27.64 -4.69
C SER D 141 -3.56 -26.85 -3.57
N VAL D 142 -4.24 -25.86 -3.00
CA VAL D 142 -3.59 -24.90 -2.10
C VAL D 142 -3.98 -25.09 -0.65
N SER D 143 -4.96 -25.94 -0.36
CA SER D 143 -5.52 -26.07 0.99
C SER D 143 -5.48 -27.53 1.41
N THR D 144 -4.87 -27.79 2.58
CA THR D 144 -4.84 -29.15 3.10
C THR D 144 -6.21 -29.62 3.55
N ALA D 145 -7.05 -28.69 4.04
CA ALA D 145 -8.41 -29.07 4.44
C ALA D 145 -9.22 -29.56 3.25
N VAL D 146 -9.18 -28.81 2.15
CA VAL D 146 -9.93 -29.19 0.95
C VAL D 146 -9.35 -30.47 0.35
N TYR D 147 -8.02 -30.62 0.42
CA TYR D 147 -7.38 -31.80 -0.13
C TYR D 147 -7.75 -33.04 0.69
N LYS D 148 -7.88 -32.89 2.00
CA LYS D 148 -8.29 -34.02 2.83
C LYS D 148 -9.76 -34.33 2.61
N ARG D 149 -10.56 -33.33 2.28
CA ARG D 149 -11.95 -33.57 1.89
C ARG D 149 -12.04 -34.29 0.56
N PHE D 150 -11.21 -33.89 -0.41
CA PHE D 150 -11.18 -34.48 -1.75
C PHE D 150 -9.78 -35.01 -2.03
N PRO D 151 -9.45 -36.20 -1.52
CA PRO D 151 -8.08 -36.72 -1.73
C PRO D 151 -7.81 -37.17 -3.17
N SER D 152 -8.83 -37.44 -3.98
CA SER D 152 -8.65 -37.75 -5.38
C SER D 152 -9.82 -37.15 -6.15
N MET D 153 -9.73 -37.20 -7.47
CA MET D 153 -10.79 -36.68 -8.32
C MET D 153 -12.07 -37.50 -8.21
N GLU D 154 -11.96 -38.77 -7.83
CA GLU D 154 -13.15 -39.59 -7.60
C GLU D 154 -14.00 -39.01 -6.47
N HIS D 155 -13.36 -38.46 -5.44
CA HIS D 155 -14.10 -37.78 -4.38
C HIS D 155 -14.81 -36.55 -4.91
N VAL D 156 -14.18 -35.84 -5.86
CA VAL D 156 -14.82 -34.68 -6.47
C VAL D 156 -16.04 -35.11 -7.29
N VAL D 157 -15.94 -36.27 -7.94
CA VAL D 157 -17.07 -36.77 -8.72
C VAL D 157 -18.21 -37.20 -7.80
N ARG D 158 -17.88 -37.87 -6.69
CA ARG D 158 -18.88 -38.37 -5.76
C ARG D 158 -19.60 -37.24 -5.03
N ALA D 159 -19.01 -36.06 -4.98
CA ALA D 159 -19.63 -34.90 -4.35
C ALA D 159 -20.50 -34.09 -5.30
N GLY D 160 -20.67 -34.55 -6.54
CA GLY D 160 -21.45 -33.86 -7.55
C GLY D 160 -20.81 -32.65 -8.17
N LEU D 161 -19.56 -32.32 -7.81
CA LEU D 161 -18.88 -31.20 -8.43
C LEU D 161 -18.45 -31.51 -9.85
N MET D 162 -18.27 -32.79 -10.19
CA MET D 162 -17.82 -33.16 -11.52
C MET D 162 -18.56 -34.45 -11.92
N THR D 163 -19.06 -34.52 -13.15
CA THR D 163 -19.75 -35.71 -13.61
C THR D 163 -18.73 -36.75 -14.05
N PRO D 164 -19.13 -38.02 -14.18
CA PRO D 164 -18.14 -39.01 -14.61
C PRO D 164 -17.65 -38.79 -16.03
N GLU D 165 -18.51 -38.27 -16.91
CA GLU D 165 -18.07 -37.93 -18.25
C GLU D 165 -17.04 -36.81 -18.23
N GLU D 166 -17.28 -35.80 -17.40
CA GLU D 166 -16.30 -34.72 -17.25
C GLU D 166 -15.01 -35.24 -16.66
N HIS D 167 -15.10 -36.24 -15.78
CA HIS D 167 -13.88 -36.82 -15.23
C HIS D 167 -13.08 -37.57 -16.29
N LYS D 168 -13.79 -38.29 -17.17
CA LYS D 168 -13.09 -39.00 -18.25
C LYS D 168 -12.45 -38.01 -19.22
N LYS D 169 -13.16 -36.94 -19.57
CA LYS D 169 -12.58 -35.92 -20.43
C LYS D 169 -11.39 -35.23 -19.75
N PHE D 170 -11.52 -34.95 -18.46
CA PHE D 170 -10.47 -34.31 -17.69
C PHE D 170 -9.20 -35.16 -17.69
N GLU D 171 -9.35 -36.47 -17.49
CA GLU D 171 -8.20 -37.36 -17.46
C GLU D 171 -7.64 -37.63 -18.86
N SER D 172 -8.47 -37.52 -19.89
CA SER D 172 -7.96 -37.75 -21.25
C SER D 172 -7.02 -36.64 -21.69
N LEU D 173 -7.19 -35.42 -21.17
CA LEU D 173 -6.30 -34.31 -21.49
C LEU D 173 -4.98 -34.51 -20.76
N ASN D 174 -3.88 -34.57 -21.51
CA ASN D 174 -2.58 -34.92 -20.97
C ASN D 174 -1.77 -33.65 -20.71
N SER D 175 -1.39 -33.44 -19.46
CA SER D 175 -0.61 -32.29 -19.05
C SER D 175 0.22 -32.60 -17.81
N PRO D 176 1.53 -32.32 -17.82
CA PRO D 176 2.37 -32.62 -16.67
C PRO D 176 2.29 -31.52 -15.62
N HIS D 177 1.29 -30.64 -15.73
CA HIS D 177 1.13 -29.50 -14.84
C HIS D 177 -0.24 -29.53 -14.18
N ASN D 178 -0.44 -28.61 -13.23
CA ASN D 178 -1.70 -28.53 -12.51
C ASN D 178 -2.85 -28.21 -13.47
N LYS D 179 -3.94 -28.97 -13.37
CA LYS D 179 -5.03 -28.90 -14.34
C LYS D 179 -6.22 -28.09 -13.84
N PHE D 180 -6.00 -27.14 -12.92
CA PHE D 180 -7.12 -26.38 -12.39
C PHE D 180 -7.72 -25.44 -13.44
N TRP D 181 -6.99 -25.13 -14.51
CA TRP D 181 -7.44 -24.20 -15.53
C TRP D 181 -8.37 -24.82 -16.56
N ILE D 182 -8.47 -26.16 -16.59
CA ILE D 182 -9.33 -26.84 -17.56
C ILE D 182 -10.77 -26.35 -17.53
N PRO D 183 -11.44 -26.31 -16.37
CA PRO D 183 -12.84 -25.91 -16.38
C PRO D 183 -13.08 -24.49 -16.84
N CYS D 184 -12.08 -23.61 -16.78
CA CYS D 184 -12.26 -22.28 -17.34
C CYS D 184 -12.35 -22.32 -18.86
N VAL D 185 -11.50 -23.12 -19.50
CA VAL D 185 -11.59 -23.30 -20.95
C VAL D 185 -12.92 -23.95 -21.31
N TRP D 186 -13.35 -24.91 -20.48
CA TRP D 186 -14.65 -25.54 -20.72
C TRP D 186 -15.77 -24.51 -20.62
N PHE D 187 -15.71 -23.65 -19.61
CA PHE D 187 -16.69 -22.60 -19.43
C PHE D 187 -16.74 -21.66 -20.65
N SER D 188 -15.58 -21.19 -21.11
CA SER D 188 -15.59 -20.26 -22.24
C SER D 188 -16.15 -20.92 -23.49
N ASN D 189 -15.77 -22.18 -23.73
CA ASN D 189 -16.26 -22.87 -24.92
C ASN D 189 -17.76 -23.16 -24.81
N LEU D 190 -18.24 -23.50 -23.62
CA LEU D 190 -19.67 -23.71 -23.45
C LEU D 190 -20.46 -22.44 -23.60
N ALA D 191 -19.92 -21.32 -23.08
CA ALA D 191 -20.61 -20.05 -23.24
C ALA D 191 -20.70 -19.66 -24.71
N VAL D 192 -19.63 -19.88 -25.47
CA VAL D 192 -19.69 -19.58 -26.90
C VAL D 192 -20.67 -20.51 -27.59
N LYS D 193 -20.74 -21.77 -27.15
CA LYS D 193 -21.69 -22.71 -27.74
C LYS D 193 -23.12 -22.29 -27.46
N ALA D 194 -23.38 -21.81 -26.24
CA ALA D 194 -24.70 -21.30 -25.89
C ALA D 194 -25.06 -20.09 -26.74
N ARG D 195 -24.07 -19.24 -27.02
CA ARG D 195 -24.27 -18.06 -27.84
C ARG D 195 -24.60 -18.46 -29.27
N ASN D 196 -23.90 -19.47 -29.78
CA ASN D 196 -24.10 -19.90 -31.15
C ASN D 196 -25.42 -20.63 -31.36
N GLU D 197 -26.02 -21.14 -30.29
CA GLU D 197 -27.31 -21.80 -30.33
C GLU D 197 -28.47 -20.85 -30.03
N GLY D 198 -28.20 -19.56 -29.86
CA GLY D 198 -29.25 -18.59 -29.61
C GLY D 198 -29.60 -18.40 -28.14
N ARG D 199 -28.91 -19.08 -27.22
CA ARG D 199 -29.23 -18.96 -25.81
C ARG D 199 -28.69 -17.69 -25.18
N ILE D 200 -27.62 -17.13 -25.75
CA ILE D 200 -27.11 -15.82 -25.35
C ILE D 200 -27.40 -14.86 -26.48
N ARG D 201 -28.03 -13.71 -26.16
CA ARG D 201 -28.62 -12.89 -27.20
C ARG D 201 -27.60 -12.35 -28.19
N ASP D 202 -26.45 -11.89 -27.70
CA ASP D 202 -25.48 -11.24 -28.57
C ASP D 202 -24.10 -11.30 -27.91
N SER D 203 -23.11 -10.72 -28.59
CA SER D 203 -21.74 -10.91 -28.18
C SER D 203 -21.31 -9.94 -27.08
N VAL D 204 -22.12 -8.91 -26.81
CA VAL D 204 -21.80 -8.03 -25.69
C VAL D 204 -22.04 -8.73 -24.35
N LEU D 205 -23.13 -9.46 -24.26
CA LEU D 205 -23.45 -10.22 -23.06
C LEU D 205 -22.52 -11.42 -22.91
N LEU D 206 -22.25 -12.12 -24.01
CA LEU D 206 -21.23 -13.16 -24.03
C LEU D 206 -19.87 -12.65 -23.54
N GLN D 207 -19.46 -11.46 -24.01
CA GLN D 207 -18.16 -10.94 -23.59
C GLN D 207 -18.17 -10.54 -22.12
N GLY D 208 -19.30 -10.03 -21.62
CA GLY D 208 -19.42 -9.76 -20.19
C GLY D 208 -19.24 -11.02 -19.37
N ILE D 209 -19.88 -12.11 -19.79
CA ILE D 209 -19.73 -13.36 -19.06
C ILE D 209 -18.28 -13.86 -19.12
N LEU D 210 -17.63 -13.74 -20.28
CA LEU D 210 -16.25 -14.18 -20.41
C LEU D 210 -15.32 -13.32 -19.57
N ASN D 211 -15.60 -12.02 -19.48
CA ASN D 211 -14.80 -11.15 -18.62
C ASN D 211 -14.90 -11.58 -17.16
N GLU D 212 -16.10 -11.91 -16.71
CA GLU D 212 -16.22 -12.37 -15.33
C GLU D 212 -15.49 -13.69 -15.14
N LEU D 213 -15.47 -14.52 -16.17
CA LEU D 213 -14.78 -15.80 -16.06
C LEU D 213 -13.28 -15.57 -15.94
N ASN D 214 -12.76 -14.62 -16.71
CA ASN D 214 -11.35 -14.31 -16.64
C ASN D 214 -10.96 -13.64 -15.31
N THR D 215 -11.87 -12.84 -14.76
CA THR D 215 -11.65 -12.30 -13.41
C THR D 215 -11.54 -13.44 -12.39
N LEU D 216 -12.42 -14.43 -12.51
CA LEU D 216 -12.36 -15.62 -11.65
C LEU D 216 -11.02 -16.35 -11.83
N ARG D 217 -10.61 -16.55 -13.09
CA ARG D 217 -9.31 -17.17 -13.36
C ARG D 217 -8.19 -16.42 -12.67
N SER D 218 -8.17 -15.09 -12.78
CA SER D 218 -7.10 -14.32 -12.14
C SER D 218 -7.09 -14.53 -10.63
N GLN D 219 -8.28 -14.63 -10.01
CA GLN D 219 -8.31 -14.97 -8.58
C GLN D 219 -7.63 -16.31 -8.31
N CYS D 220 -7.91 -17.30 -9.16
CA CYS D 220 -7.33 -18.62 -8.97
C CYS D 220 -5.83 -18.57 -9.17
N GLY D 221 -5.38 -17.75 -10.12
CA GLY D 221 -3.96 -17.57 -10.34
C GLY D 221 -3.27 -16.90 -9.17
N ARG D 222 -3.94 -15.96 -8.51
CA ARG D 222 -3.35 -15.36 -7.32
C ARG D 222 -3.23 -16.36 -6.18
N LEU D 223 -4.25 -17.19 -5.97
CA LEU D 223 -4.14 -18.31 -5.02
C LEU D 223 -2.95 -19.20 -5.36
N TYR D 224 -2.79 -19.54 -6.65
CA TYR D 224 -1.69 -20.39 -7.08
C TYR D 224 -0.35 -19.72 -6.79
N GLY D 225 -0.28 -18.41 -7.01
CA GLY D 225 0.96 -17.70 -6.78
C GLY D 225 1.34 -17.64 -5.31
N TYR D 226 0.38 -17.42 -4.43
CA TYR D 226 0.69 -17.39 -3.00
C TYR D 226 1.06 -18.78 -2.49
N ASP D 227 0.44 -19.82 -3.03
CA ASP D 227 0.83 -21.19 -2.65
C ASP D 227 2.23 -21.53 -3.15
N TRP D 228 2.50 -21.24 -4.41
CA TRP D 228 3.78 -21.59 -5.03
C TRP D 228 4.92 -20.78 -4.44
N ILE D 229 4.76 -19.46 -4.42
CA ILE D 229 5.80 -18.53 -3.98
C ILE D 229 5.57 -18.32 -2.48
N SER D 230 6.20 -19.18 -1.67
CA SER D 230 6.08 -19.01 -0.23
C SER D 230 7.02 -17.89 0.22
N ILE D 231 6.82 -17.45 1.45
CA ILE D 231 7.80 -16.57 2.08
C ILE D 231 9.17 -17.24 2.01
N PRO D 232 10.21 -16.53 1.59
CA PRO D 232 11.55 -17.15 1.44
C PRO D 232 11.94 -17.91 2.69
N LEU D 233 12.40 -19.16 2.49
CA LEU D 233 12.73 -20.03 3.62
C LEU D 233 13.79 -19.40 4.53
N VAL D 234 14.67 -18.57 3.95
CA VAL D 234 15.74 -17.93 4.70
C VAL D 234 15.14 -17.07 5.81
N TYR D 235 14.05 -16.35 5.50
CA TYR D 235 13.41 -15.50 6.50
C TYR D 235 12.83 -16.33 7.64
N THR D 236 12.14 -17.42 7.30
CA THR D 236 11.56 -18.28 8.32
C THR D 236 12.63 -18.85 9.23
N GLN D 237 13.73 -19.32 8.65
CA GLN D 237 14.82 -19.89 9.43
C GLN D 237 15.44 -18.84 10.33
N VAL D 238 15.68 -17.64 9.79
CA VAL D 238 16.32 -16.59 10.59
C VAL D 238 15.44 -16.18 11.77
N VAL D 239 14.13 -16.07 11.54
CA VAL D 239 13.24 -15.56 12.59
C VAL D 239 13.07 -16.62 13.68
N THR D 240 12.96 -17.90 13.29
CA THR D 240 12.86 -18.92 14.33
C THR D 240 14.17 -19.06 15.11
N VAL D 241 15.31 -18.95 14.44
CA VAL D 241 16.60 -18.95 15.11
C VAL D 241 16.70 -17.79 16.10
N ALA D 242 16.20 -16.61 15.71
CA ALA D 242 16.32 -15.46 16.58
C ALA D 242 15.50 -15.68 17.84
N VAL D 243 14.24 -16.09 17.70
CA VAL D 243 13.40 -16.30 18.88
C VAL D 243 13.99 -17.40 19.77
N TYR D 244 14.37 -18.52 19.16
CA TYR D 244 14.82 -19.67 19.94
C TYR D 244 16.13 -19.36 20.66
N SER D 245 17.06 -18.70 19.98
CA SER D 245 18.35 -18.38 20.61
C SER D 245 18.16 -17.36 21.71
N PHE D 246 17.26 -16.39 21.52
CA PHE D 246 17.05 -15.41 22.57
C PHE D 246 16.49 -16.06 23.84
N PHE D 247 15.57 -17.00 23.69
CA PHE D 247 15.02 -17.57 24.91
C PHE D 247 15.88 -18.70 25.47
N LEU D 248 16.72 -19.33 24.64
CA LEU D 248 17.74 -20.23 25.17
C LEU D 248 18.75 -19.45 26.00
N ALA D 249 19.11 -18.25 25.56
CA ALA D 249 19.97 -17.40 26.38
C ALA D 249 19.24 -17.01 27.66
N CYS D 250 17.94 -16.70 27.57
CA CYS D 250 17.19 -16.29 28.75
C CYS D 250 17.08 -17.43 29.78
N LEU D 251 17.20 -18.68 29.34
CA LEU D 251 17.15 -19.80 30.27
C LEU D 251 18.29 -19.74 31.27
N ILE D 252 19.37 -19.05 30.95
CA ILE D 252 20.50 -18.88 31.86
C ILE D 252 20.55 -17.46 32.42
N GLY D 253 20.36 -16.45 31.57
CA GLY D 253 20.54 -15.08 31.99
C GLY D 253 19.43 -14.54 32.86
N ARG D 254 18.27 -15.21 32.89
CA ARG D 254 17.15 -14.75 33.68
C ARG D 254 16.93 -15.56 34.94
N GLN D 255 17.90 -16.39 35.33
CA GLN D 255 17.83 -17.09 36.59
C GLN D 255 17.98 -16.11 37.76
N PHE D 256 17.37 -16.48 38.89
CA PHE D 256 17.46 -15.68 40.11
C PHE D 256 18.78 -15.99 40.80
N LEU D 257 19.75 -15.09 40.67
CA LEU D 257 21.06 -15.26 41.28
C LEU D 257 20.97 -15.02 42.79
N ASP D 258 21.98 -15.47 43.49
CA ASP D 258 22.05 -15.37 44.95
C ASP D 258 22.05 -13.90 45.37
N PRO D 259 21.05 -13.44 46.14
CA PRO D 259 21.04 -12.02 46.55
C PRO D 259 22.17 -11.63 47.48
N GLU D 260 22.85 -12.60 48.10
CA GLU D 260 23.96 -12.25 48.98
C GLU D 260 25.17 -11.76 48.19
N LYS D 261 25.29 -12.15 46.92
CA LYS D 261 26.38 -11.66 46.09
C LYS D 261 26.19 -10.22 45.63
N ALA D 262 25.00 -9.65 45.85
CA ALA D 262 24.71 -8.24 45.55
C ALA D 262 24.98 -7.91 44.09
N TYR D 263 24.64 -8.83 43.20
CA TYR D 263 24.69 -8.53 41.77
C TYR D 263 23.63 -7.50 41.42
N PRO D 264 23.92 -6.55 40.52
CA PRO D 264 22.92 -5.54 40.20
C PRO D 264 21.78 -6.16 39.42
N GLY D 265 20.56 -5.97 39.92
CA GLY D 265 19.38 -6.54 39.30
C GLY D 265 18.97 -7.88 39.89
N HIS D 266 19.76 -8.44 40.80
CA HIS D 266 19.46 -9.71 41.45
C HIS D 266 19.33 -9.54 42.96
N GLU D 267 18.70 -8.44 43.38
CA GLU D 267 18.55 -8.17 44.80
C GLU D 267 17.41 -8.96 45.44
N LEU D 268 16.39 -9.34 44.66
CA LEU D 268 15.20 -9.99 45.17
C LEU D 268 15.01 -11.32 44.45
N ASP D 269 14.82 -12.40 45.23
CA ASP D 269 14.67 -13.75 44.69
C ASP D 269 13.21 -14.16 44.82
N LEU D 270 12.50 -14.16 43.68
CA LEU D 270 11.07 -14.49 43.66
C LEU D 270 10.79 -15.87 43.07
N PHE D 271 11.84 -16.59 42.68
CA PHE D 271 11.80 -17.98 42.18
C PHE D 271 11.19 -18.09 40.78
N VAL D 272 10.14 -17.33 40.48
CA VAL D 272 9.46 -17.38 39.20
C VAL D 272 9.75 -16.07 38.46
N PRO D 273 10.35 -16.11 37.28
CA PRO D 273 10.57 -14.89 36.49
C PRO D 273 9.32 -14.45 35.74
N VAL D 274 8.44 -13.72 36.43
CA VAL D 274 7.15 -13.38 35.86
C VAL D 274 7.32 -12.57 34.59
N PHE D 275 8.27 -11.62 34.61
CA PHE D 275 8.47 -10.77 33.44
C PHE D 275 9.19 -11.50 32.32
N THR D 276 10.06 -12.47 32.64
CA THR D 276 10.65 -13.29 31.60
C THR D 276 9.60 -14.19 30.94
N PHE D 277 8.72 -14.78 31.74
CA PHE D 277 7.64 -15.60 31.20
C PHE D 277 6.69 -14.73 30.38
N LEU D 278 6.45 -13.48 30.82
CA LEU D 278 5.63 -12.58 30.01
C LEU D 278 6.29 -12.27 28.67
N GLN D 279 7.61 -12.09 28.68
CA GLN D 279 8.32 -11.72 27.47
C GLN D 279 8.33 -12.89 26.50
N PHE D 280 8.44 -14.11 27.05
CA PHE D 280 8.27 -15.31 26.24
C PHE D 280 6.87 -15.36 25.66
N PHE D 281 5.85 -15.10 26.47
CA PHE D 281 4.48 -15.07 25.99
C PHE D 281 4.35 -14.17 24.77
N PHE D 282 4.84 -12.94 24.88
CA PHE D 282 4.67 -11.98 23.80
C PHE D 282 5.48 -12.36 22.57
N TYR D 283 6.79 -12.59 22.71
CA TYR D 283 7.62 -12.84 21.52
C TYR D 283 7.33 -14.21 20.92
N ALA D 284 7.40 -15.28 21.72
CA ALA D 284 7.08 -16.60 21.20
C ALA D 284 5.66 -16.67 20.64
N GLY D 285 4.71 -16.00 21.29
CA GLY D 285 3.36 -15.99 20.78
C GLY D 285 3.29 -15.26 19.45
N TRP D 286 4.02 -14.15 19.31
CA TRP D 286 4.09 -13.43 18.05
C TRP D 286 4.58 -14.36 16.93
N LEU D 287 5.61 -15.15 17.23
CA LEU D 287 6.10 -16.14 16.27
C LEU D 287 5.04 -17.21 15.97
N LYS D 288 4.36 -17.71 17.00
CA LYS D 288 3.35 -18.74 16.80
C LYS D 288 2.19 -18.23 15.95
N VAL D 289 1.76 -16.99 16.16
CA VAL D 289 0.73 -16.40 15.29
C VAL D 289 1.22 -16.37 13.85
N ALA D 290 2.48 -15.98 13.65
CA ALA D 290 3.04 -16.05 12.29
C ALA D 290 3.01 -17.48 11.76
N GLU D 291 3.26 -18.46 12.63
CA GLU D 291 3.24 -19.86 12.20
C GLU D 291 1.85 -20.30 11.77
N GLN D 292 0.82 -19.79 12.46
CA GLN D 292 -0.56 -20.13 12.13
C GLN D 292 -1.03 -19.41 10.87
N LEU D 293 -0.63 -18.15 10.68
CA LEU D 293 -1.09 -17.38 9.54
C LEU D 293 -0.30 -17.63 8.26
N ILE D 294 0.87 -18.27 8.32
CA ILE D 294 1.72 -18.37 7.14
C ILE D 294 1.03 -19.18 6.04
N ASN D 295 0.25 -20.19 6.41
CA ASN D 295 -0.61 -20.91 5.47
C ASN D 295 -2.01 -20.88 6.06
N PRO D 296 -2.84 -19.92 5.66
CA PRO D 296 -4.18 -19.79 6.24
C PRO D 296 -5.22 -20.74 5.64
N PHE D 297 -4.79 -21.72 4.86
CA PHE D 297 -5.66 -22.71 4.22
C PHE D 297 -5.51 -24.09 4.85
N GLY D 298 -4.92 -24.18 6.03
CA GLY D 298 -4.80 -25.42 6.76
C GLY D 298 -5.99 -25.72 7.64
N GLU D 299 -5.74 -26.47 8.70
CA GLU D 299 -6.78 -26.87 9.64
C GLU D 299 -6.63 -26.22 11.01
N ASP D 300 -5.97 -25.06 11.08
CA ASP D 300 -5.93 -24.32 12.33
C ASP D 300 -7.30 -23.76 12.66
N ASP D 301 -7.50 -23.43 13.94
CA ASP D 301 -8.78 -22.86 14.37
C ASP D 301 -9.06 -21.53 13.67
N ASP D 302 -8.00 -20.76 13.41
CA ASP D 302 -8.14 -19.44 12.80
C ASP D 302 -7.91 -19.46 11.29
N ASP D 303 -7.64 -20.63 10.71
CA ASP D 303 -7.51 -20.70 9.26
C ASP D 303 -8.86 -20.50 8.57
N PHE D 304 -8.81 -20.19 7.28
CA PHE D 304 -10.02 -19.91 6.52
C PHE D 304 -10.92 -21.14 6.44
N GLU D 305 -12.23 -20.91 6.51
CA GLU D 305 -13.23 -21.99 6.44
C GLU D 305 -13.51 -22.31 4.96
N THR D 306 -12.56 -23.02 4.36
CA THR D 306 -12.59 -23.22 2.91
C THR D 306 -13.67 -24.22 2.50
N ASN D 307 -13.84 -25.31 3.26
CA ASN D 307 -14.88 -26.29 2.95
C ASN D 307 -16.27 -25.69 3.05
N TRP D 308 -16.50 -24.87 4.09
CA TRP D 308 -17.78 -24.19 4.23
C TRP D 308 -18.02 -23.25 3.06
N LEU D 309 -16.99 -22.52 2.63
CA LEU D 309 -17.14 -21.61 1.49
C LEU D 309 -17.47 -22.39 0.22
N ILE D 310 -16.86 -23.56 0.04
CA ILE D 310 -17.15 -24.41 -1.12
C ILE D 310 -18.62 -24.80 -1.11
N ASP D 311 -19.11 -25.25 0.03
CA ASP D 311 -20.51 -25.65 0.16
C ASP D 311 -21.45 -24.48 -0.16
N ARG D 312 -21.19 -23.33 0.46
CA ARG D 312 -21.99 -22.12 0.26
C ARG D 312 -22.01 -21.73 -1.22
N ASN D 313 -20.83 -21.67 -1.85
CA ASN D 313 -20.75 -21.25 -3.24
C ASN D 313 -21.54 -22.19 -4.15
N LEU D 314 -21.37 -23.51 -3.96
CA LEU D 314 -22.09 -24.45 -4.79
C LEU D 314 -23.60 -24.27 -4.65
N GLN D 315 -24.10 -24.28 -3.41
CA GLN D 315 -25.55 -24.19 -3.20
C GLN D 315 -26.09 -22.86 -3.74
N VAL D 316 -25.41 -21.76 -3.45
CA VAL D 316 -25.91 -20.45 -3.85
C VAL D 316 -25.89 -20.30 -5.38
N SER D 317 -24.83 -20.76 -6.03
CA SER D 317 -24.76 -20.65 -7.49
C SER D 317 -25.88 -21.45 -8.14
N LEU D 318 -26.05 -22.71 -7.72
CA LEU D 318 -27.08 -23.54 -8.33
C LEU D 318 -28.47 -22.97 -8.10
N MET D 319 -28.71 -22.40 -6.91
CA MET D 319 -30.02 -21.78 -6.68
C MET D 319 -30.17 -20.51 -7.52
N ALA D 320 -29.11 -19.72 -7.67
CA ALA D 320 -29.22 -18.45 -8.38
C ALA D 320 -29.57 -18.68 -9.85
N VAL D 321 -28.96 -19.67 -10.49
CA VAL D 321 -29.07 -19.81 -11.93
C VAL D 321 -30.15 -20.78 -12.35
N ASP D 322 -30.71 -21.54 -11.41
CA ASP D 322 -31.77 -22.50 -11.72
C ASP D 322 -33.10 -22.10 -11.09
N GLU D 323 -33.15 -22.00 -9.76
CA GLU D 323 -34.41 -21.67 -9.11
C GLU D 323 -34.82 -20.23 -9.39
N MET D 324 -33.85 -19.32 -9.47
CA MET D 324 -34.10 -17.89 -9.62
C MET D 324 -33.78 -17.38 -11.03
N HIS D 325 -33.94 -18.20 -12.06
CA HIS D 325 -33.80 -17.73 -13.44
C HIS D 325 -35.16 -17.20 -13.89
N GLN D 326 -35.20 -15.91 -14.22
CA GLN D 326 -36.45 -15.24 -14.63
C GLN D 326 -37.58 -15.56 -13.66
N ASP D 327 -37.30 -15.45 -12.36
CA ASP D 327 -38.28 -15.77 -11.31
C ASP D 327 -38.40 -14.57 -10.37
N LEU D 328 -39.13 -13.55 -10.80
CA LEU D 328 -39.12 -12.28 -10.06
C LEU D 328 -40.39 -12.11 -9.23
N PRO D 329 -40.29 -11.47 -8.07
CA PRO D 329 -41.51 -11.12 -7.33
C PRO D 329 -42.38 -10.15 -8.13
N ILE D 330 -43.68 -10.16 -7.80
CA ILE D 330 -44.64 -9.32 -8.51
C ILE D 330 -44.27 -7.86 -8.36
N LEU D 331 -44.24 -7.14 -9.48
CA LEU D 331 -43.95 -5.71 -9.43
C LEU D 331 -45.12 -4.98 -8.78
N GLU D 332 -44.84 -4.17 -7.76
CA GLU D 332 -45.91 -3.44 -7.12
C GLU D 332 -45.37 -2.09 -6.66
N LYS D 333 -46.29 -1.17 -6.40
CA LYS D 333 -45.92 0.15 -5.92
C LYS D 333 -45.37 0.08 -4.50
N ASP D 334 -44.24 0.75 -4.27
CA ASP D 334 -43.59 0.74 -2.96
C ASP D 334 -44.30 1.70 -2.01
N LEU D 335 -43.80 1.74 -0.77
CA LEU D 335 -44.43 2.57 0.27
C LEU D 335 -44.32 4.06 -0.06
N TYR D 336 -43.20 4.48 -0.63
CA TYR D 336 -42.96 5.89 -0.90
C TYR D 336 -43.54 6.35 -2.23
N TRP D 337 -44.28 5.49 -2.94
CA TRP D 337 -44.82 5.84 -4.24
C TRP D 337 -45.74 7.05 -4.11
N ASN D 338 -45.65 7.97 -5.08
CA ASN D 338 -46.55 9.10 -5.19
C ASN D 338 -47.21 9.08 -6.55
N GLU D 339 -48.52 9.29 -6.58
CA GLU D 339 -49.23 9.34 -7.84
C GLU D 339 -48.94 10.66 -8.56
N PRO D 340 -49.05 10.68 -9.90
CA PRO D 340 -48.88 11.92 -10.66
C PRO D 340 -49.94 12.98 -10.33
N THR E 1 12.58 -21.42 -6.72
CA THR E 1 11.80 -21.25 -5.50
C THR E 1 11.71 -22.56 -4.74
N VAL E 2 11.91 -22.47 -3.42
CA VAL E 2 11.79 -23.64 -2.55
C VAL E 2 10.48 -23.51 -1.80
N THR E 3 9.42 -24.13 -2.32
CA THR E 3 8.11 -24.02 -1.70
C THR E 3 8.00 -24.99 -0.54
N TYR E 4 7.45 -24.51 0.57
CA TYR E 4 7.21 -25.33 1.75
C TYR E 4 5.84 -25.04 2.38
N THR E 5 4.90 -24.49 1.59
CA THR E 5 3.63 -24.05 2.15
C THR E 5 2.84 -25.22 2.74
N ASN E 6 2.85 -26.37 2.06
CA ASN E 6 2.09 -27.52 2.54
C ASN E 6 2.64 -28.02 3.87
N ARG E 7 3.94 -27.85 4.12
CA ARG E 7 4.51 -28.33 5.37
C ARG E 7 4.17 -27.46 6.58
N VAL E 8 3.68 -26.24 6.37
CA VAL E 8 3.40 -25.35 7.50
C VAL E 8 1.90 -24.98 7.52
N ALA E 9 1.06 -25.87 6.99
CA ALA E 9 -0.38 -25.61 6.95
C ALA E 9 -0.95 -25.38 8.36
N ASP E 10 -0.53 -26.20 9.31
CA ASP E 10 -1.06 -26.20 10.68
C ASP E 10 0.03 -25.76 11.63
N ALA E 11 -0.34 -24.93 12.61
CA ALA E 11 0.58 -24.48 13.64
C ALA E 11 0.65 -25.55 14.73
N ARG E 12 1.80 -26.22 14.82
CA ARG E 12 2.02 -27.28 15.79
C ARG E 12 3.27 -26.93 16.60
N LEU E 13 3.64 -27.84 17.51
CA LEU E 13 4.88 -27.70 18.26
C LEU E 13 6.08 -27.79 17.32
N GLY E 14 6.78 -26.67 17.14
CA GLY E 14 7.95 -26.71 16.29
C GLY E 14 7.68 -26.86 14.81
N THR E 15 6.63 -26.21 14.31
CA THR E 15 6.31 -26.34 12.88
C THR E 15 7.36 -25.67 12.02
N PHE E 16 8.12 -24.72 12.58
CA PHE E 16 9.25 -24.14 11.87
C PHE E 16 10.57 -24.83 12.18
N SER E 17 10.63 -25.67 13.22
CA SER E 17 11.91 -26.25 13.63
C SER E 17 12.42 -27.28 12.63
N GLN E 18 11.50 -28.00 11.97
CA GLN E 18 11.91 -28.93 10.91
C GLN E 18 12.57 -28.18 9.76
N LEU E 19 12.04 -27.01 9.41
CA LEU E 19 12.60 -26.23 8.30
C LEU E 19 14.04 -25.82 8.55
N LEU E 20 14.48 -25.82 9.81
CA LEU E 20 15.88 -25.50 10.12
C LEU E 20 16.84 -26.56 9.62
N LEU E 21 16.36 -27.78 9.37
CA LEU E 21 17.25 -28.85 8.93
C LEU E 21 17.48 -28.85 7.43
N GLN E 22 16.78 -28.02 6.68
CA GLN E 22 16.86 -28.02 5.23
C GLN E 22 18.05 -27.19 4.80
N TRP E 23 18.76 -27.67 3.76
CA TRP E 23 19.94 -27.01 3.23
C TRP E 23 19.67 -26.22 1.96
N LYS E 24 18.83 -26.74 1.07
CA LYS E 24 18.50 -26.04 -0.16
C LYS E 24 17.67 -24.80 0.15
N GLY E 25 18.11 -23.66 -0.37
CA GLY E 25 17.41 -22.41 -0.11
C GLY E 25 17.51 -21.93 1.32
N SER E 26 18.54 -22.34 2.04
CA SER E 26 18.67 -22.04 3.47
C SER E 26 19.57 -20.83 3.66
N ILE E 27 19.48 -20.25 4.85
CA ILE E 27 20.36 -19.14 5.21
C ILE E 27 21.80 -19.63 5.36
N TYR E 28 21.98 -20.88 5.81
CA TYR E 28 23.33 -21.43 5.97
C TYR E 28 24.08 -21.45 4.65
N LYS E 29 23.40 -21.90 3.58
CA LYS E 29 24.04 -21.99 2.28
C LYS E 29 24.39 -20.62 1.73
N LEU E 30 23.56 -19.60 2.00
CA LEU E 30 23.85 -18.26 1.52
C LEU E 30 24.98 -17.60 2.31
N LEU E 31 25.07 -17.87 3.61
CA LEU E 31 25.96 -17.16 4.51
C LEU E 31 27.24 -17.93 4.83
N TYR E 32 27.42 -19.12 4.26
CA TYR E 32 28.57 -19.97 4.56
C TYR E 32 29.90 -19.25 4.44
N SER E 33 30.17 -18.66 3.26
CA SER E 33 31.49 -18.10 2.99
C SER E 33 31.76 -16.87 3.86
N GLU E 34 30.79 -15.96 3.93
CA GLU E 34 30.96 -14.76 4.75
C GLU E 34 31.15 -15.13 6.22
N PHE E 35 30.38 -16.10 6.71
CA PHE E 35 30.50 -16.52 8.10
C PHE E 35 31.88 -17.11 8.35
N LEU E 36 32.39 -17.91 7.42
CA LEU E 36 33.69 -18.53 7.60
C LEU E 36 34.78 -17.47 7.63
N ILE E 37 34.65 -16.46 6.76
CA ILE E 37 35.66 -15.40 6.70
C ILE E 37 35.66 -14.61 7.99
N PHE E 38 34.46 -14.26 8.48
CA PHE E 38 34.34 -13.47 9.70
C PHE E 38 34.87 -14.22 10.90
N ILE E 39 34.54 -15.51 11.00
CA ILE E 39 35.00 -16.32 12.14
C ILE E 39 36.53 -16.48 12.10
N SER E 40 37.09 -16.72 10.91
CA SER E 40 38.54 -16.87 10.79
C SER E 40 39.24 -15.58 11.16
N LEU E 41 38.71 -14.43 10.73
CA LEU E 41 39.34 -13.15 11.06
C LEU E 41 39.28 -12.89 12.56
N TYR E 42 38.15 -13.23 13.19
CA TYR E 42 38.03 -13.00 14.62
C TYR E 42 39.03 -13.86 15.38
N PHE E 43 39.16 -15.13 14.99
CA PHE E 43 40.04 -16.01 15.76
C PHE E 43 41.50 -15.71 15.45
N ALA E 44 41.83 -15.25 14.25
CA ALA E 44 43.20 -14.82 14.00
C ALA E 44 43.58 -13.61 14.85
N ILE E 45 42.66 -12.65 14.99
CA ILE E 45 42.94 -11.48 15.81
C ILE E 45 43.02 -11.88 17.28
N SER E 46 42.18 -12.84 17.69
CA SER E 46 42.25 -13.34 19.05
C SER E 46 43.57 -14.02 19.33
N LEU E 47 44.07 -14.80 18.37
CA LEU E 47 45.36 -15.46 18.59
C LEU E 47 46.50 -14.45 18.64
N VAL E 48 46.44 -13.41 17.80
CA VAL E 48 47.46 -12.37 17.84
C VAL E 48 47.45 -11.70 19.21
N TYR E 49 46.25 -11.41 19.74
CA TYR E 49 46.18 -10.72 21.03
C TYR E 49 46.62 -11.61 22.16
N ARG E 50 46.32 -12.90 22.06
CA ARG E 50 46.60 -13.81 23.17
C ARG E 50 48.05 -14.29 23.20
N LEU E 51 48.70 -14.44 22.05
CA LEU E 51 50.00 -15.08 22.01
C LEU E 51 51.13 -14.20 21.50
N ILE E 52 50.86 -13.24 20.62
CA ILE E 52 51.91 -12.48 19.96
C ILE E 52 52.19 -11.17 20.69
N LEU E 53 51.15 -10.42 21.04
CA LEU E 53 51.36 -9.10 21.59
C LEU E 53 51.96 -9.15 22.99
N SER E 54 52.81 -8.17 23.28
CA SER E 54 53.44 -8.03 24.58
C SER E 54 52.49 -7.26 25.51
N GLU E 55 52.99 -6.88 26.68
CA GLU E 55 52.14 -6.25 27.68
C GLU E 55 51.65 -4.88 27.21
N SER E 56 52.57 -4.02 26.78
CA SER E 56 52.17 -2.70 26.31
C SER E 56 51.26 -2.82 25.09
N GLN E 57 51.57 -3.77 24.19
CA GLN E 57 50.76 -3.89 23.00
C GLN E 57 49.38 -4.43 23.33
N ARG E 58 49.30 -5.32 24.33
CA ARG E 58 48.01 -5.80 24.79
C ARG E 58 47.19 -4.68 25.41
N LEU E 59 47.85 -3.77 26.14
CA LEU E 59 47.14 -2.64 26.73
C LEU E 59 46.59 -1.71 25.66
N MET E 60 47.42 -1.43 24.65
CA MET E 60 46.96 -0.61 23.52
C MET E 60 45.78 -1.28 22.80
N PHE E 61 45.88 -2.59 22.60
CA PHE E 61 44.79 -3.33 21.93
C PHE E 61 43.52 -3.29 22.76
N GLU E 62 43.65 -3.40 24.09
CA GLU E 62 42.48 -3.35 24.96
C GLU E 62 41.81 -1.98 24.88
N LYS E 63 42.60 -0.91 24.88
CA LYS E 63 42.01 0.42 24.73
C LYS E 63 41.30 0.56 23.39
N LEU E 64 41.93 0.08 22.31
CA LEU E 64 41.30 0.16 21.00
C LEU E 64 40.02 -0.65 20.95
N ALA E 65 39.98 -1.77 21.67
CA ALA E 65 38.79 -2.62 21.60
C ALA E 65 37.65 -2.00 22.37
N LEU E 66 37.96 -1.39 23.52
CA LEU E 66 36.91 -0.65 24.24
C LEU E 66 36.38 0.50 23.39
N TYR E 67 37.29 1.23 22.73
CA TYR E 67 36.89 2.33 21.85
C TYR E 67 35.97 1.85 20.74
N CYS E 68 36.38 0.79 20.04
CA CYS E 68 35.59 0.27 18.93
C CYS E 68 34.23 -0.24 19.38
N ASN E 69 34.20 -0.98 20.50
CA ASN E 69 32.94 -1.52 20.98
C ASN E 69 31.98 -0.41 21.42
N SER E 70 32.52 0.66 22.00
CA SER E 70 31.64 1.75 22.42
C SER E 70 31.13 2.53 21.22
N TYR E 71 31.99 2.85 20.25
CA TYR E 71 31.57 3.75 19.19
C TYR E 71 31.06 3.05 17.94
N ALA E 72 31.01 1.72 17.91
CA ALA E 72 30.41 1.04 16.77
C ALA E 72 28.90 1.16 16.75
N GLU E 73 28.29 1.62 17.85
CA GLU E 73 26.84 1.82 17.88
C GLU E 73 26.42 3.08 17.15
N LEU E 74 27.36 3.96 16.80
CA LEU E 74 27.05 5.11 15.95
C LEU E 74 26.64 4.72 14.54
N ILE E 75 27.03 3.53 14.10
CA ILE E 75 26.67 2.99 12.79
C ILE E 75 25.21 2.55 12.84
N PRO E 76 24.31 3.21 12.11
CA PRO E 76 22.88 2.82 12.15
C PRO E 76 22.54 1.63 11.24
N VAL E 77 22.99 0.45 11.66
CA VAL E 77 22.84 -0.75 10.85
C VAL E 77 21.38 -1.08 10.67
N SER E 78 20.59 -1.09 11.75
CA SER E 78 19.22 -1.54 11.57
C SER E 78 18.39 -0.51 10.81
N PHE E 79 18.70 0.78 11.01
CA PHE E 79 18.00 1.86 10.32
C PHE E 79 18.09 1.69 8.80
N VAL E 80 19.31 1.54 8.28
CA VAL E 80 19.46 1.42 6.83
C VAL E 80 19.01 0.04 6.34
N LEU E 81 19.27 -1.00 7.15
CA LEU E 81 19.01 -2.37 6.70
C LEU E 81 17.52 -2.64 6.58
N GLY E 82 16.72 -2.13 7.51
CA GLY E 82 15.28 -2.34 7.46
C GLY E 82 14.64 -1.66 6.26
N PHE E 83 15.05 -0.42 5.97
CA PHE E 83 14.54 0.26 4.79
C PHE E 83 14.92 -0.48 3.51
N TYR E 84 16.18 -0.91 3.42
CA TYR E 84 16.66 -1.53 2.20
C TYR E 84 15.92 -2.85 1.97
N VAL E 85 15.72 -3.63 3.05
CA VAL E 85 15.06 -4.91 2.94
C VAL E 85 13.57 -4.73 2.60
N SER E 86 12.91 -3.72 3.19
CA SER E 86 11.51 -3.49 2.85
C SER E 86 11.36 -3.14 1.37
N LEU E 87 12.24 -2.28 0.85
CA LEU E 87 12.20 -1.96 -0.58
C LEU E 87 12.43 -3.21 -1.44
N VAL E 88 13.42 -4.03 -1.08
CA VAL E 88 13.73 -5.24 -1.85
C VAL E 88 12.53 -6.17 -1.88
N VAL E 89 11.86 -6.33 -0.74
CA VAL E 89 10.79 -7.31 -0.61
C VAL E 89 9.54 -6.86 -1.37
N SER E 90 9.20 -5.57 -1.27
CA SER E 90 8.08 -5.06 -2.03
C SER E 90 8.33 -5.23 -3.53
N ARG E 91 9.55 -4.91 -3.98
CA ARG E 91 9.87 -5.08 -5.40
C ARG E 91 9.85 -6.55 -5.80
N TRP E 92 10.26 -7.44 -4.88
CA TRP E 92 10.26 -8.88 -5.18
C TRP E 92 8.85 -9.39 -5.47
N TRP E 93 7.91 -9.10 -4.58
CA TRP E 93 6.56 -9.60 -4.83
C TRP E 93 5.92 -8.90 -6.03
N ALA E 94 6.17 -7.59 -6.19
CA ALA E 94 5.63 -6.91 -7.37
C ALA E 94 6.18 -7.50 -8.66
N GLN E 95 7.43 -7.94 -8.66
CA GLN E 95 8.00 -8.55 -9.85
C GLN E 95 7.38 -9.91 -10.11
N TYR E 96 7.09 -10.68 -9.06
CA TYR E 96 6.39 -11.94 -9.32
C TYR E 96 5.04 -11.67 -9.96
N GLU E 97 4.31 -10.68 -9.44
CA GLU E 97 2.96 -10.41 -9.94
C GLU E 97 2.96 -9.86 -11.36
N SER E 98 4.10 -9.39 -11.86
CA SER E 98 4.21 -8.87 -13.21
C SER E 98 4.56 -9.91 -14.25
N ILE E 99 4.81 -11.15 -13.84
CA ILE E 99 5.14 -12.21 -14.81
C ILE E 99 3.89 -12.55 -15.60
N PRO E 100 3.93 -12.50 -16.93
CA PRO E 100 2.72 -12.70 -17.72
C PRO E 100 2.30 -14.16 -17.76
N TRP E 101 0.99 -14.40 -17.63
CA TRP E 101 0.38 -15.70 -17.82
C TRP E 101 -0.54 -15.65 -19.03
N PRO E 102 -0.57 -16.71 -19.84
CA PRO E 102 -1.38 -16.71 -21.07
C PRO E 102 -2.82 -17.19 -20.89
N ASP E 103 -3.24 -17.47 -19.67
CA ASP E 103 -4.53 -18.13 -19.42
C ASP E 103 -5.71 -17.26 -19.84
N ARG E 104 -5.72 -15.98 -19.45
CA ARG E 104 -6.79 -15.06 -19.86
C ARG E 104 -6.88 -14.94 -21.37
N ILE E 105 -5.73 -14.86 -22.04
CA ILE E 105 -5.71 -14.78 -23.51
C ILE E 105 -6.21 -16.08 -24.12
N MET E 106 -5.73 -17.22 -23.61
CA MET E 106 -6.05 -18.50 -24.23
C MET E 106 -7.52 -18.86 -24.04
N ASN E 107 -8.14 -18.43 -22.93
CA ASN E 107 -9.57 -18.66 -22.77
C ASN E 107 -10.37 -18.02 -23.89
N LEU E 108 -9.99 -16.80 -24.29
CA LEU E 108 -10.72 -16.12 -25.36
C LEU E 108 -10.35 -16.66 -26.74
N VAL E 109 -9.07 -17.00 -26.94
CA VAL E 109 -8.63 -17.48 -28.25
C VAL E 109 -9.21 -18.86 -28.54
N SER E 110 -9.26 -19.73 -27.53
CA SER E 110 -9.81 -21.06 -27.70
C SER E 110 -11.29 -21.03 -28.08
N CYS E 111 -12.05 -20.07 -27.60
CA CYS E 111 -13.49 -20.11 -27.81
C CYS E 111 -13.99 -19.15 -28.88
N ASN E 112 -13.23 -18.10 -29.22
CA ASN E 112 -13.72 -17.06 -30.11
C ASN E 112 -13.06 -17.04 -31.48
N VAL E 113 -12.02 -17.84 -31.70
CA VAL E 113 -11.41 -17.96 -33.01
C VAL E 113 -11.92 -19.28 -33.59
N ASP E 114 -12.88 -19.19 -34.51
CA ASP E 114 -13.61 -20.32 -35.04
C ASP E 114 -12.83 -21.11 -36.09
N GLY E 115 -13.33 -22.31 -36.38
CA GLY E 115 -12.75 -23.18 -37.38
C GLY E 115 -12.06 -24.41 -36.84
N GLU E 116 -12.61 -25.59 -37.12
CA GLU E 116 -11.97 -26.84 -36.77
C GLU E 116 -11.02 -27.35 -37.85
N ASP E 117 -10.86 -26.61 -38.95
CA ASP E 117 -10.02 -27.02 -40.07
C ASP E 117 -8.57 -26.68 -39.78
N GLU E 118 -7.70 -26.86 -40.77
CA GLU E 118 -6.28 -26.59 -40.57
C GLU E 118 -6.03 -25.11 -40.33
N TYR E 119 -6.76 -24.23 -41.03
CA TYR E 119 -6.50 -22.80 -40.92
C TYR E 119 -6.89 -22.25 -39.56
N GLY E 120 -8.01 -22.72 -39.00
CA GLY E 120 -8.40 -22.28 -37.67
C GLY E 120 -7.41 -22.72 -36.61
N ARG E 121 -6.93 -23.97 -36.72
CA ARG E 121 -5.92 -24.44 -35.78
C ARG E 121 -4.63 -23.63 -35.92
N LEU E 122 -4.23 -23.34 -37.16
CA LEU E 122 -3.03 -22.53 -37.39
C LEU E 122 -3.18 -21.15 -36.78
N LEU E 123 -4.36 -20.54 -36.93
CA LEU E 123 -4.58 -19.20 -36.39
C LEU E 123 -4.50 -19.20 -34.88
N ARG E 124 -5.20 -20.14 -34.23
CA ARG E 124 -5.20 -20.16 -32.77
C ARG E 124 -3.80 -20.44 -32.22
N ARG E 125 -3.10 -21.41 -32.83
CA ARG E 125 -1.77 -21.77 -32.38
C ARG E 125 -0.80 -20.61 -32.58
N THR E 126 -0.91 -19.91 -33.71
CA THR E 126 -0.01 -18.80 -33.99
C THR E 126 -0.25 -17.63 -33.05
N LEU E 127 -1.51 -17.34 -32.73
CA LEU E 127 -1.81 -16.27 -31.77
C LEU E 127 -1.21 -16.59 -30.40
N MET E 128 -1.44 -17.81 -29.93
CA MET E 128 -0.86 -18.19 -28.64
C MET E 128 0.67 -18.15 -28.68
N ARG E 129 1.26 -18.58 -29.79
CA ARG E 129 2.71 -18.56 -29.92
C ARG E 129 3.25 -17.14 -29.92
N TYR E 130 2.52 -16.19 -30.51
CA TYR E 130 2.95 -14.80 -30.48
C TYR E 130 2.93 -14.24 -29.06
N SER E 131 1.86 -14.54 -28.31
CA SER E 131 1.77 -14.01 -26.94
C SER E 131 2.88 -14.62 -26.08
N ASN E 132 3.04 -15.94 -26.17
CA ASN E 132 4.12 -16.60 -25.44
C ASN E 132 5.49 -16.08 -25.89
N LEU E 133 5.63 -15.70 -27.16
CA LEU E 133 6.91 -15.21 -27.66
C LEU E 133 7.24 -13.85 -27.05
N CYS E 134 6.24 -12.98 -26.93
CA CYS E 134 6.46 -11.72 -26.23
C CYS E 134 6.93 -11.97 -24.80
N SER E 135 6.25 -12.89 -24.10
CA SER E 135 6.66 -13.17 -22.73
C SER E 135 8.09 -13.72 -22.68
N VAL E 136 8.43 -14.64 -23.60
CA VAL E 136 9.78 -15.22 -23.64
C VAL E 136 10.83 -14.15 -23.90
N LEU E 137 10.53 -13.23 -24.82
CA LEU E 137 11.49 -12.20 -25.18
C LEU E 137 11.80 -11.30 -23.99
N ILE E 138 10.75 -10.83 -23.31
CA ILE E 138 10.99 -9.95 -22.17
C ILE E 138 11.68 -10.72 -21.04
N LEU E 139 11.31 -12.00 -20.86
CA LEU E 139 11.92 -12.78 -19.79
C LEU E 139 13.41 -13.00 -20.04
N ARG E 140 13.80 -13.32 -21.27
CA ARG E 140 15.21 -13.47 -21.56
C ARG E 140 15.94 -12.14 -21.53
N SER E 141 15.21 -11.02 -21.68
CA SER E 141 15.83 -9.72 -21.42
C SER E 141 16.09 -9.50 -19.93
N VAL E 142 15.23 -10.02 -19.06
CA VAL E 142 15.26 -9.65 -17.64
C VAL E 142 15.78 -10.77 -16.75
N SER E 143 15.99 -11.97 -17.28
CA SER E 143 16.34 -13.14 -16.48
C SER E 143 17.59 -13.79 -17.04
N THR E 144 18.60 -13.98 -16.17
CA THR E 144 19.82 -14.64 -16.61
C THR E 144 19.59 -16.12 -16.87
N ALA E 145 18.67 -16.74 -16.15
CA ALA E 145 18.36 -18.15 -16.39
C ALA E 145 17.78 -18.35 -17.78
N VAL E 146 16.80 -17.52 -18.15
CA VAL E 146 16.18 -17.64 -19.47
C VAL E 146 17.17 -17.27 -20.55
N TYR E 147 18.04 -16.30 -20.28
CA TYR E 147 19.02 -15.87 -21.27
C TYR E 147 20.06 -16.97 -21.50
N LYS E 148 20.42 -17.69 -20.44
CA LYS E 148 21.36 -18.80 -20.59
C LYS E 148 20.70 -19.97 -21.31
N ARG E 149 19.37 -20.12 -21.13
CA ARG E 149 18.64 -21.12 -21.91
C ARG E 149 18.56 -20.74 -23.38
N PHE E 150 18.32 -19.46 -23.66
CA PHE E 150 18.21 -18.94 -25.03
C PHE E 150 19.25 -17.84 -25.24
N PRO E 151 20.51 -18.21 -25.49
CA PRO E 151 21.54 -17.17 -25.65
C PRO E 151 21.43 -16.37 -26.94
N SER E 152 20.72 -16.85 -27.96
CA SER E 152 20.47 -16.10 -29.17
C SER E 152 19.07 -16.46 -29.66
N MET E 153 18.61 -15.73 -30.66
CA MET E 153 17.30 -15.98 -31.24
C MET E 153 17.24 -17.32 -31.97
N GLU E 154 18.39 -17.83 -32.44
CA GLU E 154 18.42 -19.15 -33.04
C GLU E 154 18.00 -20.23 -32.04
N HIS E 155 18.38 -20.05 -30.77
CA HIS E 155 17.93 -20.98 -29.73
C HIS E 155 16.42 -20.89 -29.54
N VAL E 156 15.86 -19.69 -29.68
CA VAL E 156 14.41 -19.53 -29.59
C VAL E 156 13.72 -20.22 -30.76
N VAL E 157 14.35 -20.19 -31.93
CA VAL E 157 13.77 -20.85 -33.10
C VAL E 157 13.84 -22.36 -32.94
N ARG E 158 14.96 -22.87 -32.43
CA ARG E 158 15.16 -24.31 -32.27
C ARG E 158 14.25 -24.89 -31.21
N ALA E 159 13.73 -24.07 -30.30
CA ALA E 159 12.81 -24.53 -29.26
C ALA E 159 11.36 -24.48 -29.70
N GLY E 160 11.09 -24.14 -30.96
CA GLY E 160 9.74 -24.04 -31.48
C GLY E 160 8.95 -22.82 -31.05
N LEU E 161 9.55 -21.91 -30.29
CA LEU E 161 8.84 -20.69 -29.91
C LEU E 161 8.72 -19.72 -31.07
N MET E 162 9.60 -19.82 -32.06
CA MET E 162 9.57 -18.90 -33.19
C MET E 162 9.94 -19.69 -34.45
N THR E 163 9.20 -19.49 -35.54
CA THR E 163 9.49 -20.18 -36.79
C THR E 163 10.63 -19.46 -37.50
N PRO E 164 11.28 -20.12 -38.48
CA PRO E 164 12.37 -19.42 -39.17
C PRO E 164 11.87 -18.23 -39.99
N GLU E 165 10.67 -18.33 -40.54
CA GLU E 165 10.10 -17.18 -41.24
C GLU E 165 9.87 -16.01 -40.30
N GLU E 166 9.34 -16.30 -39.11
CA GLU E 166 9.16 -15.26 -38.11
C GLU E 166 10.49 -14.69 -37.67
N HIS E 167 11.53 -15.52 -37.64
CA HIS E 167 12.85 -15.01 -37.28
C HIS E 167 13.39 -14.07 -38.36
N LYS E 168 13.16 -14.40 -39.63
CA LYS E 168 13.61 -13.52 -40.71
C LYS E 168 12.84 -12.20 -40.69
N LYS E 169 11.53 -12.26 -40.46
CA LYS E 169 10.75 -11.03 -40.35
C LYS E 169 11.17 -10.21 -39.14
N PHE E 170 11.44 -10.89 -38.02
CA PHE E 170 11.88 -10.23 -36.80
C PHE E 170 13.18 -9.48 -37.01
N GLU E 171 14.13 -10.11 -37.70
CA GLU E 171 15.42 -9.48 -37.95
C GLU E 171 15.34 -8.42 -39.03
N SER E 172 14.38 -8.51 -39.95
CA SER E 172 14.26 -7.49 -40.99
C SER E 172 13.80 -6.16 -40.41
N LEU E 173 13.03 -6.18 -39.33
CA LEU E 173 12.59 -4.95 -38.68
C LEU E 173 13.75 -4.32 -37.93
N ASN E 174 14.08 -3.08 -38.27
CA ASN E 174 15.28 -2.42 -37.77
C ASN E 174 14.91 -1.51 -36.61
N SER E 175 15.49 -1.77 -35.44
CA SER E 175 15.24 -1.00 -34.23
C SER E 175 16.43 -1.06 -33.29
N PRO E 176 16.94 0.09 -32.83
CA PRO E 176 18.09 0.09 -31.93
C PRO E 176 17.68 -0.17 -30.48
N HIS E 177 16.45 -0.64 -30.27
CA HIS E 177 15.91 -0.85 -28.95
C HIS E 177 15.45 -2.29 -28.78
N ASN E 178 15.06 -2.65 -27.56
CA ASN E 178 14.62 -4.00 -27.26
C ASN E 178 13.36 -4.33 -28.07
N LYS E 179 13.35 -5.50 -28.72
CA LYS E 179 12.31 -5.86 -29.67
C LYS E 179 11.27 -6.81 -29.08
N PHE E 180 11.09 -6.80 -27.76
CA PHE E 180 10.14 -7.73 -27.15
C PHE E 180 8.69 -7.40 -27.52
N TRP E 181 8.43 -6.16 -27.97
CA TRP E 181 7.07 -5.71 -28.27
C TRP E 181 6.60 -6.13 -29.65
N ILE E 182 7.50 -6.60 -30.52
CA ILE E 182 7.12 -7.02 -31.87
C ILE E 182 6.00 -8.04 -31.88
N PRO E 183 6.08 -9.16 -31.14
CA PRO E 183 5.01 -10.16 -31.25
C PRO E 183 3.66 -9.66 -30.78
N CYS E 184 3.59 -8.61 -29.96
CA CYS E 184 2.29 -8.05 -29.61
C CYS E 184 1.64 -7.36 -30.81
N VAL E 185 2.42 -6.60 -31.57
CA VAL E 185 1.92 -6.00 -32.80
C VAL E 185 1.51 -7.09 -33.78
N TRP E 186 2.30 -8.15 -33.85
CA TRP E 186 1.95 -9.28 -34.72
C TRP E 186 0.63 -9.91 -34.30
N PHE E 187 0.46 -10.09 -32.98
CA PHE E 187 -0.78 -10.65 -32.45
C PHE E 187 -1.99 -9.77 -32.80
N SER E 188 -1.89 -8.45 -32.58
CA SER E 188 -3.04 -7.59 -32.88
C SER E 188 -3.37 -7.62 -34.36
N ASN E 189 -2.35 -7.59 -35.22
CA ASN E 189 -2.62 -7.61 -36.66
C ASN E 189 -3.18 -8.95 -37.11
N LEU E 190 -2.70 -10.05 -36.54
CA LEU E 190 -3.25 -11.35 -36.88
C LEU E 190 -4.68 -11.51 -36.39
N ALA E 191 -4.98 -10.98 -35.20
CA ALA E 191 -6.34 -11.05 -34.70
C ALA E 191 -7.29 -10.26 -35.60
N VAL E 192 -6.85 -9.08 -36.05
CA VAL E 192 -7.70 -8.31 -36.96
C VAL E 192 -7.85 -9.04 -38.29
N LYS E 193 -6.79 -9.72 -38.74
CA LYS E 193 -6.86 -10.47 -39.99
C LYS E 193 -7.85 -11.63 -39.86
N ALA E 194 -7.82 -12.31 -38.70
CA ALA E 194 -8.78 -13.38 -38.44
C ALA E 194 -10.21 -12.85 -38.44
N ARG E 195 -10.40 -11.65 -37.89
CA ARG E 195 -11.71 -11.04 -37.83
C ARG E 195 -12.19 -10.69 -39.24
N ASN E 196 -11.28 -10.19 -40.07
CA ASN E 196 -11.65 -9.78 -41.42
C ASN E 196 -11.93 -10.96 -42.33
N GLU E 197 -11.44 -12.14 -41.98
CA GLU E 197 -11.68 -13.38 -42.73
C GLU E 197 -12.88 -14.16 -42.19
N GLY E 198 -13.61 -13.62 -41.21
CA GLY E 198 -14.77 -14.29 -40.67
C GLY E 198 -14.50 -15.25 -39.54
N ARG E 199 -13.25 -15.37 -39.09
CA ARG E 199 -12.92 -16.32 -38.04
C ARG E 199 -13.29 -15.79 -36.65
N ILE E 200 -13.34 -14.49 -36.48
CA ILE E 200 -13.86 -13.86 -35.26
C ILE E 200 -15.19 -13.22 -35.60
N ARG E 201 -16.23 -13.52 -34.81
CA ARG E 201 -17.59 -13.22 -35.23
C ARG E 201 -17.82 -11.72 -35.41
N ASP E 202 -17.34 -10.90 -34.48
CA ASP E 202 -17.63 -9.48 -34.51
C ASP E 202 -16.56 -8.72 -33.73
N SER E 203 -16.72 -7.40 -33.65
CA SER E 203 -15.65 -6.57 -33.12
C SER E 203 -15.67 -6.48 -31.61
N VAL E 204 -16.76 -6.94 -30.96
CA VAL E 204 -16.75 -6.97 -29.50
C VAL E 204 -15.81 -8.06 -28.97
N LEU E 205 -15.85 -9.23 -29.60
CA LEU E 205 -14.97 -10.32 -29.25
C LEU E 205 -13.53 -10.03 -29.64
N LEU E 206 -13.33 -9.48 -30.84
CA LEU E 206 -12.02 -8.98 -31.24
C LEU E 206 -11.45 -7.97 -30.23
N GLN E 207 -12.27 -7.04 -29.76
CA GLN E 207 -11.78 -6.04 -28.82
C GLN E 207 -11.46 -6.67 -27.46
N GLY E 208 -12.24 -7.66 -27.05
CA GLY E 208 -11.91 -8.40 -25.84
C GLY E 208 -10.55 -9.08 -25.93
N ILE E 209 -10.29 -9.71 -27.07
CA ILE E 209 -8.99 -10.36 -27.26
C ILE E 209 -7.86 -9.32 -27.26
N LEU E 210 -8.08 -8.18 -27.91
CA LEU E 210 -7.05 -7.15 -27.94
C LEU E 210 -6.82 -6.54 -26.55
N ASN E 211 -7.88 -6.41 -25.75
CA ASN E 211 -7.72 -5.93 -24.40
C ASN E 211 -6.86 -6.89 -23.57
N GLU E 212 -7.08 -8.19 -23.73
CA GLU E 212 -6.25 -9.13 -22.99
C GLU E 212 -4.80 -9.06 -23.47
N LEU E 213 -4.61 -8.78 -24.77
CA LEU E 213 -3.26 -8.68 -25.30
C LEU E 213 -2.56 -7.47 -24.70
N ASN E 214 -3.29 -6.36 -24.58
CA ASN E 214 -2.70 -5.16 -24.00
C ASN E 214 -2.44 -5.33 -22.50
N THR E 215 -3.28 -6.07 -21.81
CA THR E 215 -3.00 -6.41 -20.42
C THR E 215 -1.68 -7.21 -20.31
N LEU E 216 -1.49 -8.16 -21.22
CA LEU E 216 -0.25 -8.91 -21.28
C LEU E 216 0.94 -7.99 -21.54
N ARG E 217 0.80 -7.08 -22.50
CA ARG E 217 1.83 -6.09 -22.79
C ARG E 217 2.20 -5.31 -21.53
N SER E 218 1.20 -4.82 -20.80
CA SER E 218 1.48 -4.05 -19.60
C SER E 218 2.27 -4.87 -18.58
N GLN E 219 1.95 -6.16 -18.46
CA GLN E 219 2.77 -7.03 -17.59
C GLN E 219 4.23 -7.04 -18.05
N CYS E 220 4.45 -7.15 -19.36
CA CYS E 220 5.80 -7.20 -19.89
C CYS E 220 6.51 -5.88 -19.65
N GLY E 221 5.76 -4.77 -19.76
CA GLY E 221 6.33 -3.46 -19.47
C GLY E 221 6.70 -3.28 -18.02
N ARG E 222 5.92 -3.87 -17.10
CA ARG E 222 6.29 -3.81 -15.69
C ARG E 222 7.57 -4.60 -15.41
N LEU E 223 7.69 -5.80 -16.01
CA LEU E 223 8.96 -6.53 -15.96
C LEU E 223 10.11 -5.69 -16.47
N TYR E 224 9.92 -5.02 -17.61
CA TYR E 224 10.96 -4.19 -18.19
C TYR E 224 11.33 -3.05 -17.25
N GLY E 225 10.32 -2.46 -16.60
CA GLY E 225 10.58 -1.36 -15.69
C GLY E 225 11.35 -1.78 -14.46
N TYR E 226 11.03 -2.94 -13.89
CA TYR E 226 11.77 -3.40 -12.71
C TYR E 226 13.20 -3.81 -13.08
N ASP E 227 13.40 -4.35 -14.29
CA ASP E 227 14.75 -4.66 -14.73
C ASP E 227 15.56 -3.40 -14.99
N TRP E 228 14.97 -2.44 -15.70
CA TRP E 228 15.68 -1.22 -16.08
C TRP E 228 15.95 -0.35 -14.86
N ILE E 229 14.92 -0.07 -14.08
CA ILE E 229 14.99 0.83 -12.93
C ILE E 229 15.35 -0.04 -11.72
N SER E 230 16.64 -0.22 -11.49
CA SER E 230 17.04 -1.00 -10.32
C SER E 230 16.95 -0.12 -9.09
N ILE E 231 17.02 -0.76 -7.92
CA ILE E 231 17.18 -0.02 -6.68
C ILE E 231 18.39 0.90 -6.81
N PRO E 232 18.27 2.18 -6.45
CA PRO E 232 19.39 3.13 -6.63
C PRO E 232 20.68 2.57 -6.04
N LEU E 233 21.75 2.64 -6.85
CA LEU E 233 23.04 2.07 -6.45
C LEU E 233 23.53 2.66 -5.14
N VAL E 234 23.17 3.91 -4.86
CA VAL E 234 23.61 4.58 -3.64
C VAL E 234 23.11 3.81 -2.43
N TYR E 235 21.87 3.33 -2.47
CA TYR E 235 21.31 2.57 -1.35
C TYR E 235 22.06 1.27 -1.14
N THR E 236 22.34 0.54 -2.23
CA THR E 236 23.06 -0.72 -2.12
C THR E 236 24.45 -0.50 -1.53
N GLN E 237 25.15 0.54 -1.99
CA GLN E 237 26.48 0.84 -1.49
C GLN E 237 26.43 1.21 -0.01
N VAL E 238 25.47 2.04 0.37
CA VAL E 238 25.38 2.49 1.77
C VAL E 238 25.10 1.31 2.69
N VAL E 239 24.20 0.42 2.28
CA VAL E 239 23.78 -0.67 3.16
C VAL E 239 24.91 -1.69 3.30
N THR E 240 25.62 -1.99 2.20
CA THR E 240 26.73 -2.92 2.34
C THR E 240 27.88 -2.31 3.16
N VAL E 241 28.14 -1.01 2.98
CA VAL E 241 29.14 -0.31 3.81
C VAL E 241 28.75 -0.37 5.28
N ALA E 242 27.46 -0.21 5.58
CA ALA E 242 27.05 -0.20 6.98
C ALA E 242 27.28 -1.56 7.61
N VAL E 243 26.83 -2.63 6.94
CA VAL E 243 27.02 -3.96 7.51
C VAL E 243 28.51 -4.29 7.65
N TYR E 244 29.28 -4.03 6.59
CA TYR E 244 30.68 -4.43 6.59
C TYR E 244 31.48 -3.65 7.63
N SER E 245 31.23 -2.34 7.75
CA SER E 245 31.95 -1.53 8.72
C SER E 245 31.57 -1.92 10.14
N PHE E 246 30.29 -2.24 10.37
CA PHE E 246 29.89 -2.63 11.71
C PHE E 246 30.58 -3.92 12.14
N PHE E 247 30.71 -4.89 11.23
CA PHE E 247 31.33 -6.14 11.67
C PHE E 247 32.86 -6.08 11.61
N LEU E 248 33.42 -5.19 10.80
CA LEU E 248 34.85 -4.91 10.90
C LEU E 248 35.18 -4.28 12.24
N ALA E 249 34.33 -3.39 12.72
CA ALA E 249 34.52 -2.86 14.06
C ALA E 249 34.37 -3.96 15.09
N CYS E 250 33.39 -4.86 14.90
CA CYS E 250 33.18 -5.94 15.87
C CYS E 250 34.36 -6.91 15.93
N LEU E 251 35.16 -6.98 14.87
CA LEU E 251 36.33 -7.83 14.87
C LEU E 251 37.34 -7.43 15.93
N ILE E 252 37.29 -6.17 16.36
CA ILE E 252 38.16 -5.68 17.43
C ILE E 252 37.38 -5.47 18.73
N GLY E 253 36.19 -4.87 18.66
CA GLY E 253 35.47 -4.51 19.86
C GLY E 253 34.84 -5.68 20.57
N ARG E 254 34.70 -6.83 19.91
CA ARG E 254 34.07 -7.98 20.53
C ARG E 254 35.06 -9.06 20.94
N GLN E 255 36.36 -8.73 20.95
CA GLN E 255 37.35 -9.66 21.46
C GLN E 255 37.21 -9.82 22.97
N PHE E 256 37.61 -11.00 23.46
CA PHE E 256 37.58 -11.29 24.89
C PHE E 256 38.82 -10.68 25.54
N LEU E 257 38.64 -9.55 26.22
CA LEU E 257 39.74 -8.87 26.89
C LEU E 257 40.14 -9.64 28.15
N ASP E 258 41.32 -9.32 28.65
CA ASP E 258 41.87 -9.96 29.83
C ASP E 258 40.99 -9.72 31.05
N PRO E 259 40.42 -10.76 31.67
CA PRO E 259 39.55 -10.54 32.84
C PRO E 259 40.28 -9.98 34.05
N GLU E 260 41.60 -10.06 34.10
CA GLU E 260 42.34 -9.50 35.22
C GLU E 260 42.31 -7.97 35.22
N LYS E 261 42.14 -7.36 34.05
CA LYS E 261 42.04 -5.91 34.00
C LYS E 261 40.69 -5.37 34.47
N ALA E 262 39.71 -6.26 34.71
CA ALA E 262 38.41 -5.90 35.27
C ALA E 262 37.71 -4.83 34.43
N TYR E 263 37.82 -4.95 33.12
CA TYR E 263 37.04 -4.09 32.23
C TYR E 263 35.57 -4.44 32.34
N PRO E 264 34.67 -3.44 32.32
CA PRO E 264 33.24 -3.76 32.44
C PRO E 264 32.75 -4.48 31.21
N GLY E 265 32.15 -5.65 31.41
CA GLY E 265 31.67 -6.46 30.32
C GLY E 265 32.65 -7.51 29.85
N HIS E 266 33.87 -7.51 30.39
CA HIS E 266 34.90 -8.49 30.03
C HIS E 266 35.32 -9.31 31.24
N GLU E 267 34.36 -9.68 32.07
CA GLU E 267 34.66 -10.43 33.28
C GLU E 267 34.89 -11.92 33.00
N LEU E 268 34.28 -12.46 31.95
CA LEU E 268 34.31 -13.88 31.65
C LEU E 268 34.88 -14.09 30.25
N ASP E 269 35.89 -14.97 30.12
CA ASP E 269 36.56 -15.25 28.86
C ASP E 269 36.10 -16.61 28.37
N LEU E 270 35.25 -16.61 27.33
CA LEU E 270 34.70 -17.84 26.77
C LEU E 270 35.31 -18.20 25.42
N PHE E 271 36.23 -17.39 24.94
CA PHE E 271 37.01 -17.61 23.71
C PHE E 271 36.19 -17.42 22.44
N VAL E 272 34.94 -17.88 22.42
CA VAL E 272 34.06 -17.79 21.26
C VAL E 272 32.96 -16.77 21.57
N PRO E 273 32.84 -15.69 20.79
CA PRO E 273 31.75 -14.74 21.01
C PRO E 273 30.43 -15.22 20.40
N VAL E 274 29.71 -16.04 21.17
CA VAL E 274 28.51 -16.69 20.63
C VAL E 274 27.49 -15.64 20.22
N PHE E 275 27.32 -14.59 21.03
CA PHE E 275 26.33 -13.57 20.71
C PHE E 275 26.79 -12.66 19.59
N THR E 276 28.10 -12.43 19.45
CA THR E 276 28.60 -11.68 18.29
C THR E 276 28.41 -12.47 17.00
N PHE E 277 28.67 -13.77 17.03
CA PHE E 277 28.45 -14.62 15.87
C PHE E 277 26.97 -14.70 15.55
N LEU E 278 26.11 -14.70 16.59
CA LEU E 278 24.67 -14.68 16.33
C LEU E 278 24.25 -13.37 15.67
N GLN E 279 24.85 -12.26 16.10
CA GLN E 279 24.47 -10.95 15.59
C GLN E 279 24.92 -10.83 14.14
N PHE E 280 26.09 -11.41 13.83
CA PHE E 280 26.54 -11.51 12.45
C PHE E 280 25.56 -12.35 11.64
N PHE E 281 25.16 -13.51 12.17
CA PHE E 281 24.18 -14.35 11.50
C PHE E 281 22.95 -13.54 11.10
N PHE E 282 22.38 -12.82 12.06
CA PHE E 282 21.13 -12.11 11.79
C PHE E 282 21.34 -10.95 10.81
N TYR E 283 22.29 -10.05 11.08
CA TYR E 283 22.42 -8.86 10.24
C TYR E 283 23.02 -9.22 8.87
N ALA E 284 24.16 -9.91 8.85
CA ALA E 284 24.73 -10.33 7.57
C ALA E 284 23.78 -11.19 6.77
N GLY E 285 23.03 -12.06 7.44
CA GLY E 285 22.07 -12.88 6.74
C GLY E 285 20.96 -12.04 6.17
N TRP E 286 20.49 -11.04 6.91
CA TRP E 286 19.49 -10.11 6.41
C TRP E 286 19.97 -9.44 5.12
N LEU E 287 21.23 -9.02 5.11
CA LEU E 287 21.82 -8.45 3.89
C LEU E 287 21.90 -9.48 2.77
N LYS E 288 22.30 -10.71 3.07
CA LYS E 288 22.42 -11.74 2.05
C LYS E 288 21.06 -12.09 1.44
N VAL E 289 20.01 -12.14 2.26
CA VAL E 289 18.67 -12.35 1.72
C VAL E 289 18.31 -11.21 0.77
N ALA E 290 18.63 -9.97 1.14
CA ALA E 290 18.42 -8.86 0.21
C ALA E 290 19.23 -9.06 -1.07
N GLU E 291 20.44 -9.61 -0.95
CA GLU E 291 21.27 -9.84 -2.13
C GLU E 291 20.64 -10.88 -3.06
N GLN E 292 20.00 -11.90 -2.47
CA GLN E 292 19.35 -12.95 -3.26
C GLN E 292 18.05 -12.46 -3.88
N LEU E 293 17.28 -11.65 -3.16
CA LEU E 293 15.99 -11.18 -3.67
C LEU E 293 16.07 -9.98 -4.59
N ILE E 294 17.21 -9.29 -4.66
CA ILE E 294 17.25 -8.02 -5.41
C ILE E 294 17.01 -8.28 -6.90
N ASN E 295 17.47 -9.42 -7.42
CA ASN E 295 17.14 -9.85 -8.78
C ASN E 295 16.59 -11.26 -8.65
N PRO E 296 15.27 -11.43 -8.56
CA PRO E 296 14.69 -12.76 -8.37
C PRO E 296 14.56 -13.59 -9.64
N PHE E 297 15.18 -13.15 -10.73
CA PHE E 297 15.17 -13.83 -12.01
C PHE E 297 16.50 -14.48 -12.36
N GLY E 298 17.38 -14.63 -11.37
CA GLY E 298 18.65 -15.29 -11.56
C GLY E 298 18.57 -16.79 -11.35
N GLU E 299 19.70 -17.37 -10.95
CA GLU E 299 19.82 -18.80 -10.74
C GLU E 299 19.99 -19.17 -9.26
N ASP E 300 19.54 -18.31 -8.35
CA ASP E 300 19.54 -18.67 -6.94
C ASP E 300 18.51 -19.77 -6.67
N ASP E 301 18.70 -20.48 -5.56
CA ASP E 301 17.76 -21.54 -5.19
C ASP E 301 16.36 -20.98 -4.97
N ASP E 302 16.26 -19.76 -4.44
CA ASP E 302 14.98 -19.14 -4.14
C ASP E 302 14.49 -18.21 -5.23
N ASP E 303 15.25 -18.06 -6.32
CA ASP E 303 14.78 -17.24 -7.43
C ASP E 303 13.60 -17.91 -8.15
N PHE E 304 12.86 -17.11 -8.92
CA PHE E 304 11.68 -17.62 -9.61
C PHE E 304 12.06 -18.68 -10.64
N GLU E 305 11.20 -19.70 -10.77
CA GLU E 305 11.40 -20.80 -11.71
C GLU E 305 10.88 -20.39 -13.09
N THR E 306 11.67 -19.53 -13.75
CA THR E 306 11.19 -18.90 -14.98
C THR E 306 11.16 -19.87 -16.15
N ASN E 307 12.17 -20.73 -16.28
CA ASN E 307 12.19 -21.70 -17.36
C ASN E 307 11.02 -22.69 -17.24
N TRP E 308 10.73 -23.15 -16.02
CA TRP E 308 9.59 -24.03 -15.81
C TRP E 308 8.30 -23.33 -16.17
N LEU E 309 8.15 -22.05 -15.80
CA LEU E 309 6.94 -21.32 -16.15
C LEU E 309 6.79 -21.17 -17.66
N ILE E 310 7.91 -20.97 -18.37
CA ILE E 310 7.88 -20.88 -19.82
C ILE E 310 7.37 -22.18 -20.41
N ASP E 311 7.90 -23.30 -19.94
CA ASP E 311 7.47 -24.61 -20.42
C ASP E 311 5.97 -24.83 -20.17
N ARG E 312 5.54 -24.58 -18.94
CA ARG E 312 4.15 -24.74 -18.55
C ARG E 312 3.24 -23.88 -19.43
N ASN E 313 3.58 -22.60 -19.59
CA ASN E 313 2.74 -21.69 -20.36
C ASN E 313 2.61 -22.16 -21.81
N LEU E 314 3.74 -22.53 -22.42
CA LEU E 314 3.69 -22.99 -23.81
C LEU E 314 2.79 -24.22 -23.95
N GLN E 315 3.03 -25.25 -23.13
CA GLN E 315 2.26 -26.48 -23.26
C GLN E 315 0.78 -26.24 -22.99
N VAL E 316 0.47 -25.48 -21.93
CA VAL E 316 -0.92 -25.26 -21.56
C VAL E 316 -1.65 -24.44 -22.62
N SER E 317 -1.00 -23.39 -23.14
CA SER E 317 -1.65 -22.57 -24.17
C SER E 317 -1.95 -23.38 -25.41
N LEU E 318 -0.96 -24.14 -25.90
CA LEU E 318 -1.17 -24.91 -27.11
C LEU E 318 -2.25 -25.96 -26.92
N MET E 319 -2.30 -26.57 -25.73
CA MET E 319 -3.37 -27.54 -25.49
C MET E 319 -4.73 -26.84 -25.39
N ALA E 320 -4.79 -25.67 -24.76
CA ALA E 320 -6.06 -25.00 -24.56
C ALA E 320 -6.71 -24.60 -25.88
N VAL E 321 -5.91 -24.10 -26.82
CA VAL E 321 -6.47 -23.50 -28.03
C VAL E 321 -6.52 -24.46 -29.19
N ASP E 322 -5.89 -25.63 -29.09
CA ASP E 322 -5.91 -26.62 -30.15
C ASP E 322 -6.66 -27.88 -29.76
N GLU E 323 -6.21 -28.56 -28.70
CA GLU E 323 -6.87 -29.80 -28.31
C GLU E 323 -8.26 -29.53 -27.74
N MET E 324 -8.42 -28.43 -27.01
CA MET E 324 -9.66 -28.11 -26.32
C MET E 324 -10.44 -26.97 -26.99
N HIS E 325 -10.36 -26.84 -28.30
CA HIS E 325 -11.19 -25.87 -29.03
C HIS E 325 -12.51 -26.57 -29.36
N GLN E 326 -13.61 -26.03 -28.84
CA GLN E 326 -14.94 -26.61 -29.03
C GLN E 326 -14.94 -28.11 -28.77
N ASP E 327 -14.32 -28.51 -27.65
CA ASP E 327 -14.19 -29.93 -27.29
C ASP E 327 -14.73 -30.13 -25.87
N LEU E 328 -16.05 -30.18 -25.75
CA LEU E 328 -16.67 -30.14 -24.42
C LEU E 328 -17.14 -31.53 -23.99
N PRO E 329 -17.07 -31.83 -22.70
CA PRO E 329 -17.70 -33.07 -22.21
C PRO E 329 -19.20 -33.07 -22.43
N ILE E 330 -19.77 -34.28 -22.50
CA ILE E 330 -21.19 -34.43 -22.76
C ILE E 330 -22.00 -33.74 -21.66
N LEU E 331 -22.97 -32.93 -22.05
CA LEU E 331 -23.83 -32.27 -21.08
C LEU E 331 -24.73 -33.30 -20.42
N GLU E 332 -24.74 -33.34 -19.09
CA GLU E 332 -25.60 -34.29 -18.41
C GLU E 332 -26.09 -33.66 -17.11
N LYS E 333 -27.15 -34.24 -16.58
CA LYS E 333 -27.71 -33.78 -15.32
C LYS E 333 -26.77 -34.08 -14.15
N ASP E 334 -26.54 -33.08 -13.31
CA ASP E 334 -25.63 -33.23 -12.17
C ASP E 334 -26.33 -33.98 -11.03
N LEU E 335 -25.57 -34.20 -9.94
CA LEU E 335 -26.08 -34.97 -8.82
C LEU E 335 -27.25 -34.25 -8.13
N TYR E 336 -27.17 -32.92 -8.03
CA TYR E 336 -28.17 -32.14 -7.33
C TYR E 336 -29.39 -31.79 -8.19
N TRP E 337 -29.45 -32.30 -9.42
CA TRP E 337 -30.55 -31.95 -10.32
C TRP E 337 -31.88 -32.38 -9.70
N ASN E 338 -32.89 -31.53 -9.85
CA ASN E 338 -34.25 -31.84 -9.45
C ASN E 338 -35.17 -31.68 -10.65
N GLU E 339 -36.06 -32.65 -10.85
CA GLU E 339 -37.00 -32.57 -11.95
C GLU E 339 -38.10 -31.57 -11.62
N PRO E 340 -38.73 -30.96 -12.65
CA PRO E 340 -39.85 -30.04 -12.42
C PRO E 340 -41.06 -30.72 -11.78
CA CA F . 17.15 14.34 -9.27
CL CL G . -7.09 12.89 -16.23
N ABU H . 35.70 11.82 20.26
CD ABU H . 35.34 10.43 20.03
CB ABU H . 35.14 10.20 18.52
CG ABU H . 34.94 8.70 18.29
C ABU H . 34.40 8.47 16.87
O ABU H . 33.20 8.70 16.61
OXT ABU H . 35.16 8.03 15.97
N ABU I . 19.35 22.08 31.02
CD ABU I . 20.07 21.47 29.92
CB ABU I . 19.51 21.99 28.59
CG ABU I . 20.38 21.49 27.45
C ABU I . 19.68 21.70 26.11
O ABU I . 18.74 20.94 25.77
OXT ABU I . 20.04 22.63 25.34
CA CA J . -4.87 22.98 5.83
CL CL K . -19.98 6.60 -6.08
N ABU L . 7.41 6.73 41.52
CD ABU L . 7.78 7.69 40.49
CB ABU L . 6.55 8.07 39.67
CG ABU L . 6.92 9.19 38.71
C ABU L . 5.83 9.37 37.66
O ABU L . 5.72 8.55 36.71
OXT ABU L . 5.04 10.34 37.73
CA CA M . -16.95 0.36 17.27
CL CL N . -18.26 -10.86 -5.32
N ABU O . 16.38 -13.01 37.24
CD ABU O . 15.46 -11.89 37.13
CB ABU O . 14.17 -12.34 36.45
CG ABU O . 13.16 -11.20 36.50
C ABU O . 12.00 -11.48 35.56
O ABU O . 12.14 -11.35 34.31
OXT ABU O . 10.88 -11.85 36.01
CA CA P . -2.39 -22.24 9.23
CL CL Q . -4.32 -15.37 -15.00
CL CL R . 2.59 -0.69 -21.74
N ABU S . 33.86 -9.85 24.10
CD ABU S . 32.49 -10.18 24.47
CB ABU S . 31.84 -11.01 23.38
CG ABU S . 30.48 -11.49 23.87
C ABU S . 29.66 -12.04 22.71
O ABU S . 29.12 -11.24 21.89
OXT ABU S . 29.50 -13.27 22.56
CA CA T . 18.68 -13.61 -7.17
#